data_1YOV
#
_entry.id   1YOV
#
_cell.length_a   92.400
_cell.length_b   123.600
_cell.length_c   198.200
_cell.angle_alpha   90.00
_cell.angle_beta   90.00
_cell.angle_gamma   90.00
#
_symmetry.space_group_name_H-M   'P 21 21 21'
#
loop_
_entity.id
_entity.type
_entity.pdbx_description
1 polymer 'Amyloid protein-binding protein 1'
2 polymer 'Ubiquitin-activating enzyme E1C'
3 non-polymer 'ZINC ION'
4 water water
#
loop_
_entity_poly.entity_id
_entity_poly.type
_entity_poly.pdbx_seq_one_letter_code
_entity_poly.pdbx_strand_id
1 'polypeptide(L)'
;MKLMAQLGKLLKEQKYDRQLRLWGDHGQEALESAHVCLINATATGTEILKNLVLPGIGSFTIIDGNQVSGEDAGNNFFLQ
RSSIGKNRAEAAMEFLQELNSDVSGSFVEESPENLLDNDPSFFCRFTVVVATQLPESTSLRLADVLWNSQIPLLICRTYG
LVGYMRIIIKEHPVIESHPDNALEDLRLDKPFPELREHFQSYDLDHMEKKDHSHTPWIVIIAKYLAQWYSETNGRIPKTY
KEKEDFRDLIRQGILKNENGAPEDEENFEEAIKNVNTALNTTQIPSSIEDIFNDDRCINITKQTPSFWILARALKEFVAK
EGQGNLPVRGTIPDMIADSGKYIKLQNVYREKAKKDAAAVGNHVAKLLQSIGQAPESISEKELKLLCSNSAFLRVVRCRS
LAEEYGLDTINKDEIISSMDNPDNEIVLYLMLRAVDRFHKQQGRYPGVSNYQVEEDIGKLKSCLTGFLQEYGLSVMVKDD
YVHEFCRYGAAEPHTIAAFLGGAAAQEVIKIITKQFVIFNNTYIYSGMSQTSATFQL
;
A,C
2 'polypeptide(L)'
;GSMAVDGGCGDTGDWEGRWNHVKKFLERSGPFTHPDFEPSTESLQFLLDTCKVLVIGAGGLGCELLKNLALSGFRQIHVI
DMDTIDVSNLNRQFLFRPKDIGRPKAEVAAEFLNDRVPNCNVVPHFNKIQDFNDTFYRQFHIIVCGLDSIIARRWINGML
ISLLNYEDGVLDPSSIVPLIDGGTEGFKGNARVILPGMTACIECTLELYPPQVNFPMCTIASMPRLPEHCIEYVRMLQWP
KEQPFGEGVPLDGDDPEHIQWIFQKSLERASQYNIRGVTYRLTQGVVKRIIPAVASTNAVIAAVCATEVFKIATSAYIPL
NNYLVFNDVDGLYTYTFEAERKENCPACSQLPQNIQFSPSAKLQEVLDYLTNSASLQMKSPAITATLEGKNRTLYLQSVT
SIEERTRPNLSKTLKELGLVDGQELAVADVTTPQTVLFKLHFTS
;
B,D
#
loop_
_chem_comp.id
_chem_comp.type
_chem_comp.name
_chem_comp.formula
ZN non-polymer 'ZINC ION' 'Zn 2'
#
# COMPACT_ATOMS: atom_id res chain seq x y z
N LYS A 9 28.86 -17.11 -11.70
CA LYS A 9 29.98 -17.06 -10.72
C LYS A 9 29.88 -15.80 -9.85
N LEU A 10 29.80 -14.64 -10.49
CA LEU A 10 29.67 -13.40 -9.74
C LEU A 10 28.21 -13.29 -9.32
N LEU A 11 27.35 -13.88 -10.12
CA LEU A 11 25.92 -13.89 -9.85
C LEU A 11 25.72 -14.63 -8.54
N LYS A 12 26.33 -15.81 -8.44
CA LYS A 12 26.23 -16.64 -7.24
C LYS A 12 26.76 -15.96 -5.98
N GLU A 13 27.95 -15.37 -6.07
CA GLU A 13 28.55 -14.71 -4.93
C GLU A 13 27.57 -13.71 -4.34
N GLN A 14 26.86 -12.98 -5.19
CA GLN A 14 25.89 -11.98 -4.74
C GLN A 14 24.65 -12.65 -4.15
N LYS A 15 24.14 -13.64 -4.86
CA LYS A 15 22.96 -14.37 -4.43
C LYS A 15 23.15 -15.06 -3.08
N TYR A 16 24.30 -15.73 -2.92
CA TYR A 16 24.60 -16.48 -1.70
C TYR A 16 25.41 -15.76 -0.62
N ASP A 17 25.52 -14.44 -0.71
CA ASP A 17 26.28 -13.68 0.27
C ASP A 17 25.93 -13.91 1.76
N ARG A 18 24.65 -13.89 2.11
CA ARG A 18 24.23 -14.09 3.51
C ARG A 18 24.65 -15.44 4.10
N GLN A 19 24.75 -16.47 3.26
CA GLN A 19 25.14 -17.82 3.73
C GLN A 19 26.65 -18.09 3.57
N LEU A 20 27.29 -17.44 2.61
CA LEU A 20 28.72 -17.65 2.43
C LEU A 20 29.40 -17.20 3.70
N ARG A 21 28.77 -16.24 4.39
CA ARG A 21 29.29 -15.71 5.65
C ARG A 21 29.10 -16.72 6.77
N LEU A 22 28.59 -17.90 6.43
CA LEU A 22 28.36 -18.92 7.44
C LEU A 22 29.17 -20.17 7.23
N TRP A 23 29.28 -20.64 6.00
CA TRP A 23 30.04 -21.86 5.74
C TRP A 23 31.10 -21.65 4.67
N GLY A 24 31.30 -20.39 4.31
CA GLY A 24 32.29 -20.03 3.32
C GLY A 24 32.19 -20.61 1.92
N ASP A 25 33.13 -20.17 1.09
CA ASP A 25 33.21 -20.62 -0.30
C ASP A 25 33.39 -22.12 -0.34
N HIS A 26 34.10 -22.67 0.65
CA HIS A 26 34.31 -24.10 0.64
C HIS A 26 33.03 -24.88 0.96
N GLY A 27 32.22 -24.39 1.88
CA GLY A 27 30.98 -25.09 2.15
C GLY A 27 30.08 -24.99 0.93
N GLN A 28 30.02 -23.81 0.34
CA GLN A 28 29.20 -23.61 -0.85
C GLN A 28 29.60 -24.59 -1.93
N GLU A 29 30.91 -24.82 -2.05
CA GLU A 29 31.46 -25.74 -3.04
C GLU A 29 30.97 -27.13 -2.74
N ALA A 30 31.11 -27.55 -1.48
CA ALA A 30 30.66 -28.87 -1.08
C ALA A 30 29.16 -29.00 -1.37
N LEU A 31 28.43 -27.91 -1.14
CA LEU A 31 27.01 -27.92 -1.37
C LEU A 31 26.63 -28.03 -2.85
N GLU A 32 27.31 -27.28 -3.69
CA GLU A 32 27.02 -27.28 -5.12
C GLU A 32 27.43 -28.55 -5.85
N SER A 33 28.22 -29.40 -5.20
CA SER A 33 28.68 -30.64 -5.80
C SER A 33 27.86 -31.83 -5.36
N ALA A 34 26.98 -31.62 -4.39
CA ALA A 34 26.17 -32.72 -3.85
C ALA A 34 24.91 -33.01 -4.65
N HIS A 35 24.39 -34.22 -4.44
CA HIS A 35 23.19 -34.71 -5.08
C HIS A 35 22.38 -35.39 -3.99
N VAL A 36 21.26 -34.78 -3.61
CA VAL A 36 20.45 -35.35 -2.57
C VAL A 36 19.26 -36.07 -3.18
N CYS A 37 18.76 -37.03 -2.44
CA CYS A 37 17.61 -37.78 -2.89
C CYS A 37 16.50 -37.63 -1.86
N LEU A 38 15.31 -37.30 -2.34
CA LEU A 38 14.15 -37.18 -1.48
C LEU A 38 13.22 -38.34 -1.83
N ILE A 39 12.66 -38.99 -0.81
CA ILE A 39 11.75 -40.08 -1.11
C ILE A 39 10.36 -39.51 -1.44
N ASN A 40 9.47 -39.36 -0.46
CA ASN A 40 8.13 -38.86 -0.82
C ASN A 40 8.00 -37.34 -0.86
N ALA A 41 7.20 -36.82 -1.80
CA ALA A 41 7.02 -35.36 -1.92
C ALA A 41 5.81 -34.78 -1.21
N THR A 42 5.60 -35.19 0.03
CA THR A 42 4.51 -34.65 0.82
C THR A 42 4.98 -33.28 1.32
N ALA A 43 4.23 -32.66 2.22
CA ALA A 43 4.61 -31.36 2.72
C ALA A 43 5.97 -31.41 3.41
N THR A 44 6.21 -32.47 4.19
CA THR A 44 7.47 -32.63 4.88
C THR A 44 8.66 -32.65 3.92
N GLY A 45 8.54 -33.41 2.85
CA GLY A 45 9.60 -33.50 1.88
C GLY A 45 9.82 -32.27 1.03
N THR A 46 8.76 -31.59 0.61
CA THR A 46 8.97 -30.40 -0.22
C THR A 46 9.53 -29.28 0.64
N GLU A 47 9.18 -29.28 1.92
CA GLU A 47 9.70 -28.25 2.84
C GLU A 47 11.22 -28.46 3.08
N ILE A 48 11.62 -29.71 3.30
CA ILE A 48 13.04 -30.00 3.48
C ILE A 48 13.79 -29.64 2.21
N LEU A 49 13.25 -30.07 1.08
CA LEU A 49 13.89 -29.85 -0.20
C LEU A 49 13.99 -28.37 -0.55
N LYS A 50 12.93 -27.63 -0.32
CA LYS A 50 12.97 -26.21 -0.63
C LYS A 50 14.15 -25.55 0.10
N ASN A 51 14.43 -25.99 1.33
CA ASN A 51 15.53 -25.41 2.13
C ASN A 51 16.91 -25.86 1.65
N LEU A 52 16.92 -26.80 0.71
CA LEU A 52 18.16 -27.29 0.12
C LEU A 52 18.38 -26.63 -1.25
N VAL A 53 17.30 -26.43 -1.99
CA VAL A 53 17.40 -25.82 -3.31
C VAL A 53 17.75 -24.33 -3.19
N LEU A 54 17.06 -23.60 -2.32
CA LEU A 54 17.33 -22.19 -2.16
C LEU A 54 18.83 -21.88 -1.97
N PRO A 55 19.48 -22.51 -0.97
CA PRO A 55 20.91 -22.25 -0.75
C PRO A 55 21.78 -22.79 -1.91
N GLY A 56 21.20 -23.66 -2.74
CA GLY A 56 21.90 -24.16 -3.91
C GLY A 56 22.51 -25.53 -3.98
N ILE A 57 21.81 -26.57 -3.52
CA ILE A 57 22.41 -27.89 -3.61
C ILE A 57 22.62 -28.18 -5.08
N GLY A 58 23.71 -28.86 -5.40
CA GLY A 58 24.02 -29.18 -6.78
C GLY A 58 22.85 -29.71 -7.59
N SER A 59 22.20 -30.74 -7.07
CA SER A 59 21.07 -31.33 -7.77
C SER A 59 20.26 -32.22 -6.83
N PHE A 60 19.03 -32.52 -7.21
CA PHE A 60 18.17 -33.37 -6.39
C PHE A 60 17.30 -34.28 -7.26
N THR A 61 16.81 -35.37 -6.67
CA THR A 61 15.93 -36.29 -7.36
C THR A 61 14.82 -36.73 -6.41
N ILE A 62 13.58 -36.42 -6.77
CA ILE A 62 12.45 -36.82 -5.95
C ILE A 62 12.06 -38.23 -6.36
N ILE A 63 11.66 -39.05 -5.39
CA ILE A 63 11.24 -40.41 -5.68
C ILE A 63 9.93 -40.68 -4.96
N ASP A 64 8.82 -40.45 -5.64
CA ASP A 64 7.50 -40.66 -5.07
C ASP A 64 6.75 -41.57 -6.05
N GLY A 65 6.03 -42.56 -5.55
CA GLY A 65 5.31 -43.43 -6.46
C GLY A 65 3.81 -43.29 -6.34
N ASN A 66 3.37 -42.20 -5.74
CA ASN A 66 1.97 -41.93 -5.51
C ASN A 66 1.46 -40.77 -6.35
N GLN A 67 0.16 -40.53 -6.26
CA GLN A 67 -0.44 -39.44 -6.99
C GLN A 67 -0.97 -38.38 -6.04
N VAL A 68 -1.06 -37.15 -6.53
CA VAL A 68 -1.54 -36.03 -5.73
C VAL A 68 -2.99 -36.20 -5.32
N SER A 69 -3.29 -35.90 -4.06
CA SER A 69 -4.64 -36.02 -3.54
C SER A 69 -5.12 -34.64 -3.16
N GLY A 70 -6.43 -34.50 -2.99
CA GLY A 70 -6.99 -33.22 -2.62
C GLY A 70 -6.30 -32.66 -1.40
N GLU A 71 -5.93 -33.51 -0.45
CA GLU A 71 -5.28 -33.03 0.75
C GLU A 71 -3.81 -32.69 0.52
N ASP A 72 -3.13 -33.43 -0.36
CA ASP A 72 -1.73 -33.13 -0.68
C ASP A 72 -1.73 -31.72 -1.24
N ALA A 73 -2.62 -31.45 -2.19
CA ALA A 73 -2.69 -30.13 -2.79
C ALA A 73 -3.04 -29.04 -1.78
N GLY A 74 -3.71 -29.42 -0.69
CA GLY A 74 -4.11 -28.47 0.32
C GLY A 74 -3.11 -28.08 1.39
N ASN A 75 -2.10 -28.93 1.64
CA ASN A 75 -1.11 -28.61 2.67
C ASN A 75 0.31 -28.46 2.14
N ASN A 76 0.46 -28.43 0.82
CA ASN A 76 1.79 -28.33 0.21
C ASN A 76 1.96 -27.11 -0.69
N PHE A 77 2.98 -26.30 -0.40
CA PHE A 77 3.23 -25.08 -1.19
C PHE A 77 3.80 -25.37 -2.57
N PHE A 78 4.11 -26.63 -2.84
CA PHE A 78 4.67 -27.01 -4.13
C PHE A 78 3.82 -28.04 -4.88
N LEU A 79 2.53 -27.91 -4.70
CA LEU A 79 1.54 -28.76 -5.37
C LEU A 79 0.29 -27.91 -5.52
N GLN A 80 -0.26 -27.85 -6.71
CA GLN A 80 -1.46 -27.06 -6.88
C GLN A 80 -2.69 -27.92 -7.09
N ARG A 81 -3.85 -27.28 -7.06
CA ARG A 81 -5.12 -27.96 -7.27
C ARG A 81 -5.04 -28.68 -8.62
N SER A 82 -4.41 -28.01 -9.58
CA SER A 82 -4.27 -28.54 -10.93
C SER A 82 -3.45 -29.82 -11.02
N SER A 83 -2.68 -30.11 -9.98
CA SER A 83 -1.86 -31.31 -10.01
C SER A 83 -2.56 -32.47 -9.35
N ILE A 84 -3.78 -32.24 -8.86
CA ILE A 84 -4.53 -33.30 -8.21
C ILE A 84 -4.72 -34.42 -9.22
N GLY A 85 -4.25 -35.61 -8.89
CA GLY A 85 -4.38 -36.73 -9.80
C GLY A 85 -3.10 -37.14 -10.50
N LYS A 86 -2.21 -36.18 -10.72
CA LYS A 86 -0.93 -36.46 -11.37
C LYS A 86 0.12 -37.02 -10.41
N ASN A 87 1.27 -37.40 -10.94
CA ASN A 87 2.36 -37.95 -10.12
C ASN A 87 2.90 -36.86 -9.18
N ARG A 88 2.99 -37.20 -7.89
CA ARG A 88 3.45 -36.25 -6.90
C ARG A 88 4.90 -35.83 -7.10
N ALA A 89 5.77 -36.78 -7.43
CA ALA A 89 7.18 -36.46 -7.62
C ALA A 89 7.34 -35.51 -8.80
N GLU A 90 6.70 -35.85 -9.90
CA GLU A 90 6.75 -35.05 -11.11
C GLU A 90 6.27 -33.63 -10.87
N ALA A 91 5.10 -33.51 -10.24
CA ALA A 91 4.51 -32.21 -9.97
C ALA A 91 5.26 -31.39 -8.93
N ALA A 92 5.87 -32.05 -7.95
CA ALA A 92 6.62 -31.32 -6.94
C ALA A 92 7.86 -30.70 -7.57
N MET A 93 8.57 -31.49 -8.38
CA MET A 93 9.78 -31.01 -9.03
C MET A 93 9.52 -29.79 -9.89
N GLU A 94 8.37 -29.76 -10.56
CA GLU A 94 8.01 -28.64 -11.40
C GLU A 94 8.12 -27.34 -10.61
N PHE A 95 7.50 -27.33 -9.43
CA PHE A 95 7.51 -26.14 -8.59
C PHE A 95 8.80 -25.92 -7.79
N LEU A 96 9.46 -27.00 -7.37
CA LEU A 96 10.70 -26.85 -6.63
C LEU A 96 11.81 -26.36 -7.53
N GLN A 97 11.80 -26.83 -8.78
CA GLN A 97 12.81 -26.41 -9.73
C GLN A 97 12.74 -24.90 -9.96
N GLU A 98 11.54 -24.35 -9.85
CA GLU A 98 11.32 -22.91 -10.04
C GLU A 98 12.07 -22.09 -8.99
N LEU A 99 12.41 -22.72 -7.88
CA LEU A 99 13.08 -22.00 -6.80
C LEU A 99 14.48 -21.50 -7.12
N ASN A 100 15.27 -22.30 -7.83
CA ASN A 100 16.64 -21.92 -8.14
C ASN A 100 17.08 -22.58 -9.46
N SER A 101 17.45 -21.77 -10.44
CA SER A 101 17.85 -22.31 -11.74
C SER A 101 19.22 -22.96 -11.71
N ASP A 102 20.00 -22.67 -10.68
CA ASP A 102 21.32 -23.26 -10.57
C ASP A 102 21.26 -24.67 -10.05
N VAL A 103 20.07 -25.14 -9.69
CA VAL A 103 19.88 -26.48 -9.16
C VAL A 103 19.19 -27.35 -10.21
N SER A 104 19.75 -28.51 -10.49
CA SER A 104 19.15 -29.38 -11.48
C SER A 104 18.28 -30.44 -10.81
N GLY A 105 16.97 -30.32 -11.00
CA GLY A 105 16.05 -31.27 -10.39
C GLY A 105 15.78 -32.48 -11.25
N SER A 106 15.10 -33.47 -10.69
CA SER A 106 14.78 -34.69 -11.41
C SER A 106 13.86 -35.55 -10.57
N PHE A 107 13.36 -36.64 -11.15
CA PHE A 107 12.47 -37.53 -10.42
C PHE A 107 12.35 -38.91 -11.02
N VAL A 108 11.55 -39.73 -10.35
CA VAL A 108 11.28 -41.11 -10.75
C VAL A 108 9.89 -41.41 -10.25
N GLU A 109 8.95 -41.63 -11.17
CA GLU A 109 7.56 -41.90 -10.80
C GLU A 109 7.40 -43.28 -10.17
N GLU A 110 8.44 -43.74 -9.49
CA GLU A 110 8.42 -45.02 -8.82
C GLU A 110 8.48 -44.84 -7.31
N SER A 111 8.22 -45.91 -6.55
CA SER A 111 8.25 -45.85 -5.10
C SER A 111 9.51 -46.50 -4.56
N PRO A 112 9.81 -46.26 -3.27
CA PRO A 112 11.01 -46.84 -2.65
C PRO A 112 11.05 -48.37 -2.67
N GLU A 113 9.93 -49.02 -2.38
CA GLU A 113 9.90 -50.48 -2.40
C GLU A 113 10.31 -51.00 -3.76
N ASN A 114 9.57 -50.60 -4.79
CA ASN A 114 9.87 -51.03 -6.16
C ASN A 114 11.36 -50.86 -6.48
N LEU A 115 11.92 -49.69 -6.20
CA LEU A 115 13.33 -49.45 -6.47
C LEU A 115 14.21 -50.40 -5.65
N LEU A 116 13.81 -50.67 -4.41
CA LEU A 116 14.56 -51.58 -3.56
C LEU A 116 14.51 -53.00 -4.13
N ASP A 117 13.42 -53.31 -4.82
CA ASP A 117 13.24 -54.62 -5.44
C ASP A 117 14.20 -54.80 -6.61
N ASN A 118 14.11 -53.89 -7.57
CA ASN A 118 14.94 -53.95 -8.77
C ASN A 118 16.38 -53.45 -8.62
N ASP A 119 16.55 -52.14 -8.66
CA ASP A 119 17.89 -51.54 -8.57
C ASP A 119 18.21 -50.86 -7.25
N PRO A 120 18.67 -51.64 -6.24
CA PRO A 120 19.01 -51.09 -4.93
C PRO A 120 20.20 -50.13 -5.03
N SER A 121 21.21 -50.54 -5.80
CA SER A 121 22.40 -49.73 -5.98
C SER A 121 22.05 -48.36 -6.56
N PHE A 122 20.76 -48.14 -6.79
CA PHE A 122 20.32 -46.87 -7.35
C PHE A 122 20.66 -45.70 -6.42
N PHE A 123 20.38 -45.88 -5.13
CA PHE A 123 20.64 -44.84 -4.15
C PHE A 123 22.13 -44.53 -3.94
N CYS A 124 23.00 -45.33 -4.55
CA CYS A 124 24.44 -45.12 -4.38
C CYS A 124 24.92 -43.92 -5.17
N ARG A 125 24.01 -43.29 -5.91
CA ARG A 125 24.39 -42.13 -6.69
C ARG A 125 24.15 -40.83 -5.95
N PHE A 126 23.87 -40.91 -4.65
CA PHE A 126 23.60 -39.71 -3.87
C PHE A 126 24.55 -39.40 -2.72
N THR A 127 24.70 -38.11 -2.43
CA THR A 127 25.54 -37.68 -1.33
C THR A 127 24.81 -38.03 -0.03
N VAL A 128 23.51 -37.79 -0.04
CA VAL A 128 22.66 -38.05 1.12
C VAL A 128 21.26 -38.39 0.63
N VAL A 129 20.54 -39.19 1.41
CA VAL A 129 19.19 -39.58 1.07
C VAL A 129 18.26 -39.15 2.19
N VAL A 130 17.19 -38.46 1.82
CA VAL A 130 16.20 -38.01 2.79
C VAL A 130 14.90 -38.76 2.57
N ALA A 131 14.52 -39.62 3.51
CA ALA A 131 13.27 -40.37 3.41
C ALA A 131 12.22 -39.76 4.32
N THR A 132 11.03 -39.49 3.78
CA THR A 132 9.97 -38.90 4.59
C THR A 132 8.69 -39.74 4.51
N GLN A 133 7.85 -39.62 5.51
CA GLN A 133 6.57 -40.34 5.59
C GLN A 133 6.61 -41.85 5.24
N LEU A 134 7.68 -42.55 5.62
CA LEU A 134 7.79 -43.98 5.34
C LEU A 134 7.27 -44.89 6.46
N PRO A 135 6.60 -46.00 6.08
CA PRO A 135 6.10 -46.93 7.09
C PRO A 135 7.31 -47.74 7.59
N GLU A 136 7.20 -48.25 8.82
CA GLU A 136 8.27 -49.02 9.45
C GLU A 136 9.06 -49.95 8.55
N SER A 137 8.37 -50.88 7.89
CA SER A 137 9.01 -51.86 7.01
C SER A 137 9.86 -51.27 5.88
N THR A 138 9.34 -50.29 5.15
CA THR A 138 10.12 -49.68 4.07
C THR A 138 11.37 -48.99 4.63
N SER A 139 11.22 -48.38 5.81
CA SER A 139 12.33 -47.68 6.45
C SER A 139 13.47 -48.62 6.77
N LEU A 140 13.16 -49.71 7.46
CA LEU A 140 14.19 -50.71 7.80
C LEU A 140 14.83 -51.30 6.54
N ARG A 141 14.01 -51.62 5.54
CA ARG A 141 14.55 -52.18 4.32
C ARG A 141 15.55 -51.21 3.70
N LEU A 142 15.14 -49.95 3.59
CA LEU A 142 16.01 -48.94 3.01
C LEU A 142 17.23 -48.68 3.90
N ALA A 143 17.04 -48.67 5.21
CA ALA A 143 18.15 -48.42 6.13
C ALA A 143 19.30 -49.40 5.94
N ASP A 144 18.95 -50.69 5.86
CA ASP A 144 19.95 -51.75 5.68
C ASP A 144 20.81 -51.57 4.43
N VAL A 145 20.15 -51.25 3.33
CA VAL A 145 20.84 -51.06 2.05
C VAL A 145 21.83 -49.89 2.08
N LEU A 146 21.36 -48.75 2.58
CA LEU A 146 22.18 -47.55 2.62
C LEU A 146 23.34 -47.69 3.60
N TRP A 147 23.10 -48.42 4.68
CA TRP A 147 24.12 -48.63 5.70
C TRP A 147 25.30 -49.41 5.13
N ASN A 148 25.01 -50.54 4.47
CA ASN A 148 26.07 -51.35 3.88
C ASN A 148 26.75 -50.61 2.72
N SER A 149 26.02 -49.67 2.13
CA SER A 149 26.56 -48.88 1.03
C SER A 149 27.27 -47.65 1.57
N GLN A 150 27.12 -47.44 2.88
CA GLN A 150 27.73 -46.29 3.53
C GLN A 150 27.13 -44.98 3.01
N ILE A 151 25.85 -45.01 2.64
CA ILE A 151 25.20 -43.80 2.14
C ILE A 151 24.45 -43.15 3.30
N PRO A 152 24.73 -41.87 3.57
CA PRO A 152 24.07 -41.15 4.67
C PRO A 152 22.56 -41.10 4.49
N LEU A 153 21.84 -41.33 5.58
CA LEU A 153 20.39 -41.33 5.56
C LEU A 153 19.72 -40.55 6.69
N LEU A 154 18.66 -39.82 6.35
CA LEU A 154 17.89 -39.06 7.32
C LEU A 154 16.43 -39.45 7.14
N ILE A 155 15.80 -39.93 8.21
CA ILE A 155 14.41 -40.36 8.15
C ILE A 155 13.56 -39.31 8.84
N CYS A 156 12.53 -38.81 8.17
CA CYS A 156 11.68 -37.79 8.77
C CYS A 156 10.21 -38.09 8.65
N ARG A 157 9.51 -37.99 9.77
CA ARG A 157 8.08 -38.21 9.77
C ARG A 157 7.35 -37.11 10.51
N THR A 158 6.26 -36.65 9.91
CA THR A 158 5.39 -35.67 10.53
C THR A 158 4.14 -36.49 10.79
N TYR A 159 3.60 -36.38 12.00
CA TYR A 159 2.40 -37.11 12.36
C TYR A 159 1.61 -36.23 13.31
N GLY A 160 0.56 -35.59 12.83
CA GLY A 160 -0.18 -34.72 13.71
C GLY A 160 0.75 -33.58 14.08
N LEU A 161 0.77 -33.22 15.37
CA LEU A 161 1.62 -32.13 15.84
C LEU A 161 3.01 -32.57 16.26
N VAL A 162 3.38 -33.80 15.93
CA VAL A 162 4.67 -34.34 16.28
C VAL A 162 5.62 -34.43 15.09
N GLY A 163 6.86 -34.02 15.31
CA GLY A 163 7.87 -34.08 14.26
C GLY A 163 8.91 -35.08 14.73
N TYR A 164 9.43 -35.88 13.81
CA TYR A 164 10.41 -36.89 14.18
C TYR A 164 11.52 -36.87 13.16
N MET A 165 12.74 -37.11 13.60
CA MET A 165 13.86 -37.06 12.69
C MET A 165 14.94 -37.97 13.27
N ARG A 166 15.44 -38.87 12.42
CA ARG A 166 16.47 -39.84 12.81
C ARG A 166 17.58 -39.82 11.77
N ILE A 167 18.81 -39.61 12.19
CA ILE A 167 19.94 -39.58 11.25
C ILE A 167 20.80 -40.84 11.42
N ILE A 168 21.28 -41.36 10.28
CA ILE A 168 22.09 -42.57 10.28
C ILE A 168 23.29 -42.41 9.37
N ILE A 169 24.46 -42.32 10.00
CA ILE A 169 25.74 -42.16 9.33
C ILE A 169 26.71 -42.97 10.19
N LYS A 170 27.39 -43.94 9.59
CA LYS A 170 28.33 -44.77 10.35
C LYS A 170 29.33 -43.89 11.12
N GLU A 171 30.12 -43.11 10.39
CA GLU A 171 31.06 -42.21 11.03
C GLU A 171 31.10 -40.84 10.38
N HIS A 172 30.88 -39.81 11.18
CA HIS A 172 30.90 -38.46 10.66
C HIS A 172 31.82 -37.58 11.50
N PRO A 173 33.08 -37.44 11.07
CA PRO A 173 34.07 -36.63 11.77
C PRO A 173 34.07 -35.23 11.21
N VAL A 174 34.42 -34.25 12.05
CA VAL A 174 34.43 -32.88 11.60
C VAL A 174 35.52 -32.10 12.31
N ILE A 175 36.11 -31.17 11.57
CA ILE A 175 37.19 -30.33 12.07
C ILE A 175 36.62 -28.98 12.44
N GLU A 176 36.07 -28.32 11.44
CA GLU A 176 35.48 -27.00 11.56
C GLU A 176 34.09 -27.10 12.19
N SER A 177 34.01 -27.28 13.51
CA SER A 177 32.71 -27.42 14.18
C SER A 177 31.97 -26.13 14.56
N HIS A 178 32.60 -24.98 14.39
CA HIS A 178 31.97 -23.69 14.69
C HIS A 178 31.43 -23.50 16.10
N PRO A 179 32.23 -23.82 17.13
CA PRO A 179 31.79 -23.68 18.51
C PRO A 179 31.32 -22.27 18.84
N ASP A 180 30.26 -22.18 19.64
CA ASP A 180 29.72 -20.90 20.09
C ASP A 180 30.38 -20.59 21.44
N ASN A 181 30.76 -19.35 21.67
CA ASN A 181 31.39 -18.98 22.94
C ASN A 181 32.40 -19.97 23.54
N ALA A 182 33.46 -20.26 22.79
CA ALA A 182 34.51 -21.16 23.28
C ALA A 182 35.48 -20.30 24.09
N LEU A 183 36.28 -20.93 24.94
CA LEU A 183 37.25 -20.19 25.73
C LEU A 183 38.41 -19.78 24.82
N GLU A 184 38.82 -18.52 24.91
CA GLU A 184 39.94 -18.03 24.10
C GLU A 184 41.19 -18.76 24.57
N ASP A 185 42.10 -19.05 23.64
CA ASP A 185 43.34 -19.75 23.97
C ASP A 185 44.45 -18.71 24.31
N LEU A 186 44.30 -18.09 25.47
CA LEU A 186 45.20 -17.06 25.95
C LEU A 186 46.56 -17.54 26.49
N ARG A 187 46.65 -18.79 26.91
CA ARG A 187 47.88 -19.36 27.43
C ARG A 187 48.48 -18.58 28.61
N LEU A 188 47.65 -17.90 29.41
CA LEU A 188 48.15 -17.17 30.56
C LEU A 188 48.61 -18.14 31.64
N ASP A 189 48.10 -19.36 31.61
CA ASP A 189 48.49 -20.36 32.58
C ASP A 189 49.71 -21.18 32.15
N LYS A 190 49.92 -21.31 30.85
CA LYS A 190 51.08 -22.06 30.37
C LYS A 190 51.73 -21.28 29.22
N PRO A 191 52.18 -20.04 29.50
CA PRO A 191 52.81 -19.14 28.54
C PRO A 191 54.00 -19.73 27.83
N PHE A 192 54.02 -19.59 26.51
CA PHE A 192 55.15 -20.07 25.72
C PHE A 192 56.24 -19.00 25.80
N PRO A 193 57.48 -19.36 25.45
CA PRO A 193 58.61 -18.43 25.49
C PRO A 193 58.39 -16.99 24.98
N GLU A 194 57.99 -16.87 23.71
CA GLU A 194 57.78 -15.56 23.10
C GLU A 194 56.76 -14.71 23.85
N LEU A 195 55.77 -15.36 24.45
CA LEU A 195 54.74 -14.65 25.19
C LEU A 195 55.28 -14.21 26.55
N ARG A 196 56.19 -15.00 27.11
CA ARG A 196 56.79 -14.64 28.39
C ARG A 196 57.62 -13.41 28.09
N GLU A 197 58.46 -13.51 27.06
CA GLU A 197 59.31 -12.40 26.66
C GLU A 197 58.48 -11.14 26.51
N HIS A 198 57.40 -11.23 25.72
CA HIS A 198 56.55 -10.08 25.48
C HIS A 198 56.02 -9.41 26.75
N PHE A 199 55.53 -10.21 27.69
CA PHE A 199 55.01 -9.64 28.94
C PHE A 199 56.07 -8.92 29.76
N GLN A 200 57.28 -9.46 29.80
CA GLN A 200 58.37 -8.83 30.55
C GLN A 200 58.60 -7.42 30.03
N SER A 201 58.55 -7.27 28.71
CA SER A 201 58.77 -5.98 28.05
C SER A 201 57.90 -4.88 28.62
N TYR A 202 56.91 -5.26 29.43
CA TYR A 202 56.03 -4.28 30.03
C TYR A 202 56.39 -3.97 31.46
N ASP A 203 56.31 -2.69 31.80
CA ASP A 203 56.61 -2.24 33.16
C ASP A 203 55.48 -1.30 33.56
N LEU A 204 54.42 -1.85 34.12
CA LEU A 204 53.27 -1.06 34.53
C LEU A 204 53.60 -0.01 35.58
N ASP A 205 54.43 -0.37 36.55
CA ASP A 205 54.82 0.55 37.61
C ASP A 205 55.44 1.84 37.06
N HIS A 206 56.52 1.70 36.30
CA HIS A 206 57.21 2.84 35.69
C HIS A 206 56.77 2.90 34.24
N MET A 207 55.84 3.79 33.93
CA MET A 207 55.32 3.90 32.57
C MET A 207 54.39 5.09 32.52
N GLU A 208 54.39 5.82 31.41
CA GLU A 208 53.50 6.98 31.29
C GLU A 208 52.08 6.53 31.61
N LYS A 209 51.18 7.48 31.79
CA LYS A 209 49.80 7.14 32.12
C LYS A 209 48.94 6.69 30.94
N LYS A 210 49.06 7.39 29.82
CA LYS A 210 48.28 7.04 28.63
C LYS A 210 48.54 5.61 28.19
N ASP A 211 49.78 5.15 28.32
CA ASP A 211 50.13 3.79 27.94
C ASP A 211 49.63 2.80 28.98
N HIS A 212 49.57 3.25 30.22
CA HIS A 212 49.10 2.45 31.35
C HIS A 212 47.64 2.09 31.14
N SER A 213 46.85 3.11 30.81
CA SER A 213 45.43 2.93 30.58
C SER A 213 45.11 2.36 29.20
N HIS A 214 46.14 2.12 28.38
CA HIS A 214 45.92 1.57 27.06
C HIS A 214 46.70 0.30 26.83
N THR A 215 46.89 -0.45 27.91
CA THR A 215 47.59 -1.71 27.84
C THR A 215 46.56 -2.84 27.75
N PRO A 216 46.75 -3.77 26.82
CA PRO A 216 45.82 -4.89 26.68
C PRO A 216 45.58 -5.55 28.03
N TRP A 217 44.33 -5.90 28.33
CA TRP A 217 44.01 -6.53 29.62
C TRP A 217 44.74 -7.84 29.81
N ILE A 218 45.14 -8.48 28.72
CA ILE A 218 45.88 -9.73 28.85
C ILE A 218 47.22 -9.40 29.51
N VAL A 219 47.81 -8.27 29.15
CA VAL A 219 49.07 -7.83 29.72
C VAL A 219 48.84 -7.58 31.21
N ILE A 220 47.82 -6.77 31.50
CA ILE A 220 47.46 -6.43 32.88
C ILE A 220 47.36 -7.70 33.73
N ILE A 221 46.40 -8.56 33.39
CA ILE A 221 46.26 -9.80 34.14
C ILE A 221 47.59 -10.55 34.17
N ALA A 222 48.34 -10.53 33.08
CA ALA A 222 49.62 -11.22 33.06
C ALA A 222 50.51 -10.61 34.14
N LYS A 223 50.62 -9.30 34.11
CA LYS A 223 51.42 -8.58 35.09
C LYS A 223 51.10 -9.10 36.48
N TYR A 224 49.87 -8.87 36.93
CA TYR A 224 49.43 -9.28 38.26
C TYR A 224 49.43 -10.76 38.59
N LEU A 225 49.35 -11.63 37.60
CA LEU A 225 49.35 -13.07 37.88
C LEU A 225 50.73 -13.56 38.30
N ALA A 226 51.78 -12.81 37.93
CA ALA A 226 53.15 -13.20 38.27
C ALA A 226 53.47 -12.72 39.67
N GLN A 227 52.85 -11.62 40.08
CA GLN A 227 53.04 -11.06 41.40
C GLN A 227 52.42 -12.01 42.40
N TRP A 228 51.13 -12.29 42.19
CA TRP A 228 50.36 -13.20 43.02
C TRP A 228 51.01 -14.59 43.03
N TYR A 229 51.77 -14.91 41.99
CA TYR A 229 52.41 -16.21 41.87
C TYR A 229 53.77 -16.33 42.59
N SER A 230 54.58 -15.29 42.51
CA SER A 230 55.90 -15.32 43.13
C SER A 230 55.79 -15.20 44.65
N GLU A 231 54.58 -14.95 45.14
CA GLU A 231 54.35 -14.83 46.57
C GLU A 231 53.76 -16.13 47.07
N THR A 232 52.45 -16.27 47.00
CA THR A 232 51.77 -17.48 47.44
C THR A 232 52.30 -18.72 46.74
N ASN A 233 52.19 -18.71 45.41
CA ASN A 233 52.61 -19.79 44.50
C ASN A 233 51.39 -20.50 43.91
N GLY A 234 50.21 -19.98 44.24
CA GLY A 234 48.97 -20.56 43.74
C GLY A 234 48.62 -20.06 42.36
N ARG A 235 47.61 -20.65 41.74
CA ARG A 235 47.20 -20.26 40.40
C ARG A 235 45.87 -19.52 40.34
N ILE A 236 45.15 -19.51 41.45
CA ILE A 236 43.85 -18.81 41.56
C ILE A 236 42.64 -19.48 40.91
N PRO A 237 42.21 -20.65 41.44
CA PRO A 237 41.05 -21.34 40.85
C PRO A 237 39.81 -21.36 41.74
N LYS A 238 39.86 -20.68 42.88
CA LYS A 238 38.72 -20.66 43.80
C LYS A 238 37.85 -19.41 43.62
N THR A 239 36.94 -19.52 42.66
CA THR A 239 36.02 -18.49 42.18
C THR A 239 35.65 -17.23 42.98
N TYR A 240 35.03 -17.34 44.15
CA TYR A 240 34.68 -16.11 44.87
C TYR A 240 35.59 -15.75 46.03
N LYS A 241 36.82 -16.25 45.96
CA LYS A 241 37.81 -15.93 46.98
C LYS A 241 39.13 -15.60 46.30
N GLU A 242 39.90 -16.60 45.91
CA GLU A 242 41.17 -16.35 45.25
C GLU A 242 40.95 -15.42 44.05
N LYS A 243 40.03 -15.80 43.16
CA LYS A 243 39.74 -14.98 41.99
C LYS A 243 39.19 -13.61 42.35
N GLU A 244 38.50 -13.51 43.48
CA GLU A 244 37.92 -12.24 43.88
C GLU A 244 38.95 -11.31 44.51
N ASP A 245 39.93 -11.90 45.18
CA ASP A 245 41.02 -11.14 45.80
C ASP A 245 41.89 -10.66 44.65
N PHE A 246 42.09 -11.54 43.68
CA PHE A 246 42.89 -11.24 42.52
C PHE A 246 42.29 -10.03 41.81
N ARG A 247 40.98 -10.01 41.63
CA ARG A 247 40.32 -8.89 40.97
C ARG A 247 40.62 -7.63 41.75
N ASP A 248 40.78 -7.77 43.07
CA ASP A 248 41.09 -6.62 43.89
C ASP A 248 42.54 -6.23 43.67
N LEU A 249 43.42 -7.21 43.65
CA LEU A 249 44.83 -6.94 43.41
C LEU A 249 44.93 -6.08 42.16
N ILE A 250 44.19 -6.48 41.12
CA ILE A 250 44.18 -5.74 39.86
C ILE A 250 43.56 -4.36 40.04
N ARG A 251 42.45 -4.28 40.77
CA ARG A 251 41.77 -3.00 40.98
C ARG A 251 42.59 -1.98 41.79
N GLN A 252 43.65 -2.43 42.43
CA GLN A 252 44.51 -1.56 43.22
C GLN A 252 45.67 -1.00 42.42
N GLY A 253 45.79 -1.43 41.17
CA GLY A 253 46.83 -0.95 40.30
C GLY A 253 46.35 0.24 39.50
N ILE A 254 45.04 0.49 39.55
CA ILE A 254 44.45 1.61 38.84
C ILE A 254 44.94 2.95 39.38
N LEU A 255 45.74 3.64 38.57
CA LEU A 255 46.29 4.95 38.93
C LEU A 255 45.27 5.86 39.61
N LYS A 256 45.75 6.72 40.51
CA LYS A 256 44.88 7.65 41.21
C LYS A 256 45.04 9.05 40.61
N ASN A 257 43.96 9.82 40.60
CA ASN A 257 44.02 11.17 40.05
C ASN A 257 44.62 12.16 41.03
N GLU A 258 44.72 13.41 40.60
CA GLU A 258 45.28 14.49 41.42
C GLU A 258 44.56 14.66 42.76
N ASN A 259 43.27 14.33 42.78
CA ASN A 259 42.45 14.45 43.99
C ASN A 259 42.66 13.25 44.92
N GLY A 260 43.20 12.17 44.37
CA GLY A 260 43.44 10.98 45.18
C GLY A 260 42.61 9.76 44.79
N ALA A 261 41.32 9.97 44.58
CA ALA A 261 40.42 8.88 44.21
C ALA A 261 40.81 8.33 42.83
N PRO A 262 40.73 7.00 42.66
CA PRO A 262 41.07 6.36 41.39
C PRO A 262 40.35 6.98 40.20
N GLU A 263 40.97 6.93 39.03
CA GLU A 263 40.37 7.50 37.83
C GLU A 263 39.68 6.44 36.98
N ASP A 264 39.22 6.83 35.80
CA ASP A 264 38.51 5.92 34.89
C ASP A 264 39.45 5.20 33.91
N GLU A 265 39.68 3.92 34.16
CA GLU A 265 40.54 3.12 33.30
C GLU A 265 39.85 1.87 32.76
N GLU A 266 39.09 2.05 31.70
CA GLU A 266 38.35 0.95 31.08
C GLU A 266 39.18 -0.30 30.85
N ASN A 267 40.46 -0.16 30.54
CA ASN A 267 41.26 -1.34 30.29
C ASN A 267 41.40 -2.23 31.54
N PHE A 268 41.58 -1.61 32.70
CA PHE A 268 41.71 -2.39 33.93
C PHE A 268 40.36 -3.01 34.27
N GLU A 269 39.28 -2.28 33.99
CA GLU A 269 37.94 -2.80 34.22
C GLU A 269 37.83 -4.09 33.42
N GLU A 270 38.26 -4.01 32.17
CA GLU A 270 38.21 -5.14 31.26
C GLU A 270 39.05 -6.30 31.78
N ALA A 271 40.20 -5.98 32.35
CA ALA A 271 41.08 -7.01 32.91
C ALA A 271 40.27 -7.72 33.97
N ILE A 272 39.69 -6.94 34.86
CA ILE A 272 38.88 -7.45 35.95
C ILE A 272 37.74 -8.36 35.47
N LYS A 273 36.81 -7.80 34.71
CA LYS A 273 35.70 -8.60 34.21
C LYS A 273 36.11 -9.90 33.52
N ASN A 274 37.39 -10.02 33.18
CA ASN A 274 37.90 -11.20 32.48
C ASN A 274 38.64 -12.23 33.31
N VAL A 275 39.05 -11.87 34.51
CA VAL A 275 39.77 -12.83 35.34
C VAL A 275 39.04 -14.16 35.47
N ASN A 276 37.71 -14.08 35.56
CA ASN A 276 36.90 -15.27 35.73
C ASN A 276 37.13 -16.38 34.70
N THR A 277 37.24 -16.00 33.43
CA THR A 277 37.45 -16.98 32.37
C THR A 277 38.83 -17.00 31.72
N ALA A 278 39.75 -16.19 32.22
CA ALA A 278 41.08 -16.10 31.63
C ALA A 278 42.21 -16.88 32.29
N LEU A 279 42.03 -17.28 33.54
CA LEU A 279 43.10 -17.98 34.26
C LEU A 279 43.28 -19.45 33.97
N ASN A 280 42.27 -20.08 33.41
CA ASN A 280 42.37 -21.50 33.10
C ASN A 280 41.76 -21.69 31.74
N THR A 281 42.60 -22.01 30.75
CA THR A 281 42.12 -22.21 29.37
C THR A 281 42.94 -23.23 28.57
N THR A 282 44.19 -23.43 28.96
CA THR A 282 45.05 -24.38 28.26
C THR A 282 44.91 -25.77 28.86
N GLN A 283 44.05 -26.57 28.25
CA GLN A 283 43.80 -27.94 28.69
C GLN A 283 43.12 -28.71 27.56
N ILE A 284 43.53 -29.95 27.34
CA ILE A 284 42.94 -30.75 26.27
C ILE A 284 41.51 -31.16 26.60
N PRO A 285 40.56 -30.85 25.72
CA PRO A 285 39.15 -31.19 25.94
C PRO A 285 38.87 -32.69 25.97
N SER A 286 37.84 -33.06 26.71
CA SER A 286 37.42 -34.44 26.84
C SER A 286 37.29 -35.10 25.48
N SER A 287 36.51 -34.47 24.61
CA SER A 287 36.27 -34.98 23.27
C SER A 287 37.55 -35.20 22.48
N ILE A 288 38.56 -34.36 22.71
CA ILE A 288 39.82 -34.53 21.98
C ILE A 288 40.55 -35.76 22.50
N GLU A 289 40.63 -35.89 23.83
CA GLU A 289 41.28 -37.04 24.45
C GLU A 289 40.63 -38.31 23.94
N ASP A 290 39.29 -38.29 23.85
CA ASP A 290 38.55 -39.45 23.37
C ASP A 290 38.89 -39.72 21.92
N ILE A 291 39.16 -38.66 21.15
CA ILE A 291 39.53 -38.86 19.75
C ILE A 291 40.95 -39.43 19.71
N PHE A 292 41.84 -38.89 20.54
CA PHE A 292 43.21 -39.36 20.61
C PHE A 292 43.29 -40.84 20.97
N ASN A 293 42.48 -41.25 21.95
CA ASN A 293 42.48 -42.63 22.42
C ASN A 293 41.61 -43.59 21.65
N ASP A 294 41.13 -43.18 20.48
CA ASP A 294 40.28 -44.05 19.67
C ASP A 294 41.12 -44.92 18.75
N ASP A 295 40.62 -46.12 18.47
CA ASP A 295 41.33 -47.06 17.61
C ASP A 295 41.73 -46.54 16.23
N ARG A 296 40.84 -45.81 15.58
CA ARG A 296 41.12 -45.30 14.25
C ARG A 296 42.23 -44.25 14.30
N CYS A 297 42.57 -43.80 15.50
CA CYS A 297 43.62 -42.82 15.67
C CYS A 297 44.95 -43.47 16.08
N ILE A 298 44.86 -44.55 16.84
CA ILE A 298 46.05 -45.26 17.30
C ILE A 298 46.58 -46.30 16.31
N ASN A 299 45.68 -46.96 15.57
CA ASN A 299 46.10 -47.96 14.60
C ASN A 299 45.88 -47.44 13.19
N ILE A 300 46.91 -46.85 12.61
CA ILE A 300 46.80 -46.32 11.25
C ILE A 300 47.13 -47.39 10.20
N THR A 301 46.49 -47.28 9.04
CA THR A 301 46.71 -48.22 7.96
C THR A 301 46.84 -47.46 6.64
N LYS A 302 46.52 -48.13 5.54
CA LYS A 302 46.59 -47.50 4.23
C LYS A 302 45.25 -46.87 3.90
N GLN A 303 44.20 -47.39 4.55
CA GLN A 303 42.85 -46.90 4.34
C GLN A 303 42.41 -45.79 5.28
N THR A 304 43.21 -45.54 6.32
CA THR A 304 42.90 -44.50 7.30
C THR A 304 42.59 -43.15 6.65
N PRO A 305 41.37 -42.62 6.87
CA PRO A 305 40.88 -41.35 6.34
C PRO A 305 41.74 -40.16 6.77
N SER A 306 41.92 -39.20 5.86
CA SER A 306 42.71 -37.99 6.12
C SER A 306 42.44 -37.36 7.50
N PHE A 307 41.22 -37.51 7.98
CA PHE A 307 40.86 -36.92 9.27
C PHE A 307 41.59 -37.59 10.41
N TRP A 308 41.59 -38.92 10.41
CA TRP A 308 42.25 -39.63 11.49
C TRP A 308 43.77 -39.47 11.43
N ILE A 309 44.29 -39.17 10.25
CA ILE A 309 45.72 -38.95 10.08
C ILE A 309 46.02 -37.63 10.79
N LEU A 310 45.24 -36.60 10.48
CA LEU A 310 45.41 -35.29 11.08
C LEU A 310 45.14 -35.39 12.58
N ALA A 311 44.34 -36.36 12.97
CA ALA A 311 44.04 -36.54 14.39
C ALA A 311 45.30 -37.09 15.08
N ARG A 312 45.91 -38.11 14.47
CA ARG A 312 47.11 -38.70 15.02
C ARG A 312 48.25 -37.68 15.03
N ALA A 313 48.34 -36.90 13.95
CA ALA A 313 49.38 -35.88 13.85
C ALA A 313 49.25 -34.95 15.05
N LEU A 314 48.03 -34.50 15.31
CA LEU A 314 47.81 -33.61 16.44
C LEU A 314 48.30 -34.28 17.71
N LYS A 315 48.09 -35.59 17.81
CA LYS A 315 48.50 -36.35 18.99
C LYS A 315 50.04 -36.34 19.14
N GLU A 316 50.75 -36.68 18.05
CA GLU A 316 52.20 -36.68 18.08
C GLU A 316 52.72 -35.32 18.54
N PHE A 317 52.10 -34.26 18.02
CA PHE A 317 52.48 -32.90 18.38
C PHE A 317 52.31 -32.65 19.86
N VAL A 318 51.19 -33.10 20.40
CA VAL A 318 50.91 -32.92 21.81
C VAL A 318 52.01 -33.58 22.61
N ALA A 319 52.64 -34.58 22.00
CA ALA A 319 53.71 -35.34 22.62
C ALA A 319 55.08 -34.65 22.60
N LYS A 320 55.40 -33.97 21.49
CA LYS A 320 56.68 -33.28 21.35
C LYS A 320 56.60 -31.77 21.53
N GLU A 321 56.71 -31.04 20.43
CA GLU A 321 56.68 -29.58 20.42
C GLU A 321 55.53 -28.95 21.21
N GLY A 322 54.47 -29.74 21.44
CA GLY A 322 53.32 -29.23 22.16
C GLY A 322 53.44 -29.25 23.68
N GLN A 323 54.23 -30.18 24.19
CA GLN A 323 54.44 -30.33 25.64
C GLN A 323 53.13 -30.56 26.38
N GLY A 324 52.34 -31.50 25.88
CA GLY A 324 51.06 -31.81 26.50
C GLY A 324 49.98 -30.78 26.21
N ASN A 325 50.18 -29.96 25.18
CA ASN A 325 49.20 -28.94 24.80
C ASN A 325 48.90 -28.92 23.30
N LEU A 326 47.72 -28.45 22.92
CA LEU A 326 47.34 -28.37 21.51
C LEU A 326 48.01 -27.13 20.94
N PRO A 327 48.23 -27.09 19.61
CA PRO A 327 48.87 -25.89 19.04
C PRO A 327 48.07 -24.63 19.35
N VAL A 328 48.79 -23.54 19.59
CA VAL A 328 48.19 -22.24 19.88
C VAL A 328 47.22 -21.93 18.74
N ARG A 329 46.00 -21.57 19.11
CA ARG A 329 44.97 -21.27 18.13
C ARG A 329 45.47 -20.18 17.19
N GLY A 330 45.99 -19.10 17.77
CA GLY A 330 46.51 -18.00 16.99
C GLY A 330 45.76 -16.69 17.12
N THR A 331 44.49 -16.74 17.53
CA THR A 331 43.73 -15.51 17.64
C THR A 331 43.45 -15.10 19.08
N ILE A 332 43.10 -13.84 19.29
CA ILE A 332 42.74 -13.31 20.60
C ILE A 332 41.56 -12.34 20.41
N PRO A 333 40.72 -12.19 21.43
CA PRO A 333 39.57 -11.27 21.28
C PRO A 333 40.04 -9.84 21.18
N ASP A 334 39.15 -8.94 20.75
CA ASP A 334 39.53 -7.53 20.68
C ASP A 334 39.58 -7.07 22.13
N MET A 335 40.30 -5.99 22.38
CA MET A 335 40.42 -5.47 23.72
C MET A 335 41.09 -4.10 23.76
N ILE A 336 40.40 -3.13 24.35
CA ILE A 336 40.86 -1.76 24.50
C ILE A 336 42.37 -1.68 24.69
N ALA A 337 43.05 -1.11 23.70
CA ALA A 337 44.49 -0.97 23.72
C ALA A 337 44.88 -0.08 22.56
N ASP A 338 46.09 0.45 22.60
CA ASP A 338 46.55 1.27 21.50
C ASP A 338 46.81 0.28 20.37
N SER A 339 46.78 0.76 19.14
CA SER A 339 47.01 -0.10 17.98
C SER A 339 48.31 -0.90 18.10
N GLY A 340 49.41 -0.19 18.33
CA GLY A 340 50.71 -0.82 18.41
C GLY A 340 50.80 -1.99 19.36
N LYS A 341 50.41 -1.77 20.61
CA LYS A 341 50.47 -2.85 21.59
C LYS A 341 49.54 -3.99 21.19
N TYR A 342 48.34 -3.69 20.72
CA TYR A 342 47.43 -4.75 20.33
C TYR A 342 48.01 -5.58 19.20
N ILE A 343 48.47 -4.93 18.13
CA ILE A 343 49.03 -5.66 17.00
C ILE A 343 50.27 -6.45 17.39
N LYS A 344 51.14 -5.85 18.19
CA LYS A 344 52.33 -6.54 18.64
C LYS A 344 51.95 -7.82 19.42
N LEU A 345 50.97 -7.70 20.32
CA LEU A 345 50.51 -8.82 21.14
C LEU A 345 49.90 -9.92 20.29
N GLN A 346 49.07 -9.52 19.32
CA GLN A 346 48.44 -10.47 18.43
C GLN A 346 49.45 -11.21 17.54
N ASN A 347 50.48 -10.49 17.08
CA ASN A 347 51.48 -11.11 16.23
C ASN A 347 52.24 -12.20 16.97
N VAL A 348 52.41 -12.03 18.28
CA VAL A 348 53.06 -13.05 19.05
C VAL A 348 52.28 -14.34 18.95
N TYR A 349 50.96 -14.25 19.19
CA TYR A 349 50.11 -15.45 19.10
C TYR A 349 50.06 -15.97 17.68
N ARG A 350 49.98 -15.05 16.72
CA ARG A 350 49.94 -15.45 15.32
C ARG A 350 51.21 -16.18 14.92
N GLU A 351 52.34 -15.56 15.23
CA GLU A 351 53.62 -16.16 14.89
C GLU A 351 53.68 -17.53 15.53
N LYS A 352 53.36 -17.57 16.82
CA LYS A 352 53.37 -18.82 17.57
C LYS A 352 52.48 -19.86 16.91
N ALA A 353 51.30 -19.44 16.47
CA ALA A 353 50.38 -20.36 15.82
C ALA A 353 51.02 -20.90 14.53
N LYS A 354 51.76 -20.04 13.83
CA LYS A 354 52.42 -20.49 12.61
C LYS A 354 53.49 -21.54 12.94
N LYS A 355 54.28 -21.28 13.98
CA LYS A 355 55.33 -22.22 14.33
C LYS A 355 54.71 -23.58 14.63
N ASP A 356 53.69 -23.60 15.47
CA ASP A 356 53.02 -24.83 15.86
C ASP A 356 52.41 -25.61 14.70
N ALA A 357 51.87 -24.87 13.72
CA ALA A 357 51.25 -25.51 12.57
C ALA A 357 52.27 -26.23 11.71
N ALA A 358 53.46 -25.65 11.59
CA ALA A 358 54.51 -26.28 10.78
C ALA A 358 54.93 -27.60 11.43
N ALA A 359 55.06 -27.59 12.76
CA ALA A 359 55.42 -28.79 13.49
C ALA A 359 54.39 -29.86 13.24
N VAL A 360 53.12 -29.46 13.23
CA VAL A 360 52.06 -30.42 12.99
C VAL A 360 52.13 -30.94 11.57
N GLY A 361 52.61 -30.09 10.66
CA GLY A 361 52.74 -30.51 9.28
C GLY A 361 53.73 -31.65 9.17
N ASN A 362 54.87 -31.50 9.84
CA ASN A 362 55.89 -32.52 9.85
C ASN A 362 55.29 -33.85 10.26
N HIS A 363 54.73 -33.91 11.47
CA HIS A 363 54.11 -35.14 11.97
C HIS A 363 53.17 -35.75 10.94
N VAL A 364 52.47 -34.90 10.19
CA VAL A 364 51.56 -35.39 9.17
C VAL A 364 52.37 -36.07 8.07
N ALA A 365 53.32 -35.34 7.50
CA ALA A 365 54.18 -35.88 6.44
C ALA A 365 54.78 -37.19 6.91
N LYS A 366 55.38 -37.18 8.10
CA LYS A 366 55.99 -38.38 8.64
C LYS A 366 54.99 -39.53 8.71
N LEU A 367 53.71 -39.20 8.92
CA LEU A 367 52.67 -40.21 9.00
C LEU A 367 52.34 -40.73 7.62
N LEU A 368 52.31 -39.83 6.64
CA LEU A 368 52.01 -40.23 5.27
C LEU A 368 53.14 -41.08 4.70
N GLN A 369 54.33 -40.97 5.30
CA GLN A 369 55.48 -41.74 4.86
C GLN A 369 55.30 -43.21 5.23
N SER A 370 55.19 -43.48 6.53
CA SER A 370 55.01 -44.84 7.00
C SER A 370 53.58 -45.30 6.67
N ILE A 371 53.15 -44.98 5.46
CA ILE A 371 51.83 -45.33 4.94
C ILE A 371 51.93 -45.31 3.42
N GLY A 372 52.85 -44.48 2.92
CA GLY A 372 53.07 -44.37 1.50
C GLY A 372 51.81 -43.99 0.75
N GLN A 373 50.92 -43.26 1.43
CA GLN A 373 49.66 -42.84 0.83
C GLN A 373 49.88 -41.82 -0.28
N ALA A 374 50.67 -40.80 -0.01
CA ALA A 374 50.94 -39.75 -0.99
C ALA A 374 51.95 -38.76 -0.43
N PRO A 375 52.33 -37.74 -1.23
CA PRO A 375 53.29 -36.75 -0.76
C PRO A 375 52.60 -35.58 -0.07
N GLU A 376 51.47 -35.15 -0.65
CA GLU A 376 50.70 -34.04 -0.12
C GLU A 376 49.21 -34.23 -0.39
N SER A 377 48.69 -35.40 -0.08
CA SER A 377 47.27 -35.70 -0.29
C SER A 377 46.43 -34.87 0.66
N ILE A 378 47.07 -33.88 1.28
CA ILE A 378 46.40 -32.98 2.21
C ILE A 378 46.93 -31.57 1.96
N SER A 379 46.07 -30.72 1.42
CA SER A 379 46.45 -29.34 1.12
C SER A 379 46.91 -28.67 2.40
N GLU A 380 47.76 -27.64 2.27
CA GLU A 380 48.23 -26.95 3.46
C GLU A 380 47.09 -26.16 4.10
N LYS A 381 46.03 -25.94 3.34
CA LYS A 381 44.88 -25.22 3.87
C LYS A 381 44.18 -26.09 4.92
N GLU A 382 44.10 -27.40 4.62
CA GLU A 382 43.48 -28.35 5.54
C GLU A 382 44.26 -28.40 6.85
N LEU A 383 45.54 -28.08 6.76
CA LEU A 383 46.43 -28.10 7.92
C LEU A 383 46.26 -26.85 8.78
N LYS A 384 46.11 -25.71 8.14
CA LYS A 384 45.92 -24.46 8.87
C LYS A 384 44.56 -24.43 9.56
N LEU A 385 43.56 -25.01 8.90
CA LEU A 385 42.21 -25.07 9.45
C LEU A 385 42.17 -26.04 10.62
N LEU A 386 42.88 -27.16 10.48
CA LEU A 386 42.96 -28.19 11.53
C LEU A 386 43.66 -27.66 12.79
N CYS A 387 44.67 -26.82 12.61
CA CYS A 387 45.37 -26.28 13.77
C CYS A 387 44.54 -25.21 14.51
N SER A 388 43.71 -24.49 13.74
CA SER A 388 42.83 -23.46 14.30
C SER A 388 41.68 -24.08 15.09
N ASN A 389 41.26 -25.28 14.72
CA ASN A 389 40.14 -25.95 15.38
C ASN A 389 40.55 -27.22 16.10
N SER A 390 41.83 -27.37 16.43
CA SER A 390 42.31 -28.57 17.11
C SER A 390 41.56 -28.92 18.40
N ALA A 391 41.03 -27.91 19.08
CA ALA A 391 40.29 -28.14 20.32
C ALA A 391 38.80 -28.36 20.04
N PHE A 392 38.39 -28.13 18.80
CA PHE A 392 37.00 -28.25 18.45
C PHE A 392 36.64 -29.43 17.59
N LEU A 393 37.58 -30.37 17.41
CA LEU A 393 37.29 -31.54 16.59
C LEU A 393 36.18 -32.35 17.21
N ARG A 394 35.37 -32.96 16.35
CA ARG A 394 34.25 -33.77 16.81
C ARG A 394 34.00 -34.96 15.90
N VAL A 395 33.56 -36.07 16.50
CA VAL A 395 33.27 -37.31 15.78
C VAL A 395 31.92 -37.86 16.19
N VAL A 396 31.04 -38.10 15.23
CA VAL A 396 29.76 -38.67 15.57
C VAL A 396 29.59 -39.98 14.84
N ARG A 397 29.10 -40.97 15.58
CA ARG A 397 28.84 -42.31 15.06
C ARG A 397 27.42 -42.66 15.48
N CYS A 398 26.55 -42.86 14.50
CA CYS A 398 25.17 -43.19 14.80
C CYS A 398 24.99 -44.70 14.85
N ARG A 399 23.99 -45.18 15.59
CA ARG A 399 23.71 -46.62 15.67
C ARG A 399 23.03 -46.89 14.34
N SER A 400 22.87 -48.14 13.95
CA SER A 400 22.16 -48.44 12.71
C SER A 400 20.70 -48.46 13.11
N LEU A 401 19.80 -48.53 12.14
CA LEU A 401 18.38 -48.57 12.46
C LEU A 401 18.08 -49.97 13.00
N ALA A 402 18.86 -50.95 12.53
CA ALA A 402 18.72 -52.34 12.97
C ALA A 402 19.02 -52.47 14.47
N GLU A 403 20.09 -51.83 14.93
CA GLU A 403 20.43 -51.86 16.35
C GLU A 403 19.28 -51.28 17.17
N GLU A 404 18.68 -50.21 16.67
CA GLU A 404 17.57 -49.59 17.38
C GLU A 404 16.36 -50.52 17.51
N TYR A 405 16.01 -51.20 16.42
CA TYR A 405 14.87 -52.12 16.43
C TYR A 405 15.11 -53.50 17.00
N GLY A 406 16.38 -53.87 17.16
CA GLY A 406 16.72 -55.16 17.71
C GLY A 406 16.20 -55.37 19.12
N LEU A 407 15.79 -56.59 19.43
CA LEU A 407 15.28 -56.90 20.76
C LEU A 407 16.36 -56.85 21.83
N ASP A 408 17.61 -57.11 21.43
CA ASP A 408 18.71 -57.09 22.38
C ASP A 408 19.61 -55.86 22.20
N THR A 409 19.36 -55.12 21.13
CA THR A 409 20.14 -53.92 20.86
C THR A 409 19.43 -52.62 21.24
N ILE A 410 18.11 -52.69 21.37
CA ILE A 410 17.30 -51.53 21.75
C ILE A 410 17.87 -50.87 23.01
N ASN A 411 17.86 -49.55 23.03
CA ASN A 411 18.38 -48.80 24.16
C ASN A 411 17.31 -48.61 25.23
N LYS A 412 16.87 -49.71 25.85
CA LYS A 412 15.84 -49.63 26.89
C LYS A 412 16.25 -48.76 28.07
N ASP A 413 17.55 -48.66 28.31
CA ASP A 413 18.04 -47.84 29.42
C ASP A 413 17.55 -46.41 29.23
N GLU A 414 17.93 -45.80 28.11
CA GLU A 414 17.53 -44.44 27.78
C GLU A 414 16.00 -44.26 27.81
N ILE A 415 15.26 -45.19 27.20
CA ILE A 415 13.80 -45.09 27.17
C ILE A 415 13.15 -45.18 28.55
N ILE A 416 13.60 -46.12 29.37
CA ILE A 416 13.05 -46.31 30.73
C ILE A 416 13.30 -45.05 31.56
N SER A 417 14.56 -44.61 31.60
CA SER A 417 14.92 -43.44 32.37
C SER A 417 14.11 -42.22 31.95
N SER A 418 14.02 -41.97 30.65
CA SER A 418 13.28 -40.83 30.14
C SER A 418 11.84 -40.86 30.56
N MET A 419 11.24 -42.04 30.58
CA MET A 419 9.84 -42.14 30.95
C MET A 419 9.54 -41.82 32.39
N ASP A 420 10.58 -41.58 33.21
CA ASP A 420 10.34 -41.23 34.60
C ASP A 420 9.35 -40.05 34.59
N ASN A 421 9.53 -39.18 33.61
CA ASN A 421 8.67 -38.03 33.39
C ASN A 421 7.59 -38.49 32.39
N PRO A 422 6.37 -38.68 32.88
CA PRO A 422 5.32 -39.13 31.96
C PRO A 422 5.13 -38.24 30.72
N ASP A 423 5.64 -37.01 30.76
CA ASP A 423 5.51 -36.10 29.62
C ASP A 423 6.80 -35.91 28.80
N ASN A 424 7.85 -36.68 29.08
CA ASN A 424 9.07 -36.54 28.30
C ASN A 424 8.63 -36.75 26.86
N GLU A 425 9.32 -36.18 25.87
CA GLU A 425 8.88 -36.37 24.49
C GLU A 425 9.19 -37.74 23.96
N ILE A 426 9.81 -38.58 24.79
CA ILE A 426 10.11 -39.92 24.36
C ILE A 426 8.79 -40.71 24.24
N VAL A 427 7.69 -40.21 24.84
CA VAL A 427 6.40 -40.91 24.70
C VAL A 427 5.95 -40.78 23.27
N LEU A 428 6.16 -39.62 22.68
CA LEU A 428 5.78 -39.39 21.30
C LEU A 428 6.48 -40.43 20.44
N TYR A 429 7.71 -40.75 20.78
CA TYR A 429 8.45 -41.77 20.05
C TYR A 429 7.69 -43.10 20.18
N LEU A 430 7.35 -43.44 21.43
CA LEU A 430 6.65 -44.68 21.73
C LEU A 430 5.32 -44.76 20.97
N MET A 431 4.57 -43.66 20.99
CA MET A 431 3.31 -43.59 20.29
C MET A 431 3.49 -43.80 18.79
N LEU A 432 4.60 -43.30 18.25
CA LEU A 432 4.86 -43.46 16.83
C LEU A 432 5.04 -44.93 16.53
N ARG A 433 5.79 -45.61 17.38
CA ARG A 433 6.05 -47.03 17.21
C ARG A 433 4.73 -47.79 17.26
N ALA A 434 3.90 -47.46 18.23
CA ALA A 434 2.61 -48.11 18.39
C ALA A 434 1.68 -47.80 17.20
N VAL A 435 1.64 -46.54 16.78
CA VAL A 435 0.82 -46.14 15.66
C VAL A 435 1.20 -47.01 14.47
N ASP A 436 2.49 -47.30 14.33
CA ASP A 436 2.94 -48.13 13.22
C ASP A 436 2.41 -49.54 13.34
N ARG A 437 2.35 -50.05 14.58
CA ARG A 437 1.83 -51.38 14.80
C ARG A 437 0.37 -51.36 14.37
N PHE A 438 -0.33 -50.31 14.75
CA PHE A 438 -1.74 -50.16 14.40
C PHE A 438 -1.93 -50.19 12.89
N HIS A 439 -0.91 -49.77 12.15
CA HIS A 439 -0.98 -49.72 10.68
C HIS A 439 -0.70 -51.06 10.02
N LYS A 440 0.07 -51.90 10.71
CA LYS A 440 0.40 -53.21 10.18
C LYS A 440 -0.73 -54.15 10.57
N GLN A 441 -1.17 -54.05 11.82
CA GLN A 441 -2.28 -54.86 12.31
C GLN A 441 -3.43 -54.45 11.42
N GLN A 442 -4.09 -53.35 11.77
CA GLN A 442 -5.16 -52.83 10.93
C GLN A 442 -4.37 -52.46 9.68
N GLY A 443 -5.02 -52.17 8.56
CA GLY A 443 -4.26 -51.80 7.39
C GLY A 443 -4.37 -50.31 7.13
N ARG A 444 -4.63 -49.57 8.21
CA ARG A 444 -4.81 -48.12 8.13
C ARG A 444 -4.29 -47.43 9.39
N TYR A 445 -4.27 -46.10 9.38
CA TYR A 445 -3.85 -45.32 10.54
C TYR A 445 -5.07 -45.04 11.39
N PRO A 446 -4.90 -44.85 12.69
CA PRO A 446 -6.04 -44.57 13.57
C PRO A 446 -6.56 -43.16 13.51
N GLY A 447 -7.87 -43.02 13.69
CA GLY A 447 -8.47 -41.69 13.72
C GLY A 447 -8.58 -40.91 12.43
N VAL A 448 -8.16 -41.50 11.32
CA VAL A 448 -8.28 -40.77 10.06
C VAL A 448 -9.67 -40.17 9.92
N SER A 449 -10.70 -40.99 10.06
CA SER A 449 -12.08 -40.51 9.97
C SER A 449 -12.64 -40.13 11.33
N ASN A 450 -13.40 -39.03 11.37
CA ASN A 450 -14.01 -38.55 12.61
C ASN A 450 -14.80 -39.60 13.37
N TYR A 451 -15.27 -40.62 12.65
CA TYR A 451 -16.07 -41.69 13.23
C TYR A 451 -15.26 -42.87 13.78
N GLN A 452 -14.02 -43.00 13.36
CA GLN A 452 -13.17 -44.10 13.82
C GLN A 452 -12.48 -43.83 15.15
N VAL A 453 -12.15 -42.56 15.40
CA VAL A 453 -11.47 -42.11 16.63
C VAL A 453 -11.74 -42.93 17.90
N GLU A 454 -12.93 -42.78 18.45
CA GLU A 454 -13.33 -43.49 19.68
C GLU A 454 -12.98 -44.99 19.68
N GLU A 455 -13.32 -45.70 18.61
CA GLU A 455 -13.02 -47.12 18.52
C GLU A 455 -11.52 -47.39 18.40
N ASP A 456 -10.82 -46.53 17.67
CA ASP A 456 -9.38 -46.68 17.48
C ASP A 456 -8.57 -46.53 18.75
N ILE A 457 -9.05 -45.67 19.64
CA ILE A 457 -8.37 -45.47 20.92
C ILE A 457 -8.05 -46.81 21.57
N GLY A 458 -9.03 -47.71 21.65
CA GLY A 458 -8.82 -49.02 22.24
C GLY A 458 -7.86 -49.89 21.44
N LYS A 459 -8.04 -49.90 20.13
CA LYS A 459 -7.16 -50.71 19.29
C LYS A 459 -5.71 -50.22 19.37
N LEU A 460 -5.53 -48.90 19.39
CA LEU A 460 -4.18 -48.34 19.47
C LEU A 460 -3.59 -48.59 20.85
N LYS A 461 -4.42 -48.44 21.89
CA LYS A 461 -3.94 -48.65 23.26
C LYS A 461 -3.35 -50.06 23.37
N SER A 462 -3.97 -50.99 22.64
CA SER A 462 -3.56 -52.38 22.60
C SER A 462 -2.27 -52.59 21.79
N CYS A 463 -2.14 -51.89 20.66
CA CYS A 463 -0.94 -52.01 19.83
C CYS A 463 0.29 -51.54 20.59
N LEU A 464 0.06 -50.58 21.48
CA LEU A 464 1.09 -49.98 22.31
C LEU A 464 1.59 -51.02 23.31
N THR A 465 0.66 -51.54 24.10
CA THR A 465 0.99 -52.56 25.10
C THR A 465 1.76 -53.70 24.43
N GLY A 466 1.28 -54.13 23.27
CA GLY A 466 1.97 -55.19 22.55
C GLY A 466 3.39 -54.77 22.25
N PHE A 467 3.54 -53.56 21.69
CA PHE A 467 4.86 -53.02 21.36
C PHE A 467 5.77 -52.97 22.59
N LEU A 468 5.25 -52.42 23.69
CA LEU A 468 6.05 -52.34 24.92
C LEU A 468 6.51 -53.68 25.47
N GLN A 469 5.55 -54.52 25.87
CA GLN A 469 5.87 -55.83 26.40
C GLN A 469 6.86 -56.57 25.50
N GLU A 470 6.68 -56.43 24.20
CA GLU A 470 7.56 -57.10 23.24
C GLU A 470 9.03 -56.76 23.45
N TYR A 471 9.34 -55.48 23.72
CA TYR A 471 10.73 -55.05 23.94
C TYR A 471 11.08 -55.03 25.43
N GLY A 472 10.09 -55.36 26.26
CA GLY A 472 10.33 -55.37 27.69
C GLY A 472 10.54 -53.96 28.22
N LEU A 473 9.61 -53.07 27.90
CA LEU A 473 9.66 -51.70 28.36
C LEU A 473 8.54 -51.50 29.34
N SER A 474 8.83 -51.56 30.65
CA SER A 474 7.77 -51.34 31.63
C SER A 474 7.72 -49.86 31.94
N VAL A 475 7.01 -49.13 31.09
CA VAL A 475 6.86 -47.70 31.22
C VAL A 475 5.38 -47.37 31.17
N MET A 476 5.00 -46.34 31.92
CA MET A 476 3.61 -45.91 31.96
C MET A 476 3.38 -44.81 30.91
N VAL A 477 2.39 -44.99 30.05
CA VAL A 477 2.04 -44.02 29.02
C VAL A 477 0.64 -43.53 29.36
N LYS A 478 0.49 -42.25 29.63
CA LYS A 478 -0.82 -41.71 29.97
C LYS A 478 -1.81 -41.93 28.83
N ASP A 479 -3.07 -42.20 29.18
CA ASP A 479 -4.12 -42.44 28.19
C ASP A 479 -4.29 -41.26 27.23
N ASP A 480 -4.08 -40.06 27.75
CA ASP A 480 -4.20 -38.84 26.97
C ASP A 480 -3.38 -38.91 25.69
N TYR A 481 -2.21 -39.51 25.74
CA TYR A 481 -1.39 -39.58 24.54
C TYR A 481 -1.98 -40.50 23.48
N VAL A 482 -2.60 -41.59 23.90
CA VAL A 482 -3.21 -42.52 22.96
C VAL A 482 -4.35 -41.80 22.29
N HIS A 483 -5.17 -41.14 23.10
CA HIS A 483 -6.30 -40.41 22.57
C HIS A 483 -5.80 -39.31 21.66
N GLU A 484 -4.81 -38.56 22.13
CA GLU A 484 -4.28 -37.46 21.31
C GLU A 484 -3.74 -37.95 19.97
N PHE A 485 -3.08 -39.10 19.95
CA PHE A 485 -2.54 -39.60 18.69
C PHE A 485 -3.62 -40.13 17.74
N CYS A 486 -4.80 -40.47 18.25
CA CYS A 486 -5.85 -40.96 17.38
C CYS A 486 -6.53 -39.71 16.83
N ARG A 487 -6.55 -38.69 17.66
CA ARG A 487 -7.15 -37.43 17.31
C ARG A 487 -6.42 -36.79 16.13
N TYR A 488 -5.14 -37.15 15.97
CA TYR A 488 -4.33 -36.58 14.91
C TYR A 488 -4.79 -37.06 13.56
N GLY A 489 -5.25 -38.31 13.50
CA GLY A 489 -5.70 -38.86 12.24
C GLY A 489 -4.65 -38.86 11.13
N ALA A 490 -3.39 -39.13 11.50
CA ALA A 490 -2.29 -39.15 10.54
C ALA A 490 -2.01 -37.84 9.80
N ALA A 491 -2.66 -36.75 10.20
CA ALA A 491 -2.46 -35.47 9.54
C ALA A 491 -0.99 -35.03 9.41
N GLU A 492 -0.71 -34.28 8.36
CA GLU A 492 0.62 -33.74 8.13
C GLU A 492 0.39 -32.22 8.06
N PRO A 493 0.12 -31.58 9.21
CA PRO A 493 -0.13 -30.13 9.27
C PRO A 493 1.07 -29.39 8.69
N HIS A 494 0.80 -28.43 7.82
CA HIS A 494 1.89 -27.72 7.20
C HIS A 494 2.93 -27.06 8.13
N THR A 495 2.49 -26.25 9.09
CA THR A 495 3.45 -25.59 9.96
C THR A 495 4.32 -26.59 10.70
N ILE A 496 3.80 -27.79 10.93
CA ILE A 496 4.60 -28.79 11.61
C ILE A 496 5.63 -29.34 10.63
N ALA A 497 5.22 -29.44 9.38
CA ALA A 497 6.11 -29.96 8.35
C ALA A 497 7.19 -28.90 8.04
N ALA A 498 6.83 -27.64 8.18
CA ALA A 498 7.78 -26.58 7.93
C ALA A 498 8.88 -26.58 9.01
N PHE A 499 8.48 -26.75 10.28
CA PHE A 499 9.46 -26.79 11.36
C PHE A 499 10.47 -27.89 11.09
N LEU A 500 9.96 -29.09 10.90
CA LEU A 500 10.84 -30.22 10.64
C LEU A 500 11.63 -30.02 9.34
N GLY A 501 11.05 -29.33 8.37
CA GLY A 501 11.77 -29.10 7.12
C GLY A 501 12.96 -28.16 7.24
N GLY A 502 12.93 -27.26 8.19
CA GLY A 502 14.05 -26.35 8.34
C GLY A 502 15.10 -27.11 9.11
N ALA A 503 14.66 -27.75 10.19
CA ALA A 503 15.54 -28.52 11.02
C ALA A 503 16.27 -29.62 10.24
N ALA A 504 15.53 -30.39 9.44
CA ALA A 504 16.14 -31.47 8.68
C ALA A 504 17.08 -30.97 7.60
N ALA A 505 16.67 -29.91 6.90
CA ALA A 505 17.50 -29.34 5.84
C ALA A 505 18.86 -28.93 6.37
N GLN A 506 18.89 -28.26 7.51
CA GLN A 506 20.18 -27.84 8.03
C GLN A 506 21.03 -29.03 8.45
N GLU A 507 20.43 -30.10 8.97
CA GLU A 507 21.23 -31.27 9.34
C GLU A 507 21.85 -31.89 8.06
N VAL A 508 21.13 -31.80 6.94
CA VAL A 508 21.65 -32.35 5.70
C VAL A 508 22.81 -31.49 5.20
N ILE A 509 22.71 -30.18 5.40
CA ILE A 509 23.75 -29.31 4.95
C ILE A 509 25.00 -29.56 5.80
N LYS A 510 24.81 -29.87 7.08
CA LYS A 510 25.93 -30.16 7.97
C LYS A 510 26.66 -31.40 7.47
N ILE A 511 25.91 -32.39 6.97
CA ILE A 511 26.47 -33.63 6.43
C ILE A 511 27.27 -33.31 5.16
N ILE A 512 26.58 -32.72 4.18
CA ILE A 512 27.23 -32.37 2.92
C ILE A 512 28.50 -31.53 3.13
N THR A 513 28.42 -30.48 3.93
CA THR A 513 29.57 -29.60 4.13
C THR A 513 30.56 -30.05 5.21
N LYS A 514 30.16 -30.99 6.05
CA LYS A 514 31.03 -31.48 7.12
C LYS A 514 31.37 -30.34 8.08
N GLN A 515 30.50 -29.36 8.23
CA GLN A 515 30.90 -28.27 9.09
C GLN A 515 30.43 -28.10 10.52
N PHE A 516 29.14 -28.08 10.81
CA PHE A 516 28.85 -27.87 12.23
C PHE A 516 28.80 -29.23 12.90
N VAL A 517 27.91 -29.44 13.86
CA VAL A 517 27.83 -30.76 14.47
C VAL A 517 26.40 -31.28 14.44
N ILE A 518 26.20 -32.44 13.82
CA ILE A 518 24.89 -33.05 13.67
C ILE A 518 24.36 -33.65 14.97
N PHE A 519 23.04 -33.75 15.07
CA PHE A 519 22.43 -34.34 16.25
C PHE A 519 22.81 -35.82 16.19
N ASN A 520 22.98 -36.46 17.35
CA ASN A 520 23.48 -37.83 17.35
C ASN A 520 22.53 -38.98 17.23
N ASN A 521 21.30 -38.72 16.80
CA ASN A 521 20.39 -39.83 16.60
C ASN A 521 18.96 -39.53 16.25
N THR A 522 18.20 -39.11 17.24
CA THR A 522 16.80 -38.87 17.05
C THR A 522 16.38 -37.57 17.68
N TYR A 523 15.62 -36.78 16.91
CA TYR A 523 15.11 -35.51 17.37
C TYR A 523 13.60 -35.62 17.25
N ILE A 524 12.92 -35.29 18.35
CA ILE A 524 11.47 -35.34 18.43
C ILE A 524 10.98 -33.95 18.79
N TYR A 525 10.02 -33.46 18.02
CA TYR A 525 9.45 -32.14 18.23
C TYR A 525 7.95 -32.26 18.49
N SER A 526 7.45 -31.45 19.42
CA SER A 526 6.05 -31.46 19.81
C SER A 526 5.42 -30.07 19.61
N GLY A 527 4.67 -29.91 18.53
CA GLY A 527 4.04 -28.64 18.22
C GLY A 527 2.99 -28.25 19.23
N MET A 528 2.53 -29.24 19.97
CA MET A 528 1.51 -29.03 20.98
C MET A 528 2.03 -28.16 22.11
N SER A 529 3.22 -28.48 22.61
CA SER A 529 3.83 -27.72 23.71
C SER A 529 5.00 -26.85 23.25
N GLN A 530 5.45 -27.08 22.03
CA GLN A 530 6.58 -26.36 21.47
C GLN A 530 7.84 -26.67 22.29
N THR A 531 8.09 -27.96 22.47
CA THR A 531 9.28 -28.43 23.19
C THR A 531 9.88 -29.54 22.36
N SER A 532 11.13 -29.87 22.59
CA SER A 532 11.75 -30.92 21.80
C SER A 532 12.82 -31.59 22.62
N ALA A 533 13.49 -32.57 22.03
CA ALA A 533 14.53 -33.31 22.73
C ALA A 533 15.28 -34.21 21.77
N THR A 534 16.54 -34.48 22.08
CA THR A 534 17.36 -35.35 21.26
C THR A 534 17.60 -36.64 22.04
N PHE A 535 17.61 -37.79 21.38
CA PHE A 535 17.86 -39.04 22.08
C PHE A 535 18.81 -39.86 21.28
N GLN A 536 19.56 -40.70 21.99
CA GLN A 536 20.49 -41.60 21.34
C GLN A 536 19.87 -43.00 21.40
N LEU A 537 18.97 -43.27 20.45
CA LEU A 537 18.29 -44.56 20.39
C LEU A 537 19.11 -45.60 19.64
N ASP B 14 -12.51 -25.30 -0.19
CA ASP B 14 -12.93 -25.27 -1.63
C ASP B 14 -13.07 -26.70 -2.19
N TRP B 15 -11.96 -27.33 -2.58
CA TRP B 15 -12.02 -28.68 -3.15
C TRP B 15 -11.91 -29.81 -2.12
N GLU B 16 -12.23 -31.03 -2.56
CA GLU B 16 -12.21 -32.24 -1.73
C GLU B 16 -11.00 -32.46 -0.83
N GLY B 17 -11.22 -32.42 0.48
CA GLY B 17 -10.15 -32.65 1.44
C GLY B 17 -9.01 -31.65 1.40
N ARG B 18 -9.31 -30.42 1.00
CA ARG B 18 -8.28 -29.39 0.92
C ARG B 18 -7.74 -29.05 2.31
N TRP B 19 -8.66 -28.92 3.26
CA TRP B 19 -8.31 -28.57 4.61
C TRP B 19 -8.34 -29.78 5.54
N ASN B 20 -8.18 -30.97 4.98
CA ASN B 20 -8.22 -32.15 5.82
C ASN B 20 -7.19 -32.12 6.95
N HIS B 21 -6.03 -31.49 6.73
CA HIS B 21 -5.00 -31.44 7.76
C HIS B 21 -5.26 -30.40 8.84
N VAL B 22 -6.04 -29.38 8.54
CA VAL B 22 -6.35 -28.34 9.51
C VAL B 22 -7.59 -28.69 10.33
N LYS B 23 -8.67 -29.10 9.65
CA LYS B 23 -9.95 -29.47 10.27
C LYS B 23 -9.87 -30.26 11.57
N LYS B 24 -9.13 -31.36 11.54
CA LYS B 24 -8.99 -32.23 12.70
C LYS B 24 -8.65 -31.53 14.01
N PHE B 25 -8.04 -30.36 13.97
CA PHE B 25 -7.70 -29.68 15.21
C PHE B 25 -8.77 -28.66 15.58
N LEU B 26 -9.84 -28.65 14.78
CA LEU B 26 -10.90 -27.71 15.03
C LEU B 26 -12.25 -28.39 15.22
N GLU B 27 -12.36 -29.60 14.70
CA GLU B 27 -13.60 -30.36 14.79
C GLU B 27 -13.62 -31.44 15.85
N ARG B 28 -12.47 -31.75 16.43
CA ARG B 28 -12.41 -32.80 17.44
C ARG B 28 -12.04 -32.29 18.83
N SER B 29 -12.63 -32.92 19.84
CA SER B 29 -12.34 -32.60 21.22
C SER B 29 -11.01 -33.27 21.50
N GLY B 30 -10.36 -32.92 22.59
CA GLY B 30 -9.08 -33.56 22.89
C GLY B 30 -8.58 -33.28 24.31
N PRO B 31 -7.64 -34.09 24.81
CA PRO B 31 -7.08 -33.96 26.15
C PRO B 31 -6.21 -32.73 26.43
N PHE B 32 -5.58 -32.16 25.41
CA PHE B 32 -4.69 -31.04 25.65
C PHE B 32 -5.17 -29.71 25.13
N THR B 33 -6.44 -29.69 24.80
CA THR B 33 -7.11 -28.55 24.26
C THR B 33 -7.18 -27.34 25.20
N HIS B 34 -7.25 -26.15 24.63
CA HIS B 34 -7.35 -24.95 25.43
C HIS B 34 -8.65 -25.02 26.25
N PRO B 35 -8.65 -24.50 27.48
CA PRO B 35 -9.86 -24.56 28.31
C PRO B 35 -11.11 -24.03 27.62
N ASP B 36 -10.96 -23.02 26.78
CA ASP B 36 -12.09 -22.42 26.09
C ASP B 36 -12.34 -23.00 24.69
N PHE B 37 -11.73 -24.13 24.36
CA PHE B 37 -11.95 -24.70 23.04
C PHE B 37 -13.27 -25.42 22.94
N GLU B 38 -13.97 -25.19 21.84
CA GLU B 38 -15.23 -25.85 21.59
C GLU B 38 -15.23 -26.35 20.17
N PRO B 39 -15.04 -27.67 19.99
CA PRO B 39 -15.02 -28.26 18.66
C PRO B 39 -16.24 -27.80 17.83
N SER B 40 -15.97 -27.30 16.63
CA SER B 40 -17.03 -26.81 15.78
C SER B 40 -16.67 -27.06 14.33
N THR B 41 -17.69 -27.41 13.55
CA THR B 41 -17.49 -27.67 12.14
C THR B 41 -17.56 -26.35 11.39
N GLU B 42 -17.80 -25.26 12.14
CA GLU B 42 -17.87 -23.93 11.55
C GLU B 42 -16.58 -23.13 11.70
N SER B 43 -15.92 -23.32 12.83
CA SER B 43 -14.66 -22.64 13.17
C SER B 43 -13.72 -22.34 12.00
N LEU B 44 -13.47 -23.33 11.16
CA LEU B 44 -12.57 -23.10 10.04
C LEU B 44 -13.05 -21.99 9.13
N GLN B 45 -14.31 -22.06 8.74
CA GLN B 45 -14.89 -21.05 7.87
C GLN B 45 -14.81 -19.70 8.57
N PHE B 46 -15.04 -19.70 9.87
CA PHE B 46 -14.97 -18.45 10.62
C PHE B 46 -13.55 -17.93 10.55
N LEU B 47 -12.60 -18.85 10.46
CA LEU B 47 -11.20 -18.50 10.38
C LEU B 47 -10.85 -17.95 9.01
N LEU B 48 -11.26 -18.65 7.95
CA LEU B 48 -10.99 -18.22 6.58
C LEU B 48 -11.66 -16.89 6.20
N ASP B 49 -12.90 -16.69 6.64
CA ASP B 49 -13.63 -15.47 6.28
C ASP B 49 -13.42 -14.26 7.16
N THR B 50 -13.07 -14.46 8.44
CA THR B 50 -12.94 -13.31 9.34
C THR B 50 -11.65 -12.99 10.10
N CYS B 51 -10.86 -13.99 10.47
CA CYS B 51 -9.66 -13.63 11.23
C CYS B 51 -8.64 -12.83 10.41
N LYS B 52 -8.49 -11.55 10.78
CA LYS B 52 -7.57 -10.63 10.12
C LYS B 52 -6.20 -10.59 10.78
N VAL B 53 -5.19 -11.05 10.04
CA VAL B 53 -3.83 -11.07 10.52
C VAL B 53 -2.94 -10.11 9.70
N LEU B 54 -2.08 -9.39 10.42
CA LEU B 54 -1.14 -8.45 9.81
C LEU B 54 0.30 -8.97 9.96
N VAL B 55 0.97 -9.20 8.85
CA VAL B 55 2.35 -9.66 8.89
C VAL B 55 3.26 -8.46 8.66
N ILE B 56 4.17 -8.21 9.60
CA ILE B 56 5.08 -7.08 9.46
C ILE B 56 6.44 -7.52 8.91
N GLY B 57 6.67 -7.20 7.65
CA GLY B 57 7.92 -7.56 7.00
C GLY B 57 7.66 -8.64 5.98
N ALA B 58 8.26 -8.47 4.80
CA ALA B 58 8.13 -9.44 3.73
C ALA B 58 9.55 -9.94 3.59
N GLY B 59 10.40 -9.43 4.46
CA GLY B 59 11.79 -9.82 4.50
C GLY B 59 12.02 -10.65 5.75
N GLY B 60 13.00 -11.55 5.68
CA GLY B 60 13.31 -12.42 6.81
C GLY B 60 12.30 -13.55 6.90
N LEU B 61 11.48 -13.48 7.95
CA LEU B 61 10.46 -14.48 8.20
C LEU B 61 9.20 -14.28 7.36
N GLY B 62 9.00 -13.05 6.87
CA GLY B 62 7.82 -12.72 6.09
C GLY B 62 7.34 -13.74 5.09
N CYS B 63 8.20 -14.09 4.14
CA CYS B 63 7.80 -15.05 3.12
C CYS B 63 7.37 -16.35 3.74
N GLU B 64 8.11 -16.79 4.73
CA GLU B 64 7.81 -18.06 5.37
C GLU B 64 6.53 -17.97 6.20
N LEU B 65 6.24 -16.79 6.73
CA LEU B 65 5.02 -16.57 7.50
C LEU B 65 3.75 -16.58 6.63
N LEU B 66 3.82 -15.96 5.45
CA LEU B 66 2.68 -15.91 4.54
C LEU B 66 2.31 -17.31 4.09
N LYS B 67 3.30 -18.12 3.75
CA LYS B 67 3.01 -19.48 3.33
C LYS B 67 2.30 -20.24 4.45
N ASN B 68 2.95 -20.28 5.62
CA ASN B 68 2.43 -20.99 6.79
C ASN B 68 1.01 -20.58 7.16
N LEU B 69 0.74 -19.28 7.27
CA LEU B 69 -0.59 -18.78 7.62
C LEU B 69 -1.64 -19.15 6.56
N ALA B 70 -1.26 -19.04 5.28
CA ALA B 70 -2.15 -19.34 4.18
C ALA B 70 -2.51 -20.80 4.12
N LEU B 71 -1.54 -21.67 4.39
CA LEU B 71 -1.84 -23.08 4.35
C LEU B 71 -2.45 -23.53 5.67
N SER B 72 -2.76 -22.59 6.55
CA SER B 72 -3.34 -22.92 7.84
C SER B 72 -4.78 -22.46 7.99
N GLY B 73 -5.34 -21.91 6.91
CA GLY B 73 -6.71 -21.48 6.97
C GLY B 73 -6.87 -19.99 7.04
N PHE B 74 -5.76 -19.25 7.07
CA PHE B 74 -5.89 -17.80 7.11
C PHE B 74 -6.00 -17.31 5.68
N ARG B 75 -6.87 -16.34 5.48
CA ARG B 75 -7.12 -15.85 4.15
C ARG B 75 -6.98 -14.35 4.09
N GLN B 76 -7.45 -13.68 5.12
CA GLN B 76 -7.39 -12.23 5.17
C GLN B 76 -6.08 -11.80 5.82
N ILE B 77 -5.02 -11.77 5.02
CA ILE B 77 -3.70 -11.40 5.52
C ILE B 77 -3.17 -10.14 4.86
N HIS B 78 -2.63 -9.23 5.65
CA HIS B 78 -2.06 -7.99 5.14
C HIS B 78 -0.55 -8.03 5.43
N VAL B 79 0.27 -7.57 4.48
CA VAL B 79 1.71 -7.53 4.67
C VAL B 79 2.22 -6.13 4.45
N ILE B 80 3.14 -5.71 5.31
CA ILE B 80 3.73 -4.38 5.26
C ILE B 80 5.22 -4.48 5.11
N ASP B 81 5.77 -3.77 4.14
CA ASP B 81 7.21 -3.76 3.92
C ASP B 81 7.54 -2.59 3.02
N MET B 82 8.60 -1.88 3.38
CA MET B 82 9.04 -0.70 2.64
C MET B 82 10.20 -1.05 1.70
N ASP B 83 10.67 -2.28 1.77
CA ASP B 83 11.81 -2.73 0.98
C ASP B 83 11.57 -3.16 -0.45
N THR B 84 12.67 -3.18 -1.18
CA THR B 84 12.66 -3.58 -2.56
C THR B 84 13.50 -4.84 -2.67
N ILE B 85 13.16 -5.69 -3.64
CA ILE B 85 13.86 -6.94 -3.84
C ILE B 85 15.29 -6.74 -4.30
N ASP B 86 16.20 -7.50 -3.68
CA ASP B 86 17.62 -7.43 -3.99
C ASP B 86 18.13 -8.84 -4.25
N VAL B 87 19.18 -8.94 -5.07
CA VAL B 87 19.74 -10.22 -5.42
C VAL B 87 20.13 -11.08 -4.21
N SER B 88 20.55 -10.45 -3.11
CA SER B 88 20.93 -11.22 -1.93
C SER B 88 19.76 -11.89 -1.21
N ASN B 89 18.53 -11.42 -1.49
CA ASN B 89 17.31 -11.99 -0.89
C ASN B 89 17.04 -13.41 -1.38
N LEU B 90 17.42 -13.67 -2.64
CA LEU B 90 17.13 -14.94 -3.27
C LEU B 90 17.64 -16.25 -2.64
N ASN B 91 18.55 -16.20 -1.68
CA ASN B 91 19.00 -17.45 -1.09
C ASN B 91 18.01 -17.96 -0.02
N ARG B 92 16.94 -17.21 0.22
CA ARG B 92 15.97 -17.66 1.22
C ARG B 92 14.56 -17.09 1.10
N GLN B 93 14.40 -16.01 0.33
CA GLN B 93 13.08 -15.42 0.18
C GLN B 93 12.43 -15.99 -1.08
N PHE B 94 12.16 -17.30 -1.01
CA PHE B 94 11.60 -18.08 -2.10
C PHE B 94 10.40 -17.52 -2.87
N LEU B 95 9.73 -16.50 -2.33
CA LEU B 95 8.61 -15.94 -3.04
C LEU B 95 9.08 -14.96 -4.12
N PHE B 96 10.38 -14.68 -4.13
CA PHE B 96 10.95 -13.73 -5.07
C PHE B 96 11.84 -14.44 -6.09
N ARG B 97 11.86 -13.92 -7.31
CA ARG B 97 12.68 -14.48 -8.37
C ARG B 97 13.52 -13.38 -9.01
N PRO B 98 14.64 -13.74 -9.67
CA PRO B 98 15.51 -12.75 -10.31
C PRO B 98 14.77 -11.65 -11.08
N LYS B 99 13.70 -12.01 -11.76
CA LYS B 99 12.94 -11.02 -12.51
C LYS B 99 12.27 -9.97 -11.64
N ASP B 100 12.09 -10.26 -10.35
CA ASP B 100 11.44 -9.30 -9.45
C ASP B 100 12.42 -8.32 -8.83
N ILE B 101 13.71 -8.54 -9.06
CA ILE B 101 14.71 -7.65 -8.51
C ILE B 101 14.34 -6.19 -8.78
N GLY B 102 14.26 -5.40 -7.72
CA GLY B 102 13.89 -4.01 -7.90
C GLY B 102 12.45 -3.72 -7.54
N ARG B 103 11.56 -4.70 -7.67
CA ARG B 103 10.15 -4.49 -7.33
C ARG B 103 9.92 -4.46 -5.81
N PRO B 104 8.78 -3.90 -5.37
CA PRO B 104 8.49 -3.84 -3.93
C PRO B 104 8.25 -5.25 -3.39
N LYS B 105 8.92 -5.60 -2.29
CA LYS B 105 8.79 -6.92 -1.70
C LYS B 105 7.35 -7.28 -1.33
N ALA B 106 6.66 -6.37 -0.64
CA ALA B 106 5.28 -6.65 -0.22
C ALA B 106 4.42 -7.02 -1.43
N GLU B 107 4.57 -6.25 -2.49
CA GLU B 107 3.82 -6.49 -3.71
C GLU B 107 4.05 -7.92 -4.25
N VAL B 108 5.27 -8.18 -4.72
CA VAL B 108 5.60 -9.49 -5.30
C VAL B 108 5.18 -10.64 -4.36
N ALA B 109 5.32 -10.43 -3.06
CA ALA B 109 4.97 -11.45 -2.08
C ALA B 109 3.48 -11.81 -2.19
N ALA B 110 2.60 -10.81 -2.06
CA ALA B 110 1.17 -11.08 -2.16
C ALA B 110 0.88 -11.73 -3.50
N GLU B 111 1.47 -11.13 -4.54
CA GLU B 111 1.32 -11.60 -5.91
C GLU B 111 1.58 -13.10 -5.99
N PHE B 112 2.75 -13.52 -5.52
CA PHE B 112 3.10 -14.93 -5.57
C PHE B 112 2.15 -15.82 -4.79
N LEU B 113 1.87 -15.43 -3.57
CA LEU B 113 0.98 -16.20 -2.71
C LEU B 113 -0.42 -16.32 -3.26
N ASN B 114 -1.01 -15.20 -3.67
CA ASN B 114 -2.37 -15.21 -4.19
C ASN B 114 -2.52 -16.17 -5.35
N ASP B 115 -1.42 -16.41 -6.05
CA ASP B 115 -1.43 -17.31 -7.19
C ASP B 115 -1.12 -18.76 -6.82
N ARG B 116 -0.33 -18.98 -5.77
CA ARG B 116 0.01 -20.34 -5.39
C ARG B 116 -1.04 -20.95 -4.45
N VAL B 117 -1.68 -20.11 -3.65
CA VAL B 117 -2.71 -20.61 -2.74
C VAL B 117 -4.02 -20.04 -3.24
N PRO B 118 -4.81 -20.87 -3.92
CA PRO B 118 -6.10 -20.57 -4.52
C PRO B 118 -6.98 -19.46 -3.97
N ASN B 119 -7.43 -19.49 -2.74
CA ASN B 119 -8.32 -18.36 -2.40
C ASN B 119 -7.83 -17.35 -1.39
N CYS B 120 -6.53 -17.36 -1.16
CA CYS B 120 -5.92 -16.46 -0.21
C CYS B 120 -6.06 -15.04 -0.72
N ASN B 121 -6.33 -14.11 0.19
CA ASN B 121 -6.48 -12.72 -0.21
C ASN B 121 -5.46 -11.85 0.49
N VAL B 122 -4.20 -12.03 0.10
CA VAL B 122 -3.10 -11.28 0.69
C VAL B 122 -3.06 -9.83 0.17
N VAL B 123 -3.12 -8.86 1.07
CA VAL B 123 -3.11 -7.45 0.71
C VAL B 123 -1.78 -6.81 1.08
N PRO B 124 -1.08 -6.26 0.08
CA PRO B 124 0.22 -5.62 0.31
C PRO B 124 0.10 -4.17 0.69
N HIS B 125 1.15 -3.65 1.31
CA HIS B 125 1.23 -2.26 1.74
C HIS B 125 2.71 -1.87 1.65
N PHE B 126 3.05 -1.12 0.60
CA PHE B 126 4.42 -0.68 0.40
C PHE B 126 4.63 0.55 1.29
N ASN B 127 4.75 0.26 2.59
CA ASN B 127 4.90 1.29 3.61
C ASN B 127 5.82 0.81 4.73
N LYS B 128 6.08 1.71 5.67
CA LYS B 128 6.85 1.34 6.85
C LYS B 128 5.81 1.43 7.98
N ILE B 129 5.89 0.53 8.97
CA ILE B 129 4.90 0.51 10.04
C ILE B 129 4.62 1.85 10.73
N GLN B 130 5.58 2.76 10.69
CA GLN B 130 5.40 4.07 11.31
C GLN B 130 4.44 4.94 10.51
N ASP B 131 4.24 4.60 9.24
CA ASP B 131 3.33 5.36 8.39
C ASP B 131 1.89 5.23 8.86
N PHE B 132 1.60 4.20 9.64
CA PHE B 132 0.25 3.97 10.12
C PHE B 132 0.03 4.27 11.60
N ASN B 133 -1.22 4.51 12.01
CA ASN B 133 -1.52 4.76 13.41
C ASN B 133 -2.66 3.90 13.94
N ASP B 134 -3.08 4.17 15.17
CA ASP B 134 -4.17 3.46 15.86
C ASP B 134 -5.26 2.89 14.97
N THR B 135 -5.93 3.78 14.26
CA THR B 135 -7.03 3.42 13.37
C THR B 135 -6.73 2.23 12.50
N PHE B 136 -5.52 2.17 11.97
CA PHE B 136 -5.15 1.07 11.10
C PHE B 136 -4.90 -0.25 11.83
N TYR B 137 -4.01 -0.21 12.82
CA TYR B 137 -3.68 -1.42 13.54
C TYR B 137 -4.89 -2.04 14.23
N ARG B 138 -5.85 -1.19 14.62
CA ARG B 138 -7.07 -1.65 15.29
C ARG B 138 -7.86 -2.64 14.48
N GLN B 139 -7.66 -2.65 13.15
CA GLN B 139 -8.39 -3.56 12.29
C GLN B 139 -7.92 -5.01 12.37
N PHE B 140 -6.90 -5.29 13.16
CA PHE B 140 -6.43 -6.68 13.21
C PHE B 140 -6.64 -7.42 14.51
N HIS B 141 -6.79 -8.75 14.39
CA HIS B 141 -6.97 -9.65 15.53
C HIS B 141 -5.60 -10.07 16.05
N ILE B 142 -4.67 -10.32 15.14
CA ILE B 142 -3.35 -10.75 15.55
C ILE B 142 -2.30 -10.09 14.68
N ILE B 143 -1.18 -9.73 15.29
CA ILE B 143 -0.10 -9.14 14.51
C ILE B 143 1.18 -9.98 14.67
N VAL B 144 1.77 -10.40 13.54
CA VAL B 144 3.02 -11.17 13.59
C VAL B 144 4.17 -10.32 13.05
N CYS B 145 5.19 -10.11 13.88
CA CYS B 145 6.33 -9.32 13.47
C CYS B 145 7.55 -10.21 13.22
N GLY B 146 8.10 -10.11 12.02
CA GLY B 146 9.26 -10.90 11.66
C GLY B 146 10.36 -10.06 11.01
N LEU B 147 10.32 -8.75 11.22
CA LEU B 147 11.30 -7.84 10.65
C LEU B 147 12.65 -7.93 11.38
N ASP B 148 13.67 -7.27 10.84
CA ASP B 148 15.01 -7.33 11.41
C ASP B 148 15.45 -6.37 12.52
N SER B 149 15.04 -5.11 12.47
CA SER B 149 15.49 -4.16 13.49
C SER B 149 14.73 -4.11 14.81
N ILE B 150 15.47 -3.79 15.88
CA ILE B 150 14.91 -3.68 17.23
C ILE B 150 14.08 -2.40 17.32
N ILE B 151 14.44 -1.42 16.52
CA ILE B 151 13.72 -0.16 16.48
C ILE B 151 12.29 -0.40 16.01
N ALA B 152 12.14 -1.30 15.05
CA ALA B 152 10.83 -1.66 14.50
C ALA B 152 10.04 -2.49 15.50
N ARG B 153 10.73 -3.43 16.16
CA ARG B 153 10.11 -4.29 17.17
C ARG B 153 9.59 -3.44 18.33
N ARG B 154 10.39 -2.51 18.79
CA ARG B 154 9.93 -1.66 19.88
C ARG B 154 8.84 -0.73 19.40
N TRP B 155 8.87 -0.35 18.12
CA TRP B 155 7.83 0.56 17.66
C TRP B 155 6.45 -0.12 17.63
N ILE B 156 6.37 -1.32 17.07
CA ILE B 156 5.07 -1.99 17.01
C ILE B 156 4.61 -2.42 18.40
N ASN B 157 5.56 -2.56 19.32
CA ASN B 157 5.30 -2.96 20.70
C ASN B 157 4.57 -1.82 21.40
N GLY B 158 4.99 -0.59 21.11
CA GLY B 158 4.37 0.58 21.70
C GLY B 158 2.98 0.83 21.10
N MET B 159 2.83 0.58 19.81
CA MET B 159 1.55 0.77 19.15
C MET B 159 0.49 -0.11 19.79
N LEU B 160 0.74 -1.41 19.83
CA LEU B 160 -0.21 -2.34 20.41
C LEU B 160 -0.56 -2.04 21.87
N ILE B 161 0.43 -1.63 22.67
CA ILE B 161 0.16 -1.30 24.05
C ILE B 161 -0.77 -0.09 24.14
N SER B 162 -0.55 0.91 23.28
CA SER B 162 -1.38 2.11 23.33
C SER B 162 -2.83 1.77 22.99
N LEU B 163 -3.05 0.64 22.32
CA LEU B 163 -4.41 0.22 21.98
C LEU B 163 -5.10 -0.35 23.22
N LEU B 164 -4.32 -0.59 24.28
CA LEU B 164 -4.90 -1.14 25.50
C LEU B 164 -5.86 -0.14 26.14
N ASN B 165 -7.04 -0.62 26.51
CA ASN B 165 -8.01 0.27 27.13
C ASN B 165 -8.22 -0.11 28.60
N TYR B 166 -7.79 0.77 29.50
CA TYR B 166 -7.93 0.53 30.93
C TYR B 166 -9.15 1.20 31.53
N GLU B 167 -9.89 0.44 32.33
CA GLU B 167 -11.09 0.93 32.98
C GLU B 167 -10.85 1.03 34.49
N ASP B 168 -10.70 2.25 34.99
CA ASP B 168 -10.45 2.48 36.41
C ASP B 168 -9.35 1.59 36.94
N GLY B 169 -8.28 1.43 36.17
CA GLY B 169 -7.17 0.60 36.60
C GLY B 169 -7.30 -0.87 36.27
N VAL B 170 -8.34 -1.24 35.53
CA VAL B 170 -8.54 -2.64 35.15
C VAL B 170 -8.55 -2.84 33.63
N LEU B 171 -7.54 -3.57 33.13
CA LEU B 171 -7.42 -3.82 31.71
C LEU B 171 -8.60 -4.55 31.07
N ASP B 172 -9.12 -3.99 29.99
CA ASP B 172 -10.23 -4.59 29.25
C ASP B 172 -9.61 -5.59 28.28
N PRO B 173 -9.69 -6.89 28.61
CA PRO B 173 -9.15 -7.98 27.79
C PRO B 173 -9.44 -7.93 26.30
N SER B 174 -10.58 -7.37 25.92
CA SER B 174 -10.92 -7.30 24.50
C SER B 174 -10.10 -6.23 23.75
N SER B 175 -9.40 -5.39 24.49
CA SER B 175 -8.59 -4.36 23.86
C SER B 175 -7.17 -4.90 23.63
N ILE B 176 -6.93 -6.14 24.01
CA ILE B 176 -5.61 -6.77 23.83
C ILE B 176 -5.40 -7.37 22.44
N VAL B 177 -4.38 -6.90 21.74
CA VAL B 177 -4.07 -7.41 20.42
C VAL B 177 -2.78 -8.24 20.54
N PRO B 178 -2.89 -9.55 20.32
CA PRO B 178 -1.72 -10.44 20.41
C PRO B 178 -0.62 -10.10 19.42
N LEU B 179 0.61 -10.12 19.89
CA LEU B 179 1.78 -9.86 19.04
C LEU B 179 2.73 -11.07 19.08
N ILE B 180 2.91 -11.74 17.94
CA ILE B 180 3.84 -12.87 17.86
C ILE B 180 5.07 -12.31 17.15
N ASP B 181 6.25 -12.44 17.76
CA ASP B 181 7.47 -11.87 17.21
C ASP B 181 8.57 -12.90 17.08
N GLY B 182 9.16 -12.96 15.89
CA GLY B 182 10.24 -13.91 15.63
C GLY B 182 11.46 -13.25 15.03
N GLY B 183 12.62 -13.84 15.26
CA GLY B 183 13.84 -13.31 14.72
C GLY B 183 14.82 -14.41 14.43
N THR B 184 15.82 -14.11 13.62
CA THR B 184 16.81 -15.11 13.28
C THR B 184 18.19 -14.51 13.06
N GLU B 185 19.20 -15.27 13.42
CA GLU B 185 20.60 -14.86 13.27
C GLU B 185 21.44 -16.11 12.99
N GLY B 186 21.69 -16.37 11.71
CA GLY B 186 22.47 -17.53 11.36
C GLY B 186 21.71 -18.80 11.69
N PHE B 187 22.26 -19.61 12.59
CA PHE B 187 21.60 -20.84 12.96
C PHE B 187 20.97 -20.73 14.35
N LYS B 188 20.60 -19.51 14.70
CA LYS B 188 19.94 -19.21 15.96
C LYS B 188 18.73 -18.40 15.58
N GLY B 189 17.70 -18.49 16.43
CA GLY B 189 16.47 -17.75 16.17
C GLY B 189 15.69 -17.73 17.45
N ASN B 190 14.63 -16.93 17.50
CA ASN B 190 13.80 -16.85 18.68
C ASN B 190 12.37 -16.46 18.27
N ALA B 191 11.36 -16.95 19.01
CA ALA B 191 9.95 -16.64 18.74
C ALA B 191 9.30 -16.38 20.08
N ARG B 192 8.35 -15.45 20.13
CA ARG B 192 7.73 -15.19 21.39
C ARG B 192 6.32 -14.68 21.21
N VAL B 193 5.48 -14.92 22.21
CA VAL B 193 4.11 -14.48 22.18
C VAL B 193 4.03 -13.37 23.21
N ILE B 194 3.42 -12.25 22.81
CA ILE B 194 3.28 -11.12 23.69
C ILE B 194 1.83 -10.70 23.73
N LEU B 195 1.31 -10.59 24.94
CA LEU B 195 -0.07 -10.19 25.18
C LEU B 195 0.05 -8.87 25.93
N PRO B 196 -0.01 -7.75 25.18
CA PRO B 196 0.09 -6.42 25.76
C PRO B 196 -0.73 -6.30 27.04
N GLY B 197 -0.10 -5.85 28.11
CA GLY B 197 -0.80 -5.69 29.37
C GLY B 197 -0.97 -6.96 30.18
N MET B 198 -0.58 -8.11 29.64
CA MET B 198 -0.70 -9.37 30.38
C MET B 198 0.64 -10.08 30.54
N THR B 199 1.40 -10.10 29.46
CA THR B 199 2.69 -10.75 29.40
C THR B 199 3.79 -9.69 29.36
N ALA B 200 5.04 -10.16 29.42
CA ALA B 200 6.17 -9.26 29.29
C ALA B 200 6.12 -8.78 27.83
N CYS B 201 6.46 -7.51 27.61
CA CYS B 201 6.44 -6.95 26.27
C CYS B 201 7.90 -6.78 25.84
N ILE B 202 8.10 -6.32 24.61
CA ILE B 202 9.44 -6.12 24.06
C ILE B 202 10.32 -5.31 24.99
N GLU B 203 9.78 -4.22 25.54
CA GLU B 203 10.53 -3.35 26.44
C GLU B 203 10.75 -3.96 27.82
N CYS B 204 9.94 -4.96 28.19
CA CYS B 204 10.04 -5.62 29.49
C CYS B 204 11.32 -6.42 29.62
N THR B 205 11.86 -6.83 28.49
CA THR B 205 13.05 -7.65 28.49
C THR B 205 14.09 -7.08 27.54
N LEU B 206 14.28 -5.77 27.59
CA LEU B 206 15.24 -5.13 26.70
C LEU B 206 16.65 -5.70 26.84
N GLU B 207 16.96 -6.29 27.98
CA GLU B 207 18.29 -6.88 28.18
C GLU B 207 18.54 -8.04 27.21
N LEU B 208 17.74 -8.12 26.14
CA LEU B 208 17.87 -9.18 25.14
C LEU B 208 17.77 -8.66 23.72
N TYR B 209 17.19 -7.48 23.53
CA TYR B 209 16.98 -6.93 22.20
C TYR B 209 18.04 -5.97 21.64
N PRO B 210 18.42 -4.92 22.38
CA PRO B 210 19.43 -3.99 21.87
C PRO B 210 20.89 -4.46 21.77
N PRO B 211 21.21 -5.70 22.20
CA PRO B 211 22.61 -6.11 22.07
C PRO B 211 23.13 -6.05 20.64
N GLN B 212 23.53 -4.85 20.21
CA GLN B 212 24.07 -4.63 18.89
C GLN B 212 25.39 -3.86 19.06
N VAL B 213 26.13 -3.70 17.99
CA VAL B 213 27.41 -2.99 18.07
C VAL B 213 27.51 -1.68 17.31
N ASN B 214 28.11 -0.70 17.97
CA ASN B 214 28.34 0.62 17.41
C ASN B 214 29.71 1.01 17.97
N PHE B 215 30.73 0.80 17.15
CA PHE B 215 32.10 1.09 17.53
C PHE B 215 32.31 2.48 18.12
N PRO B 216 32.93 2.54 19.32
CA PRO B 216 33.22 3.80 20.04
C PRO B 216 34.05 4.76 19.19
N MET B 217 33.58 6.00 19.08
CA MET B 217 34.27 7.02 18.30
C MET B 217 35.76 7.15 18.62
N CYS B 218 36.15 6.81 19.85
CA CYS B 218 37.54 6.91 20.23
C CYS B 218 38.42 5.79 19.64
N THR B 219 37.95 4.55 19.69
CA THR B 219 38.77 3.48 19.15
C THR B 219 38.82 3.56 17.62
N ILE B 220 37.70 3.86 16.98
CA ILE B 220 37.66 3.94 15.53
C ILE B 220 38.53 5.07 14.99
N ALA B 221 38.50 6.23 15.64
CA ALA B 221 39.29 7.36 15.18
C ALA B 221 40.74 7.40 15.64
N SER B 222 41.07 6.72 16.74
CA SER B 222 42.46 6.80 17.21
C SER B 222 43.10 5.51 17.73
N MET B 223 42.36 4.40 17.72
CA MET B 223 42.94 3.14 18.19
C MET B 223 42.43 1.93 17.42
N PRO B 224 42.48 1.99 16.08
CA PRO B 224 42.02 0.83 15.30
C PRO B 224 42.87 -0.40 15.65
N ARG B 225 42.23 -1.57 15.64
CA ARG B 225 42.90 -2.81 15.96
C ARG B 225 42.41 -3.89 15.03
N LEU B 226 41.19 -3.73 14.55
CA LEU B 226 40.60 -4.76 13.69
C LEU B 226 40.27 -4.17 12.35
N PRO B 227 40.23 -5.00 11.31
CA PRO B 227 39.91 -4.46 9.98
C PRO B 227 38.57 -3.73 9.99
N GLU B 228 37.61 -4.29 10.71
CA GLU B 228 36.28 -3.68 10.83
C GLU B 228 36.39 -2.23 11.30
N HIS B 229 37.32 -1.95 12.22
CA HIS B 229 37.49 -0.58 12.71
C HIS B 229 37.90 0.32 11.57
N CYS B 230 38.76 -0.18 10.69
CA CYS B 230 39.22 0.64 9.58
C CYS B 230 38.08 0.99 8.66
N ILE B 231 37.33 -0.03 8.27
CA ILE B 231 36.19 0.15 7.38
C ILE B 231 35.23 1.10 8.06
N GLU B 232 34.96 0.86 9.33
CA GLU B 232 34.04 1.71 10.09
C GLU B 232 34.45 3.20 9.97
N TYR B 233 35.74 3.47 10.14
CA TYR B 233 36.29 4.82 10.04
C TYR B 233 35.99 5.48 8.69
N VAL B 234 36.27 4.77 7.61
CA VAL B 234 36.04 5.33 6.30
C VAL B 234 34.57 5.67 6.07
N ARG B 235 33.70 4.78 6.52
CA ARG B 235 32.25 4.94 6.38
C ARG B 235 31.62 6.04 7.23
N MET B 236 32.02 6.10 8.50
CA MET B 236 31.47 7.05 9.43
C MET B 236 32.23 8.37 9.54
N LEU B 237 33.41 8.48 8.94
CA LEU B 237 34.14 9.74 9.03
C LEU B 237 34.74 10.21 7.71
N GLN B 238 35.50 9.35 7.05
CA GLN B 238 36.14 9.73 5.79
C GLN B 238 35.16 10.04 4.68
N TRP B 239 34.10 9.25 4.56
CA TRP B 239 33.12 9.50 3.49
C TRP B 239 32.41 10.83 3.71
N PRO B 240 32.00 11.14 4.95
CA PRO B 240 31.32 12.42 5.17
C PRO B 240 32.26 13.60 4.90
N LYS B 241 33.48 13.54 5.43
CA LYS B 241 34.47 14.61 5.24
C LYS B 241 34.65 14.82 3.74
N GLU B 242 35.28 13.85 3.09
CA GLU B 242 35.46 13.91 1.65
C GLU B 242 34.05 13.58 1.14
N GLN B 243 33.79 13.78 -0.13
CA GLN B 243 32.49 13.42 -0.68
C GLN B 243 32.82 12.91 -2.06
N PRO B 244 33.47 11.73 -2.10
CA PRO B 244 33.93 11.01 -3.28
C PRO B 244 33.02 11.05 -4.49
N PHE B 245 31.74 10.75 -4.28
CA PHE B 245 30.78 10.72 -5.38
C PHE B 245 29.86 11.93 -5.52
N GLY B 246 30.40 13.13 -5.27
CA GLY B 246 29.60 14.34 -5.40
C GLY B 246 29.18 14.98 -4.10
N GLU B 247 29.38 16.30 -4.01
CA GLU B 247 29.00 17.04 -2.82
C GLU B 247 27.54 16.78 -2.47
N GLY B 248 27.30 16.39 -1.22
CA GLY B 248 25.95 16.14 -0.79
C GLY B 248 25.44 14.74 -1.06
N VAL B 249 26.19 13.95 -1.83
CA VAL B 249 25.77 12.58 -2.12
C VAL B 249 26.11 11.63 -0.98
N PRO B 250 25.12 10.90 -0.47
CA PRO B 250 25.31 9.94 0.62
C PRO B 250 25.84 8.58 0.14
N LEU B 251 26.35 7.79 1.08
CA LEU B 251 26.90 6.46 0.79
C LEU B 251 25.85 5.39 0.52
N ASP B 252 25.89 4.79 -0.65
CA ASP B 252 24.94 3.73 -1.00
C ASP B 252 25.56 2.34 -0.83
N GLY B 253 25.14 1.65 0.22
CA GLY B 253 25.66 0.34 0.52
C GLY B 253 25.55 -0.70 -0.59
N ASP B 254 24.54 -0.57 -1.43
CA ASP B 254 24.33 -1.51 -2.52
C ASP B 254 25.04 -1.08 -3.80
N ASP B 255 25.62 0.11 -3.78
CA ASP B 255 26.33 0.61 -4.96
C ASP B 255 27.77 0.07 -4.97
N PRO B 256 28.10 -0.76 -5.98
CA PRO B 256 29.42 -1.38 -6.16
C PRO B 256 30.59 -0.40 -6.18
N GLU B 257 30.43 0.73 -6.86
CA GLU B 257 31.49 1.71 -6.93
C GLU B 257 31.71 2.35 -5.56
N HIS B 258 30.66 2.39 -4.76
CA HIS B 258 30.76 2.97 -3.42
C HIS B 258 31.53 2.05 -2.49
N ILE B 259 31.24 0.75 -2.55
CA ILE B 259 31.91 -0.23 -1.72
C ILE B 259 33.38 -0.28 -2.11
N GLN B 260 33.63 -0.29 -3.42
CA GLN B 260 34.98 -0.31 -3.95
C GLN B 260 35.79 0.83 -3.33
N TRP B 261 35.19 2.02 -3.28
CA TRP B 261 35.86 3.18 -2.71
C TRP B 261 36.12 2.96 -1.21
N ILE B 262 35.09 2.55 -0.46
CA ILE B 262 35.24 2.30 0.98
C ILE B 262 36.34 1.27 1.21
N PHE B 263 36.41 0.30 0.32
CA PHE B 263 37.39 -0.77 0.41
C PHE B 263 38.82 -0.25 0.25
N GLN B 264 39.08 0.46 -0.84
CA GLN B 264 40.42 0.97 -1.08
C GLN B 264 40.93 1.89 0.02
N LYS B 265 40.08 2.79 0.49
CA LYS B 265 40.44 3.71 1.54
C LYS B 265 40.66 2.98 2.86
N SER B 266 39.89 1.91 3.08
CA SER B 266 40.03 1.13 4.32
C SER B 266 41.36 0.40 4.33
N LEU B 267 41.72 -0.18 3.18
CA LEU B 267 42.98 -0.90 3.04
C LEU B 267 44.12 0.05 3.38
N GLU B 268 44.01 1.26 2.89
CA GLU B 268 45.03 2.25 3.12
C GLU B 268 45.19 2.53 4.60
N ARG B 269 44.07 2.64 5.32
CA ARG B 269 44.11 2.89 6.76
C ARG B 269 44.68 1.67 7.48
N ALA B 270 44.27 0.47 7.09
CA ALA B 270 44.77 -0.73 7.74
C ALA B 270 46.29 -0.82 7.54
N SER B 271 46.77 -0.40 6.38
CA SER B 271 48.20 -0.42 6.08
C SER B 271 49.00 0.41 7.08
N GLN B 272 48.49 1.58 7.36
CA GLN B 272 49.13 2.51 8.26
C GLN B 272 49.23 2.02 9.70
N TYR B 273 48.31 1.16 10.12
CA TYR B 273 48.33 0.65 11.48
C TYR B 273 48.68 -0.81 11.55
N ASN B 274 49.20 -1.34 10.44
CA ASN B 274 49.59 -2.74 10.38
C ASN B 274 48.47 -3.70 10.73
N ILE B 275 47.27 -3.38 10.24
CA ILE B 275 46.14 -4.25 10.47
C ILE B 275 45.86 -5.05 9.22
N ARG B 276 45.84 -6.38 9.35
CA ARG B 276 45.54 -7.28 8.24
C ARG B 276 44.03 -7.53 8.17
N GLY B 277 43.59 -8.25 7.15
CA GLY B 277 42.18 -8.60 7.03
C GLY B 277 41.18 -7.76 6.27
N VAL B 278 41.51 -6.53 5.89
CA VAL B 278 40.50 -5.79 5.17
C VAL B 278 40.27 -6.52 3.86
N THR B 279 39.00 -6.69 3.55
CA THR B 279 38.57 -7.42 2.39
C THR B 279 37.32 -6.75 1.84
N TYR B 280 37.02 -7.00 0.57
CA TYR B 280 35.83 -6.44 -0.05
C TYR B 280 34.57 -7.03 0.59
N ARG B 281 34.57 -8.34 0.78
CA ARG B 281 33.44 -9.01 1.38
C ARG B 281 33.21 -8.45 2.77
N LEU B 282 34.30 -8.19 3.48
CA LEU B 282 34.23 -7.65 4.83
C LEU B 282 33.71 -6.21 4.82
N THR B 283 34.08 -5.45 3.78
CA THR B 283 33.63 -4.08 3.67
C THR B 283 32.10 -4.06 3.53
N GLN B 284 31.59 -4.91 2.64
CA GLN B 284 30.15 -5.00 2.43
C GLN B 284 29.47 -5.32 3.75
N GLY B 285 29.92 -6.38 4.40
CA GLY B 285 29.32 -6.76 5.66
C GLY B 285 29.25 -5.62 6.67
N VAL B 286 30.31 -4.83 6.75
CA VAL B 286 30.33 -3.75 7.72
C VAL B 286 29.50 -2.53 7.29
N VAL B 287 29.56 -2.16 6.01
CA VAL B 287 28.79 -1.02 5.59
C VAL B 287 27.28 -1.29 5.78
N LYS B 288 26.83 -2.47 5.37
CA LYS B 288 25.41 -2.80 5.49
C LYS B 288 25.03 -3.51 6.79
N ARG B 289 25.98 -3.71 7.69
CA ARG B 289 25.66 -4.38 8.93
C ARG B 289 24.98 -5.72 8.62
N ILE B 290 25.51 -6.40 7.60
CA ILE B 290 24.97 -7.69 7.18
C ILE B 290 24.93 -8.76 8.28
N ILE B 291 23.78 -9.42 8.39
CA ILE B 291 23.58 -10.49 9.36
C ILE B 291 23.50 -11.77 8.52
N PRO B 292 24.32 -12.78 8.83
CA PRO B 292 24.26 -14.02 8.04
C PRO B 292 22.85 -14.60 8.12
N ALA B 293 22.37 -15.18 7.02
CA ALA B 293 21.02 -15.72 7.01
C ALA B 293 20.82 -16.88 6.05
N VAL B 294 20.03 -17.88 6.48
CA VAL B 294 19.75 -19.03 5.65
C VAL B 294 18.26 -19.29 5.63
N ALA B 295 17.81 -20.15 4.74
CA ALA B 295 16.38 -20.45 4.64
C ALA B 295 15.93 -21.31 5.82
N SER B 296 16.73 -22.34 6.08
CA SER B 296 16.41 -23.29 7.13
C SER B 296 16.03 -22.66 8.49
N THR B 297 16.80 -21.72 8.99
CA THR B 297 16.45 -21.15 10.29
C THR B 297 15.18 -20.33 10.25
N ASN B 298 14.92 -19.70 9.11
CA ASN B 298 13.72 -18.89 8.96
C ASN B 298 12.50 -19.80 8.93
N ALA B 299 12.65 -20.96 8.32
CA ALA B 299 11.55 -21.89 8.22
C ALA B 299 11.18 -22.34 9.61
N VAL B 300 12.19 -22.67 10.41
CA VAL B 300 11.93 -23.14 11.77
C VAL B 300 11.18 -22.08 12.58
N ILE B 301 11.73 -20.88 12.61
CA ILE B 301 11.10 -19.84 13.39
C ILE B 301 9.74 -19.40 12.87
N ALA B 302 9.58 -19.38 11.56
CA ALA B 302 8.29 -18.96 11.01
C ALA B 302 7.28 -20.05 11.33
N ALA B 303 7.73 -21.30 11.36
CA ALA B 303 6.85 -22.41 11.69
C ALA B 303 6.31 -22.26 13.12
N VAL B 304 7.19 -22.04 14.09
CA VAL B 304 6.77 -21.84 15.47
C VAL B 304 5.80 -20.66 15.58
N CYS B 305 6.14 -19.53 14.97
CA CYS B 305 5.24 -18.38 15.03
C CYS B 305 3.87 -18.63 14.41
N ALA B 306 3.84 -19.26 13.24
CA ALA B 306 2.58 -19.54 12.54
C ALA B 306 1.71 -20.42 13.43
N THR B 307 2.32 -21.46 14.00
CA THR B 307 1.63 -22.36 14.90
C THR B 307 1.00 -21.59 16.05
N GLU B 308 1.70 -20.63 16.63
CA GLU B 308 1.12 -19.88 17.73
C GLU B 308 0.02 -18.95 17.23
N VAL B 309 0.13 -18.46 16.00
CA VAL B 309 -0.89 -17.57 15.47
C VAL B 309 -2.20 -18.36 15.38
N PHE B 310 -2.11 -19.57 14.86
CA PHE B 310 -3.24 -20.46 14.73
C PHE B 310 -3.89 -20.68 16.10
N LYS B 311 -3.08 -21.13 17.05
CA LYS B 311 -3.54 -21.40 18.40
C LYS B 311 -4.31 -20.27 19.04
N ILE B 312 -3.79 -19.06 18.89
CA ILE B 312 -4.42 -17.90 19.47
C ILE B 312 -5.71 -17.52 18.76
N ALA B 313 -5.76 -17.76 17.45
CA ALA B 313 -6.95 -17.43 16.68
C ALA B 313 -8.11 -18.40 16.93
N THR B 314 -7.80 -19.67 17.14
CA THR B 314 -8.76 -20.74 17.33
C THR B 314 -8.91 -21.30 18.74
N SER B 315 -7.99 -20.95 19.64
CA SER B 315 -8.00 -21.51 20.98
C SER B 315 -7.84 -23.03 20.88
N ALA B 316 -7.21 -23.51 19.82
CA ALA B 316 -6.99 -24.96 19.71
C ALA B 316 -6.16 -25.41 20.91
N TYR B 317 -5.05 -24.74 21.17
CA TYR B 317 -4.21 -25.08 22.32
C TYR B 317 -3.77 -23.81 23.00
N ILE B 318 -3.15 -23.99 24.16
CA ILE B 318 -2.65 -22.90 24.96
C ILE B 318 -1.38 -22.34 24.30
N PRO B 319 -1.23 -21.01 24.31
CA PRO B 319 -0.08 -20.32 23.71
C PRO B 319 1.28 -20.64 24.35
N LEU B 320 2.32 -20.44 23.55
CA LEU B 320 3.69 -20.62 23.99
C LEU B 320 3.80 -19.81 25.28
N ASN B 321 4.32 -20.44 26.34
CA ASN B 321 4.47 -19.73 27.60
C ASN B 321 5.66 -18.80 27.43
N ASN B 322 5.35 -17.94 26.47
CA ASN B 322 5.99 -16.83 25.82
C ASN B 322 7.33 -16.68 25.16
N TYR B 323 8.38 -17.43 25.50
CA TYR B 323 9.64 -17.15 24.81
C TYR B 323 10.51 -18.34 24.44
N LEU B 324 10.65 -18.60 23.14
CA LEU B 324 11.43 -19.73 22.68
C LEU B 324 12.69 -19.41 21.90
N VAL B 325 13.74 -20.15 22.17
CA VAL B 325 15.03 -19.96 21.52
C VAL B 325 15.32 -21.24 20.74
N PHE B 326 15.85 -21.08 19.52
CA PHE B 326 16.21 -22.22 18.66
C PHE B 326 17.68 -22.08 18.31
N ASN B 327 18.42 -23.17 18.37
CA ASN B 327 19.83 -23.14 18.05
C ASN B 327 20.22 -24.41 17.28
N ASP B 328 20.82 -24.23 16.10
CA ASP B 328 21.18 -25.33 15.21
C ASP B 328 22.68 -25.61 15.06
N VAL B 329 23.52 -24.90 15.80
CA VAL B 329 24.97 -25.06 15.67
C VAL B 329 25.56 -26.39 16.09
N ASP B 330 25.29 -26.83 17.33
CA ASP B 330 25.79 -28.09 17.87
C ASP B 330 24.59 -28.98 18.13
N GLY B 331 24.30 -29.90 17.22
CA GLY B 331 23.11 -30.71 17.38
C GLY B 331 21.99 -29.70 17.15
N LEU B 332 20.88 -29.83 17.85
CA LEU B 332 19.81 -28.86 17.71
C LEU B 332 18.93 -28.87 18.93
N TYR B 333 18.38 -27.73 19.30
CA TYR B 333 17.52 -27.70 20.46
C TYR B 333 16.66 -26.48 20.50
N THR B 334 15.58 -26.58 21.26
CA THR B 334 14.69 -25.46 21.50
C THR B 334 14.64 -25.34 23.01
N TYR B 335 14.43 -24.12 23.49
CA TYR B 335 14.41 -23.83 24.91
C TYR B 335 13.35 -22.77 25.10
N THR B 336 12.45 -22.98 26.06
CA THR B 336 11.38 -22.03 26.30
C THR B 336 11.30 -21.66 27.77
N PHE B 337 11.01 -20.39 28.05
CA PHE B 337 10.81 -19.94 29.42
C PHE B 337 9.80 -18.82 29.35
N GLU B 338 9.27 -18.42 30.50
CA GLU B 338 8.29 -17.36 30.54
C GLU B 338 8.96 -16.08 30.95
N ALA B 339 9.07 -15.15 30.02
CA ALA B 339 9.68 -13.86 30.34
C ALA B 339 8.67 -13.15 31.22
N GLU B 340 9.14 -12.61 32.33
CA GLU B 340 8.25 -11.90 33.26
C GLU B 340 8.02 -10.44 32.93
N ARG B 341 6.83 -9.97 33.25
CA ARG B 341 6.48 -8.60 33.03
C ARG B 341 7.13 -7.69 34.09
N LYS B 342 7.96 -6.74 33.68
CA LYS B 342 8.59 -5.82 34.64
C LYS B 342 7.50 -4.90 35.19
N GLU B 343 7.37 -4.82 36.50
CA GLU B 343 6.33 -3.97 37.10
C GLU B 343 6.67 -2.48 36.98
N ASN B 344 7.87 -2.20 36.48
CA ASN B 344 8.32 -0.83 36.33
C ASN B 344 8.56 -0.46 34.86
N CYS B 345 8.13 -1.33 33.96
CA CYS B 345 8.33 -1.12 32.53
C CYS B 345 7.85 0.24 32.00
N PRO B 346 8.72 0.92 31.22
CA PRO B 346 8.47 2.22 30.61
C PRO B 346 7.35 2.19 29.58
N ALA B 347 7.17 1.03 28.96
CA ALA B 347 6.15 0.88 27.93
C ALA B 347 4.80 0.31 28.35
N CYS B 348 4.81 -0.81 29.08
CA CYS B 348 3.58 -1.47 29.48
C CYS B 348 3.08 -1.28 30.92
N SER B 349 3.67 -0.36 31.67
CA SER B 349 3.18 -0.14 33.02
C SER B 349 2.19 1.00 32.97
N GLN B 350 1.08 0.83 33.65
CA GLN B 350 0.01 1.82 33.67
C GLN B 350 0.41 3.10 34.40
N LEU B 351 1.42 3.04 35.25
CA LEU B 351 1.83 4.21 36.02
C LEU B 351 2.94 5.02 35.39
N PRO B 352 3.00 6.33 35.72
CA PRO B 352 4.03 7.23 35.19
C PRO B 352 5.34 6.95 35.91
N GLN B 353 6.41 6.79 35.16
CA GLN B 353 7.73 6.51 35.73
C GLN B 353 8.14 7.62 36.70
N ASN B 354 9.17 7.38 37.50
CA ASN B 354 9.65 8.36 38.46
C ASN B 354 11.14 8.63 38.28
N ILE B 355 11.51 9.91 38.18
CA ILE B 355 12.90 10.30 37.99
C ILE B 355 13.46 11.07 39.19
N GLN B 356 14.65 10.68 39.63
CA GLN B 356 15.32 11.32 40.76
C GLN B 356 14.36 11.56 41.93
N LEU B 363 18.33 19.78 32.54
CA LEU B 363 17.57 19.20 31.45
C LEU B 363 18.48 18.47 30.47
N GLN B 364 19.63 19.07 30.18
CA GLN B 364 20.59 18.49 29.26
C GLN B 364 21.32 17.32 29.92
N GLU B 365 20.90 16.99 31.14
CA GLU B 365 21.51 15.91 31.91
C GLU B 365 20.51 14.76 32.06
N VAL B 366 19.23 15.07 31.92
CA VAL B 366 18.18 14.06 32.02
C VAL B 366 17.99 13.43 30.63
N LEU B 367 18.40 14.15 29.60
CA LEU B 367 18.31 13.69 28.21
C LEU B 367 19.29 12.54 28.07
N ASP B 368 20.36 12.59 28.86
CA ASP B 368 21.37 11.54 28.85
C ASP B 368 20.77 10.31 29.52
N TYR B 369 20.09 10.53 30.63
CA TYR B 369 19.46 9.46 31.38
C TYR B 369 18.42 8.70 30.55
N LEU B 370 17.86 9.38 29.56
CA LEU B 370 16.86 8.76 28.70
C LEU B 370 17.54 8.09 27.52
N THR B 371 18.85 8.34 27.38
CA THR B 371 19.61 7.79 26.27
C THR B 371 20.58 6.70 26.70
N ASN B 372 21.69 7.11 27.29
CA ASN B 372 22.72 6.19 27.74
C ASN B 372 22.19 5.11 28.69
N SER B 373 21.16 5.45 29.45
CA SER B 373 20.57 4.50 30.40
C SER B 373 20.27 3.15 29.76
N ALA B 374 19.90 2.18 30.59
CA ALA B 374 19.59 0.84 30.11
C ALA B 374 18.10 0.58 30.10
N SER B 375 17.45 0.96 31.19
CA SER B 375 16.02 0.80 31.37
C SER B 375 15.20 1.52 30.28
N LEU B 376 15.80 2.51 29.65
CA LEU B 376 15.08 3.24 28.62
C LEU B 376 15.72 3.11 27.24
N GLN B 377 17.05 3.19 27.19
CA GLN B 377 17.79 3.07 25.92
C GLN B 377 17.11 3.78 24.76
N MET B 378 16.47 4.91 25.04
CA MET B 378 15.80 5.63 23.97
C MET B 378 16.86 6.19 23.04
N LYS B 379 16.48 6.40 21.78
CA LYS B 379 17.42 6.93 20.79
C LYS B 379 16.96 8.31 20.37
N SER B 380 17.79 9.32 20.64
CA SER B 380 17.48 10.71 20.30
C SER B 380 16.06 11.06 20.75
N PRO B 381 15.82 11.07 22.08
CA PRO B 381 14.52 11.38 22.69
C PRO B 381 14.01 12.78 22.37
N ALA B 382 13.21 13.31 23.28
CA ALA B 382 12.63 14.64 23.14
C ALA B 382 11.76 14.89 24.36
N ILE B 383 12.20 15.80 25.23
CA ILE B 383 11.45 16.11 26.44
C ILE B 383 10.48 17.26 26.25
N THR B 384 9.41 17.26 27.05
CA THR B 384 8.40 18.30 26.99
C THR B 384 7.88 18.56 28.39
N ALA B 385 7.89 19.82 28.81
CA ALA B 385 7.39 20.18 30.12
C ALA B 385 5.87 20.23 30.04
N THR B 386 5.20 20.40 31.17
CA THR B 386 3.75 20.45 31.18
C THR B 386 3.20 21.50 30.20
N ARG B 392 4.88 22.48 26.93
CA ARG B 392 5.95 23.21 26.23
C ARG B 392 7.15 22.32 25.95
N THR B 393 7.41 22.06 24.67
CA THR B 393 8.52 21.22 24.22
C THR B 393 9.89 21.74 24.64
N LEU B 394 10.95 21.01 24.29
CA LEU B 394 12.31 21.39 24.63
C LEU B 394 13.32 20.32 24.22
N TYR B 395 13.90 20.48 23.02
CA TYR B 395 14.92 19.56 22.46
C TYR B 395 14.36 18.45 21.57
N LEU B 396 13.27 18.71 20.87
CA LEU B 396 12.65 17.73 19.98
C LEU B 396 13.56 17.36 18.80
N GLN B 397 14.77 16.90 19.11
CA GLN B 397 15.75 16.50 18.10
C GLN B 397 15.15 15.57 17.05
N SER B 398 14.49 16.15 16.06
CA SER B 398 13.86 15.39 14.98
C SER B 398 13.54 16.28 13.79
N GLU B 403 13.98 22.48 13.37
CA GLU B 403 14.28 21.61 14.49
C GLU B 403 15.77 21.61 14.82
N GLU B 404 16.60 22.03 13.87
CA GLU B 404 18.03 22.10 14.12
C GLU B 404 18.14 23.22 15.15
N ARG B 405 17.10 24.03 15.19
CA ARG B 405 17.00 25.13 16.11
C ARG B 405 16.35 24.59 17.36
N THR B 406 16.13 23.27 17.36
CA THR B 406 15.47 22.65 18.49
C THR B 406 16.62 22.38 19.46
N ARG B 407 17.84 22.71 19.03
CA ARG B 407 19.03 22.54 19.87
C ARG B 407 19.18 23.77 20.76
N PRO B 408 18.89 24.95 20.22
CA PRO B 408 19.02 26.15 21.06
C PRO B 408 17.99 26.15 22.17
N ASN B 409 17.14 25.14 22.12
CA ASN B 409 16.11 24.98 23.15
C ASN B 409 16.79 24.39 24.38
N LEU B 410 17.92 23.82 24.09
CA LEU B 410 18.81 23.13 25.02
C LEU B 410 18.88 23.64 26.47
N LEU B 425 7.11 16.05 33.16
CA LEU B 425 7.90 15.69 31.99
C LEU B 425 7.20 14.63 31.13
N ALA B 426 7.27 14.79 29.81
CA ALA B 426 6.65 13.87 28.88
C ALA B 426 7.55 13.66 27.68
N VAL B 427 8.39 12.63 27.75
CA VAL B 427 9.32 12.31 26.69
C VAL B 427 8.60 11.76 25.46
N ALA B 428 9.34 11.62 24.37
CA ALA B 428 8.81 11.08 23.12
C ALA B 428 10.02 10.47 22.43
N ASP B 429 9.79 9.64 21.43
CA ASP B 429 10.93 8.99 20.81
C ASP B 429 10.57 8.24 19.53
N VAL B 430 11.61 7.84 18.82
CA VAL B 430 11.53 7.10 17.56
C VAL B 430 11.44 5.60 17.86
N THR B 431 11.55 5.27 19.14
CA THR B 431 11.50 3.90 19.57
C THR B 431 10.08 3.43 19.91
N THR B 432 9.12 4.33 19.79
CA THR B 432 7.73 4.00 20.11
C THR B 432 6.74 5.12 19.73
N PRO B 433 5.51 4.76 19.36
CA PRO B 433 4.43 5.67 18.96
C PRO B 433 3.91 6.49 20.13
N GLN B 434 4.05 5.97 21.34
CA GLN B 434 3.53 6.65 22.51
C GLN B 434 4.41 7.67 23.18
N THR B 435 3.80 8.37 24.14
CA THR B 435 4.46 9.39 24.93
C THR B 435 4.64 8.85 26.36
N VAL B 436 5.90 8.64 26.74
CA VAL B 436 6.22 8.11 28.05
C VAL B 436 6.15 9.19 29.12
N LEU B 437 5.25 9.02 30.08
CA LEU B 437 5.08 9.99 31.15
C LEU B 437 6.04 9.84 32.35
N PHE B 438 7.02 10.74 32.43
CA PHE B 438 8.00 10.73 33.51
C PHE B 438 7.78 11.81 34.59
N LYS B 439 7.52 11.39 35.83
CA LYS B 439 7.32 12.33 36.93
C LYS B 439 8.57 12.33 37.79
N LYS C 12 -26.88 -3.17 -17.83
CA LYS C 12 -26.21 -2.05 -18.53
C LYS C 12 -26.82 -0.71 -18.11
N GLU C 13 -27.73 -0.74 -17.14
CA GLU C 13 -28.34 0.50 -16.65
C GLU C 13 -27.90 0.78 -15.24
N GLN C 14 -26.74 0.25 -14.92
CA GLN C 14 -26.13 0.48 -13.62
C GLN C 14 -24.73 0.92 -14.05
N LYS C 15 -24.40 0.60 -15.30
CA LYS C 15 -23.13 0.98 -15.89
C LYS C 15 -23.22 2.47 -16.17
N TYR C 16 -24.00 2.82 -17.18
CA TYR C 16 -24.18 4.23 -17.56
C TYR C 16 -25.10 4.96 -16.57
N ASP C 17 -25.33 4.34 -15.43
CA ASP C 17 -26.18 4.89 -14.38
C ASP C 17 -25.89 6.36 -14.11
N ARG C 18 -24.66 6.66 -13.72
CA ARG C 18 -24.24 8.02 -13.40
C ARG C 18 -24.58 9.09 -14.45
N GLN C 19 -24.46 8.74 -15.74
CA GLN C 19 -24.75 9.69 -16.81
C GLN C 19 -26.25 9.71 -17.15
N LEU C 20 -26.91 8.57 -16.92
CA LEU C 20 -28.34 8.48 -17.18
C LEU C 20 -29.00 9.49 -16.26
N ARG C 21 -28.37 9.73 -15.11
CA ARG C 21 -28.88 10.69 -14.14
C ARG C 21 -28.88 12.09 -14.74
N LEU C 22 -28.21 12.25 -15.87
CA LEU C 22 -28.12 13.56 -16.53
C LEU C 22 -28.97 13.72 -17.80
N TRP C 23 -28.57 13.09 -18.89
CA TRP C 23 -29.31 13.25 -20.15
C TRP C 23 -30.37 12.21 -20.45
N GLY C 24 -30.89 11.55 -19.42
CA GLY C 24 -31.93 10.55 -19.61
C GLY C 24 -31.61 9.39 -20.52
N ASP C 25 -32.63 8.60 -20.84
CA ASP C 25 -32.49 7.42 -21.70
C ASP C 25 -32.70 7.78 -23.17
N HIS C 26 -33.57 8.76 -23.41
CA HIS C 26 -33.84 9.20 -24.77
C HIS C 26 -32.59 9.81 -25.37
N GLY C 27 -31.84 10.53 -24.52
CA GLY C 27 -30.61 11.15 -24.98
C GLY C 27 -29.64 10.05 -25.38
N GLN C 28 -29.48 9.08 -24.49
CA GLN C 28 -28.57 7.96 -24.72
C GLN C 28 -28.73 7.40 -26.13
N GLU C 29 -29.97 7.04 -26.48
CA GLU C 29 -30.23 6.50 -27.80
C GLU C 29 -29.59 7.39 -28.86
N ALA C 30 -29.88 8.68 -28.79
CA ALA C 30 -29.32 9.63 -29.75
C ALA C 30 -27.82 9.43 -29.82
N LEU C 31 -27.19 9.42 -28.66
CA LEU C 31 -25.75 9.24 -28.53
C LEU C 31 -25.30 7.95 -29.22
N GLU C 32 -26.03 6.87 -28.95
CA GLU C 32 -25.72 5.57 -29.52
C GLU C 32 -26.11 5.47 -31.00
N SER C 33 -26.85 6.46 -31.50
CA SER C 33 -27.30 6.47 -32.89
C SER C 33 -26.34 7.20 -33.81
N ALA C 34 -26.00 8.44 -33.45
CA ALA C 34 -25.10 9.24 -34.27
C ALA C 34 -23.76 8.55 -34.48
N HIS C 35 -23.07 8.93 -35.55
CA HIS C 35 -21.78 8.35 -35.88
C HIS C 35 -20.77 9.47 -36.10
N VAL C 36 -20.17 9.93 -35.01
CA VAL C 36 -19.18 10.99 -35.06
C VAL C 36 -17.95 10.51 -35.81
N CYS C 37 -17.12 11.45 -36.23
CA CYS C 37 -15.91 11.14 -36.97
C CYS C 37 -14.81 12.11 -36.58
N LEU C 38 -13.78 11.60 -35.93
CA LEU C 38 -12.65 12.43 -35.53
C LEU C 38 -11.79 12.61 -36.77
N ILE C 39 -10.95 13.64 -36.82
CA ILE C 39 -10.14 13.85 -38.00
C ILE C 39 -8.62 13.81 -37.77
N ASN C 40 -8.20 13.50 -36.55
CA ASN C 40 -6.78 13.42 -36.27
C ASN C 40 -6.55 12.71 -34.96
N ALA C 41 -5.92 11.54 -35.04
CA ALA C 41 -5.64 10.76 -33.85
C ALA C 41 -4.56 11.42 -32.99
N THR C 42 -4.55 12.74 -32.97
CA THR C 42 -3.60 13.50 -32.16
C THR C 42 -4.06 13.49 -30.69
N ALA C 43 -3.22 13.98 -29.79
CA ALA C 43 -3.58 14.01 -28.36
C ALA C 43 -4.96 14.63 -28.19
N THR C 44 -5.09 15.87 -28.65
CA THR C 44 -6.35 16.59 -28.57
C THR C 44 -7.48 15.73 -29.11
N GLY C 45 -7.23 15.14 -30.28
CA GLY C 45 -8.21 14.27 -30.92
C GLY C 45 -8.53 12.98 -30.17
N THR C 46 -7.52 12.34 -29.55
CA THR C 46 -7.81 11.10 -28.84
C THR C 46 -8.43 11.43 -27.50
N GLU C 47 -8.08 12.58 -26.94
CA GLU C 47 -8.66 13.01 -25.68
C GLU C 47 -10.14 13.31 -25.87
N ILE C 48 -10.51 13.91 -27.00
CA ILE C 48 -11.92 14.20 -27.24
C ILE C 48 -12.64 12.90 -27.49
N LEU C 49 -12.13 12.10 -28.43
CA LEU C 49 -12.77 10.84 -28.80
C LEU C 49 -12.95 9.91 -27.60
N LYS C 50 -11.94 9.87 -26.74
CA LYS C 50 -11.97 9.05 -25.54
C LYS C 50 -13.21 9.36 -24.70
N ASN C 51 -13.54 10.64 -24.64
CA ASN C 51 -14.68 11.10 -23.86
C ASN C 51 -16.05 10.85 -24.50
N LEU C 52 -16.07 10.42 -25.75
CA LEU C 52 -17.33 10.10 -26.41
C LEU C 52 -17.56 8.60 -26.35
N VAL C 53 -16.47 7.83 -26.48
CA VAL C 53 -16.54 6.38 -26.42
C VAL C 53 -17.03 5.94 -25.04
N LEU C 54 -16.39 6.47 -24.00
CA LEU C 54 -16.79 6.12 -22.64
C LEU C 54 -18.30 6.25 -22.43
N PRO C 55 -18.87 7.47 -22.62
CA PRO C 55 -20.32 7.60 -22.42
C PRO C 55 -21.07 6.69 -23.37
N GLY C 56 -20.41 6.31 -24.46
CA GLY C 56 -21.03 5.40 -25.41
C GLY C 56 -21.61 5.87 -26.74
N ILE C 57 -20.83 6.57 -27.56
CA ILE C 57 -21.36 6.98 -28.86
C ILE C 57 -21.44 5.66 -29.62
N GLY C 58 -22.41 5.55 -30.51
CA GLY C 58 -22.59 4.32 -31.29
C GLY C 58 -21.42 3.85 -32.15
N SER C 59 -20.74 4.79 -32.79
CA SER C 59 -19.61 4.45 -33.65
C SER C 59 -18.75 5.68 -33.91
N PHE C 60 -17.61 5.49 -34.56
CA PHE C 60 -16.71 6.61 -34.86
C PHE C 60 -15.69 6.26 -35.94
N THR C 61 -15.11 7.27 -36.57
CA THR C 61 -14.14 7.03 -37.63
C THR C 61 -13.02 8.07 -37.66
N ILE C 62 -11.83 7.67 -37.25
CA ILE C 62 -10.71 8.60 -37.29
C ILE C 62 -10.34 8.80 -38.76
N ILE C 63 -9.34 9.65 -39.00
CA ILE C 63 -8.86 9.97 -40.33
C ILE C 63 -7.48 10.57 -40.11
N ASP C 64 -6.48 10.03 -40.77
CA ASP C 64 -5.13 10.56 -40.59
C ASP C 64 -4.21 10.03 -41.67
N GLY C 65 -3.39 10.91 -42.23
CA GLY C 65 -2.47 10.49 -43.28
C GLY C 65 -1.03 10.58 -42.82
N ASN C 66 -0.86 10.80 -41.52
CA ASN C 66 0.48 10.89 -40.94
C ASN C 66 0.82 9.59 -40.22
N GLN C 67 2.11 9.40 -39.98
CA GLN C 67 2.60 8.20 -39.30
C GLN C 67 2.96 8.63 -37.88
N VAL C 68 2.80 7.72 -36.92
CA VAL C 68 3.12 8.04 -35.54
C VAL C 68 4.59 8.45 -35.41
N SER C 69 4.91 9.22 -34.38
CA SER C 69 6.29 9.65 -34.16
C SER C 69 6.55 9.76 -32.66
N GLY C 70 7.74 10.24 -32.30
CA GLY C 70 8.06 10.40 -30.90
C GLY C 70 7.03 11.32 -30.28
N GLU C 71 6.99 12.55 -30.79
CA GLU C 71 6.05 13.56 -30.31
C GLU C 71 4.70 12.92 -30.04
N ASP C 72 4.22 12.17 -31.02
CA ASP C 72 2.92 11.49 -30.90
C ASP C 72 2.91 10.53 -29.73
N ALA C 73 3.69 9.47 -29.83
CA ALA C 73 3.75 8.47 -28.77
C ALA C 73 4.01 9.13 -27.41
N GLY C 74 4.69 10.27 -27.45
CA GLY C 74 5.02 10.99 -26.22
C GLY C 74 3.88 11.67 -25.48
N ASN C 75 3.28 12.68 -26.10
CA ASN C 75 2.19 13.42 -25.47
C ASN C 75 0.84 12.73 -25.60
N ASN C 76 0.81 11.59 -26.27
CA ASN C 76 -0.45 10.90 -26.45
C ASN C 76 -0.57 9.69 -25.54
N PHE C 77 -1.79 9.47 -25.06
CA PHE C 77 -2.11 8.38 -24.16
C PHE C 77 -2.58 7.13 -24.89
N PHE C 78 -2.72 7.22 -26.20
CA PHE C 78 -3.17 6.08 -26.99
C PHE C 78 -2.18 5.74 -28.09
N LEU C 79 -0.90 5.94 -27.81
CA LEU C 79 0.17 5.66 -28.76
C LEU C 79 1.44 5.27 -28.02
N GLN C 80 2.16 4.28 -28.55
CA GLN C 80 3.40 3.83 -27.93
C GLN C 80 4.50 3.69 -28.98
N ARG C 81 5.74 3.49 -28.52
CA ARG C 81 6.87 3.33 -29.42
C ARG C 81 6.59 2.18 -30.37
N SER C 82 5.84 1.19 -29.89
CA SER C 82 5.48 0.03 -30.68
C SER C 82 4.53 0.44 -31.80
N SER C 83 4.25 1.73 -31.88
CA SER C 83 3.35 2.25 -32.90
C SER C 83 4.08 3.19 -33.85
N ILE C 84 5.08 3.89 -33.35
CA ILE C 84 5.83 4.81 -34.19
C ILE C 84 6.06 4.21 -35.57
N GLY C 85 5.84 5.00 -36.61
CA GLY C 85 6.02 4.52 -37.97
C GLY C 85 4.71 4.08 -38.59
N LYS C 86 3.86 3.42 -37.80
CA LYS C 86 2.56 2.95 -38.29
C LYS C 86 1.69 4.15 -38.67
N ASN C 87 0.38 3.94 -38.66
CA ASN C 87 -0.52 5.02 -38.99
C ASN C 87 -1.26 5.53 -37.76
N ARG C 88 -0.90 6.74 -37.34
CA ARG C 88 -1.49 7.38 -36.18
C ARG C 88 -2.98 7.09 -36.06
N ALA C 89 -3.69 7.09 -37.19
CA ALA C 89 -5.12 6.82 -37.18
C ALA C 89 -5.42 5.42 -36.69
N GLU C 90 -4.84 4.41 -37.36
CA GLU C 90 -5.06 3.03 -36.96
C GLU C 90 -4.53 2.82 -35.56
N ALA C 91 -3.28 3.22 -35.34
CA ALA C 91 -2.63 3.11 -34.05
C ALA C 91 -3.55 3.57 -32.93
N ALA C 92 -3.78 4.89 -32.88
CA ALA C 92 -4.64 5.49 -31.86
C ALA C 92 -6.03 4.87 -31.80
N MET C 93 -6.48 4.28 -32.91
CA MET C 93 -7.79 3.67 -32.93
C MET C 93 -7.90 2.43 -32.04
N GLU C 94 -7.12 1.40 -32.36
CA GLU C 94 -7.13 0.15 -31.61
C GLU C 94 -7.28 0.35 -30.11
N PHE C 95 -6.44 1.20 -29.53
CA PHE C 95 -6.49 1.47 -28.10
C PHE C 95 -7.87 1.94 -27.63
N LEU C 96 -8.43 2.93 -28.33
CA LEU C 96 -9.74 3.47 -27.99
C LEU C 96 -10.82 2.41 -27.98
N GLN C 97 -10.72 1.46 -28.92
CA GLN C 97 -11.68 0.38 -29.02
C GLN C 97 -11.83 -0.38 -27.71
N GLU C 98 -10.79 -0.34 -26.89
CA GLU C 98 -10.78 -1.04 -25.61
C GLU C 98 -11.60 -0.34 -24.53
N LEU C 99 -11.60 0.99 -24.55
CA LEU C 99 -12.34 1.77 -23.56
C LEU C 99 -13.81 1.36 -23.51
N ASN C 100 -14.36 0.97 -24.64
CA ASN C 100 -15.75 0.55 -24.69
C ASN C 100 -15.91 -0.36 -25.89
N SER C 101 -16.69 -1.42 -25.73
CA SER C 101 -16.91 -2.39 -26.80
C SER C 101 -18.15 -2.12 -27.64
N ASP C 102 -19.11 -1.40 -27.06
CA ASP C 102 -20.37 -1.06 -27.74
C ASP C 102 -20.18 0.12 -28.68
N VAL C 103 -19.03 0.19 -29.32
CA VAL C 103 -18.74 1.30 -30.24
C VAL C 103 -17.90 0.82 -31.42
N SER C 104 -18.42 1.02 -32.63
CA SER C 104 -17.73 0.60 -33.84
C SER C 104 -16.65 1.60 -34.28
N GLY C 105 -15.39 1.25 -34.05
CA GLY C 105 -14.32 2.13 -34.43
C GLY C 105 -13.71 1.84 -35.79
N SER C 106 -14.10 2.64 -36.79
CA SER C 106 -13.61 2.50 -38.14
C SER C 106 -12.45 3.48 -38.32
N PHE C 107 -11.87 3.53 -39.53
CA PHE C 107 -10.75 4.43 -39.77
C PHE C 107 -10.41 4.53 -41.25
N VAL C 108 -9.64 5.55 -41.61
CA VAL C 108 -9.22 5.75 -42.99
C VAL C 108 -7.79 6.28 -43.00
N GLU C 109 -6.90 5.53 -43.66
CA GLU C 109 -5.49 5.89 -43.73
C GLU C 109 -5.21 7.06 -44.67
N GLU C 110 -6.25 7.52 -45.38
CA GLU C 110 -6.10 8.63 -46.31
C GLU C 110 -5.96 9.95 -45.57
N SER C 111 -6.05 11.06 -46.29
CA SER C 111 -5.92 12.39 -45.70
C SER C 111 -7.18 13.24 -45.83
N PRO C 112 -7.41 14.19 -44.90
CA PRO C 112 -8.59 15.05 -44.92
C PRO C 112 -8.64 15.85 -46.23
N GLU C 113 -7.51 16.43 -46.60
CA GLU C 113 -7.42 17.21 -47.83
C GLU C 113 -7.66 16.28 -49.00
N ASN C 114 -6.89 15.19 -49.06
CA ASN C 114 -7.05 14.22 -50.14
C ASN C 114 -8.50 13.76 -50.28
N LEU C 115 -9.10 13.32 -49.19
CA LEU C 115 -10.48 12.86 -49.23
C LEU C 115 -11.38 13.88 -49.90
N LEU C 116 -11.00 15.16 -49.81
CA LEU C 116 -11.79 16.23 -50.41
C LEU C 116 -11.42 16.43 -51.88
N ASP C 117 -10.29 15.85 -52.28
CA ASP C 117 -9.84 15.95 -53.66
C ASP C 117 -10.49 14.83 -54.47
N ASN C 118 -10.60 13.65 -53.85
CA ASN C 118 -11.19 12.50 -54.51
C ASN C 118 -12.68 12.35 -54.17
N ASP C 119 -12.98 12.13 -52.89
CA ASP C 119 -14.37 11.97 -52.47
C ASP C 119 -14.79 13.06 -51.47
N PRO C 120 -15.11 14.26 -51.98
CA PRO C 120 -15.53 15.39 -51.13
C PRO C 120 -16.78 15.12 -50.29
N SER C 121 -17.73 14.38 -50.86
CA SER C 121 -18.99 14.07 -50.18
C SER C 121 -18.94 12.99 -49.11
N PHE C 122 -17.73 12.52 -48.79
CA PHE C 122 -17.53 11.47 -47.80
C PHE C 122 -18.16 11.68 -46.42
N PHE C 123 -18.10 12.91 -45.93
CA PHE C 123 -18.62 13.24 -44.60
C PHE C 123 -20.12 13.10 -44.32
N CYS C 124 -20.94 13.04 -45.36
CA CYS C 124 -22.38 12.94 -45.15
C CYS C 124 -22.84 11.82 -44.21
N ARG C 125 -22.16 10.67 -44.25
CA ARG C 125 -22.53 9.53 -43.41
C ARG C 125 -22.57 9.85 -41.92
N PHE C 126 -21.65 10.73 -41.51
CA PHE C 126 -21.49 11.13 -40.11
C PHE C 126 -22.62 11.96 -39.50
N THR C 127 -22.37 12.47 -38.29
CA THR C 127 -23.34 13.28 -37.57
C THR C 127 -22.66 14.59 -37.18
N VAL C 128 -21.43 14.48 -36.70
CA VAL C 128 -20.64 15.63 -36.31
C VAL C 128 -19.26 15.34 -36.85
N VAL C 129 -18.45 16.37 -36.98
CA VAL C 129 -17.11 16.18 -37.51
C VAL C 129 -16.12 17.04 -36.74
N VAL C 130 -15.41 16.42 -35.81
CA VAL C 130 -14.42 17.13 -35.01
C VAL C 130 -13.12 17.15 -35.79
N ALA C 131 -12.56 18.34 -35.99
CA ALA C 131 -11.32 18.48 -36.73
C ALA C 131 -10.26 19.00 -35.78
N THR C 132 -9.02 18.56 -35.93
CA THR C 132 -7.99 19.01 -35.02
C THR C 132 -6.63 19.31 -35.64
N GLN C 133 -5.93 20.25 -35.02
CA GLN C 133 -4.60 20.66 -35.47
C GLN C 133 -4.50 20.90 -36.99
N LEU C 134 -5.64 21.12 -37.65
CA LEU C 134 -5.65 21.37 -39.09
C LEU C 134 -5.02 22.72 -39.44
N PRO C 135 -4.42 22.82 -40.62
CA PRO C 135 -3.80 24.09 -41.03
C PRO C 135 -4.93 25.03 -41.42
N GLU C 136 -4.67 26.33 -41.42
CA GLU C 136 -5.71 27.30 -41.76
C GLU C 136 -6.41 26.96 -43.08
N SER C 137 -5.62 26.87 -44.15
CA SER C 137 -6.12 26.56 -45.48
C SER C 137 -7.05 25.35 -45.50
N THR C 138 -6.64 24.30 -44.79
CA THR C 138 -7.43 23.06 -44.74
C THR C 138 -8.72 23.26 -43.97
N SER C 139 -8.65 24.04 -42.90
CA SER C 139 -9.83 24.30 -42.07
C SER C 139 -10.86 24.99 -42.93
N LEU C 140 -10.44 26.01 -43.66
CA LEU C 140 -11.34 26.76 -44.52
C LEU C 140 -11.94 25.82 -45.56
N ARG C 141 -11.08 25.16 -46.33
CA ARG C 141 -11.54 24.26 -47.36
C ARG C 141 -12.56 23.26 -46.81
N LEU C 142 -12.18 22.57 -45.72
CA LEU C 142 -13.08 21.61 -45.09
C LEU C 142 -14.36 22.27 -44.62
N ALA C 143 -14.19 23.38 -43.90
CA ALA C 143 -15.29 24.16 -43.36
C ALA C 143 -16.41 24.43 -44.36
N ASP C 144 -16.05 25.05 -45.49
CA ASP C 144 -17.05 25.36 -46.50
C ASP C 144 -17.74 24.10 -46.98
N VAL C 145 -16.96 23.08 -47.31
CA VAL C 145 -17.53 21.82 -47.79
C VAL C 145 -18.61 21.33 -46.84
N LEU C 146 -18.32 21.44 -45.55
CA LEU C 146 -19.24 21.00 -44.52
C LEU C 146 -20.42 21.93 -44.40
N TRP C 147 -20.16 23.23 -44.57
CA TRP C 147 -21.23 24.22 -44.48
C TRP C 147 -22.27 24.02 -45.59
N ASN C 148 -21.81 23.95 -46.83
CA ASN C 148 -22.70 23.76 -47.98
C ASN C 148 -23.52 22.49 -47.78
N SER C 149 -22.84 21.42 -47.38
CA SER C 149 -23.51 20.15 -47.15
C SER C 149 -24.28 20.16 -45.84
N GLN C 150 -24.15 21.26 -45.10
CA GLN C 150 -24.84 21.40 -43.82
C GLN C 150 -24.34 20.35 -42.82
N ILE C 151 -23.03 20.27 -42.67
CA ILE C 151 -22.42 19.32 -41.75
C ILE C 151 -21.88 20.00 -40.48
N PRO C 152 -22.41 19.63 -39.30
CA PRO C 152 -21.98 20.22 -38.02
C PRO C 152 -20.46 20.08 -37.90
N LEU C 153 -19.76 21.19 -37.67
CA LEU C 153 -18.31 21.13 -37.56
C LEU C 153 -17.77 21.77 -36.29
N LEU C 154 -16.97 21.00 -35.55
CA LEU C 154 -16.36 21.48 -34.33
C LEU C 154 -14.85 21.43 -34.53
N ILE C 155 -14.25 22.59 -34.75
CA ILE C 155 -12.82 22.69 -34.95
C ILE C 155 -12.15 22.94 -33.60
N CYS C 156 -11.11 22.15 -33.29
CA CYS C 156 -10.39 22.27 -32.02
C CYS C 156 -8.90 22.28 -32.27
N ARG C 157 -8.19 23.14 -31.55
CA ARG C 157 -6.76 23.20 -31.73
C ARG C 157 -6.00 23.52 -30.45
N THR C 158 -4.93 22.79 -30.22
CA THR C 158 -4.11 23.03 -29.04
C THR C 158 -2.84 23.65 -29.57
N TYR C 159 -2.44 24.77 -29.00
CA TYR C 159 -1.22 25.43 -29.43
C TYR C 159 -0.58 25.96 -28.16
N GLY C 160 0.45 25.25 -27.69
CA GLY C 160 1.13 25.67 -26.48
C GLY C 160 0.17 25.64 -25.32
N LEU C 161 0.30 26.59 -24.41
CA LEU C 161 -0.58 26.66 -23.27
C LEU C 161 -1.97 27.20 -23.63
N VAL C 162 -2.32 27.15 -24.90
CA VAL C 162 -3.61 27.65 -25.38
C VAL C 162 -4.51 26.61 -26.01
N GLY C 163 -5.80 26.69 -25.68
CA GLY C 163 -6.79 25.79 -26.24
C GLY C 163 -7.79 26.60 -27.06
N TYR C 164 -8.00 26.18 -28.30
CA TYR C 164 -8.93 26.85 -29.21
C TYR C 164 -10.05 25.90 -29.60
N MET C 165 -11.25 26.43 -29.78
CA MET C 165 -12.37 25.58 -30.13
C MET C 165 -13.48 26.40 -30.82
N ARG C 166 -13.60 26.21 -32.12
CA ARG C 166 -14.60 26.92 -32.92
C ARG C 166 -15.67 25.95 -33.38
N ILE C 167 -16.92 26.23 -33.03
CA ILE C 167 -18.03 25.38 -33.42
C ILE C 167 -18.73 26.04 -34.62
N ILE C 168 -19.23 25.21 -35.54
CA ILE C 168 -19.86 25.73 -36.74
C ILE C 168 -21.11 25.02 -37.20
N ILE C 169 -22.25 25.44 -36.66
CA ILE C 169 -23.53 24.87 -37.04
C ILE C 169 -24.41 26.05 -37.47
N LYS C 170 -24.75 26.09 -38.76
CA LYS C 170 -25.58 27.13 -39.33
C LYS C 170 -26.78 27.43 -38.41
N GLU C 171 -27.43 26.39 -37.91
CA GLU C 171 -28.56 26.57 -37.00
C GLU C 171 -28.83 25.35 -36.12
N HIS C 172 -28.65 25.51 -34.81
CA HIS C 172 -28.88 24.43 -33.87
C HIS C 172 -29.97 24.74 -32.85
N PRO C 173 -31.19 24.23 -33.07
CA PRO C 173 -32.34 24.43 -32.18
C PRO C 173 -32.23 23.51 -30.98
N VAL C 174 -32.92 23.83 -29.90
CA VAL C 174 -32.87 23.00 -28.69
C VAL C 174 -34.18 23.14 -27.94
N ILE C 175 -34.66 22.05 -27.35
CA ILE C 175 -35.91 22.10 -26.59
C ILE C 175 -35.69 21.84 -25.11
N GLU C 176 -35.03 20.74 -24.79
CA GLU C 176 -34.76 20.44 -23.39
C GLU C 176 -33.47 21.23 -23.08
N SER C 177 -33.63 22.44 -22.56
CA SER C 177 -32.51 23.32 -22.25
C SER C 177 -31.70 22.98 -21.01
N HIS C 178 -32.36 22.45 -19.99
CA HIS C 178 -31.69 22.07 -18.74
C HIS C 178 -31.15 23.28 -17.99
N PRO C 179 -31.87 24.41 -18.03
CA PRO C 179 -31.40 25.59 -17.31
C PRO C 179 -31.20 25.37 -15.82
N ASP C 180 -30.26 26.11 -15.23
CA ASP C 180 -29.99 26.00 -13.81
C ASP C 180 -30.77 27.15 -13.15
N ASN C 181 -31.21 26.93 -11.91
CA ASN C 181 -31.95 27.95 -11.16
C ASN C 181 -32.93 28.75 -12.02
N ALA C 182 -33.95 28.08 -12.56
CA ALA C 182 -34.95 28.75 -13.37
C ALA C 182 -36.11 29.08 -12.45
N LEU C 183 -36.88 30.11 -12.81
CA LEU C 183 -38.02 30.52 -11.98
C LEU C 183 -39.14 29.48 -11.99
N GLU C 184 -39.62 29.13 -10.80
CA GLU C 184 -40.71 28.16 -10.67
C GLU C 184 -41.92 28.71 -11.41
N ASP C 185 -42.73 27.82 -11.99
CA ASP C 185 -43.91 28.28 -12.71
C ASP C 185 -45.13 28.35 -11.80
N LEU C 186 -44.94 28.87 -10.60
CA LEU C 186 -46.06 29.02 -9.69
C LEU C 186 -46.85 30.12 -10.37
N ARG C 187 -48.16 30.06 -10.32
CA ARG C 187 -48.93 31.11 -10.98
C ARG C 187 -49.74 31.93 -9.99
N LEU C 188 -49.05 32.44 -8.96
CA LEU C 188 -49.69 33.28 -7.97
C LEU C 188 -50.08 34.58 -8.64
N ASP C 189 -49.25 35.04 -9.57
CA ASP C 189 -49.53 36.26 -10.29
C ASP C 189 -50.90 36.10 -10.94
N LYS C 190 -50.93 35.40 -12.07
CA LYS C 190 -52.18 35.18 -12.80
C LYS C 190 -52.68 33.76 -12.53
N PRO C 191 -53.33 33.52 -11.37
CA PRO C 191 -53.83 32.18 -11.04
C PRO C 191 -54.80 31.67 -12.10
N PHE C 192 -55.17 30.40 -11.98
CA PHE C 192 -56.12 29.81 -12.90
C PHE C 192 -57.24 29.18 -12.09
N PRO C 193 -58.41 28.98 -12.71
CA PRO C 193 -59.60 28.41 -12.07
C PRO C 193 -59.33 27.38 -10.98
N GLU C 194 -58.83 26.21 -11.38
CA GLU C 194 -58.54 25.12 -10.46
C GLU C 194 -57.64 25.53 -9.29
N LEU C 195 -56.57 26.26 -9.60
CA LEU C 195 -55.61 26.69 -8.58
C LEU C 195 -56.24 27.64 -7.56
N ARG C 196 -57.01 28.61 -8.05
CA ARG C 196 -57.66 29.56 -7.16
C ARG C 196 -58.53 28.80 -6.16
N GLU C 197 -59.14 27.72 -6.61
CA GLU C 197 -60.00 26.89 -5.76
C GLU C 197 -59.27 26.33 -4.55
N HIS C 198 -58.15 25.66 -4.80
CA HIS C 198 -57.35 25.05 -3.74
C HIS C 198 -57.06 26.02 -2.59
N PHE C 199 -56.70 27.25 -2.95
CA PHE C 199 -56.40 28.29 -1.96
C PHE C 199 -57.67 28.66 -1.22
N GLN C 200 -58.74 28.85 -1.97
CA GLN C 200 -60.03 29.19 -1.37
C GLN C 200 -60.57 27.91 -0.74
N SER C 201 -59.80 27.37 0.22
CA SER C 201 -60.19 26.14 0.90
C SER C 201 -59.50 26.01 2.26
N TYR C 202 -58.56 26.92 2.53
CA TYR C 202 -57.84 26.91 3.80
C TYR C 202 -58.31 28.09 4.65
N ASP C 203 -58.29 27.91 5.98
CA ASP C 203 -58.72 28.95 6.91
C ASP C 203 -57.72 29.02 8.07
N LEU C 204 -56.68 29.83 7.92
CA LEU C 204 -55.68 29.95 8.97
C LEU C 204 -56.22 30.30 10.35
N ASP C 205 -57.00 31.37 10.45
CA ASP C 205 -57.57 31.78 11.74
C ASP C 205 -58.61 30.80 12.25
N HIS C 206 -58.63 29.61 11.66
CA HIS C 206 -59.58 28.56 12.05
C HIS C 206 -58.92 27.21 11.81
N MET C 207 -57.59 27.21 11.82
CA MET C 207 -56.81 25.99 11.59
C MET C 207 -56.07 25.60 12.87
N GLU C 208 -55.87 24.31 13.06
CA GLU C 208 -55.19 23.82 14.26
C GLU C 208 -53.70 24.14 14.32
N LYS C 209 -53.21 24.34 15.54
CA LYS C 209 -51.82 24.67 15.79
C LYS C 209 -50.84 23.79 15.02
N LYS C 210 -51.12 22.49 15.02
CA LYS C 210 -50.26 21.55 14.32
C LYS C 210 -50.41 21.64 12.81
N ASP C 211 -51.58 22.09 12.36
CA ASP C 211 -51.84 22.24 10.93
C ASP C 211 -51.34 23.58 10.44
N HIS C 212 -51.53 24.61 11.26
CA HIS C 212 -51.11 25.96 10.91
C HIS C 212 -49.62 26.03 10.63
N SER C 213 -48.84 25.21 11.32
CA SER C 213 -47.40 25.19 11.15
C SER C 213 -46.93 24.25 10.04
N HIS C 214 -47.81 23.38 9.56
CA HIS C 214 -47.44 22.44 8.52
C HIS C 214 -48.19 22.73 7.22
N THR C 215 -48.46 24.00 6.97
CA THR C 215 -49.15 24.42 5.76
C THR C 215 -48.16 24.93 4.71
N PRO C 216 -48.31 24.49 3.45
CA PRO C 216 -47.43 24.90 2.34
C PRO C 216 -47.24 26.42 2.24
N TRP C 217 -46.04 26.88 1.88
CA TRP C 217 -45.83 28.31 1.76
C TRP C 217 -46.49 28.92 0.52
N ILE C 218 -46.77 28.11 -0.50
CA ILE C 218 -47.43 28.64 -1.70
C ILE C 218 -48.79 29.16 -1.28
N VAL C 219 -49.46 28.37 -0.44
CA VAL C 219 -50.78 28.69 0.08
C VAL C 219 -50.71 29.85 1.06
N ILE C 220 -49.73 29.82 1.96
CA ILE C 220 -49.58 30.90 2.93
C ILE C 220 -49.39 32.25 2.22
N ILE C 221 -48.92 32.20 0.97
CA ILE C 221 -48.70 33.40 0.17
C ILE C 221 -49.99 33.87 -0.47
N ALA C 222 -50.80 32.95 -0.96
CA ALA C 222 -52.07 33.32 -1.58
C ALA C 222 -53.04 33.83 -0.53
N LYS C 223 -52.92 33.33 0.70
CA LYS C 223 -53.80 33.76 1.77
C LYS C 223 -53.57 35.23 2.09
N TYR C 224 -52.32 35.58 2.38
CA TYR C 224 -52.00 36.95 2.70
C TYR C 224 -51.94 37.82 1.45
N LEU C 225 -51.78 37.18 0.29
CA LEU C 225 -51.74 37.90 -0.98
C LEU C 225 -53.13 38.41 -1.31
N ALA C 226 -54.14 37.70 -0.81
CA ALA C 226 -55.53 38.08 -1.04
C ALA C 226 -55.86 39.25 -0.12
N GLN C 227 -55.51 39.11 1.16
CA GLN C 227 -55.76 40.17 2.12
C GLN C 227 -55.13 41.45 1.58
N TRP C 228 -53.89 41.34 1.11
CA TRP C 228 -53.19 42.49 0.56
C TRP C 228 -53.95 43.01 -0.65
N TYR C 229 -54.65 42.12 -1.34
CA TYR C 229 -55.44 42.50 -2.50
C TYR C 229 -56.61 43.39 -2.06
N SER C 230 -56.78 43.49 -0.73
CA SER C 230 -57.84 44.32 -0.16
C SER C 230 -57.57 45.76 -0.57
N GLU C 231 -56.37 46.25 -0.33
CA GLU C 231 -56.03 47.62 -0.74
C GLU C 231 -55.94 47.65 -2.27
N THR C 232 -57.11 47.60 -2.90
CA THR C 232 -57.38 47.52 -4.33
C THR C 232 -56.21 47.66 -5.28
N ASN C 233 -56.11 46.68 -6.17
CA ASN C 233 -55.06 46.55 -7.18
C ASN C 233 -53.71 46.26 -6.55
N GLY C 234 -53.76 45.54 -5.43
CA GLY C 234 -52.52 45.25 -4.74
C GLY C 234 -51.82 44.14 -5.51
N ARG C 235 -50.73 44.45 -6.21
CA ARG C 235 -49.91 43.44 -6.86
C ARG C 235 -48.55 43.80 -6.34
N ILE C 236 -48.32 43.33 -5.12
CA ILE C 236 -47.08 43.55 -4.38
C ILE C 236 -45.76 43.47 -5.11
N PRO C 237 -45.59 42.48 -5.99
CA PRO C 237 -44.33 42.34 -6.74
C PRO C 237 -43.50 43.61 -6.95
N LYS C 238 -43.54 44.10 -8.19
CA LYS C 238 -42.79 45.29 -8.58
C LYS C 238 -41.90 45.99 -7.55
N THR C 239 -42.50 46.58 -6.52
CA THR C 239 -41.75 47.35 -5.54
C THR C 239 -41.15 46.68 -4.30
N TYR C 240 -40.02 47.23 -3.86
CA TYR C 240 -39.28 46.75 -2.68
C TYR C 240 -40.03 47.02 -1.37
N LYS C 241 -40.45 48.26 -1.19
CA LYS C 241 -41.18 48.65 0.01
C LYS C 241 -42.47 47.86 0.13
N GLU C 242 -43.09 47.51 -1.00
CA GLU C 242 -44.32 46.75 -0.96
C GLU C 242 -44.01 45.35 -0.43
N LYS C 243 -43.15 44.63 -1.14
CA LYS C 243 -42.78 43.28 -0.73
C LYS C 243 -42.40 43.23 0.74
N GLU C 244 -41.83 44.31 1.27
CA GLU C 244 -41.44 44.34 2.68
C GLU C 244 -42.64 44.57 3.58
N ASP C 245 -43.64 45.27 3.06
CA ASP C 245 -44.86 45.53 3.80
C ASP C 245 -45.55 44.18 3.91
N PHE C 246 -45.50 43.44 2.80
CA PHE C 246 -46.11 42.13 2.71
C PHE C 246 -45.44 41.09 3.60
N ARG C 247 -44.13 41.16 3.69
CA ARG C 247 -43.37 40.23 4.52
C ARG C 247 -43.68 40.44 5.99
N ASP C 248 -43.93 41.69 6.37
CA ASP C 248 -44.25 42.00 7.75
C ASP C 248 -45.68 41.56 8.03
N LEU C 249 -46.45 41.38 6.97
CA LEU C 249 -47.84 40.94 7.07
C LEU C 249 -47.87 39.44 7.38
N ILE C 250 -47.05 38.69 6.66
CA ILE C 250 -46.94 37.25 6.86
C ILE C 250 -46.38 36.99 8.27
N ARG C 251 -45.28 37.67 8.57
CA ARG C 251 -44.61 37.55 9.86
C ARG C 251 -45.56 37.79 11.03
N GLN C 252 -46.39 38.82 10.92
CA GLN C 252 -47.36 39.14 11.96
C GLN C 252 -48.45 38.07 12.01
N GLY C 253 -48.36 37.11 11.10
CA GLY C 253 -49.34 36.03 11.06
C GLY C 253 -48.88 34.81 11.85
N ILE C 254 -47.59 34.77 12.18
CA ILE C 254 -47.02 33.66 12.93
C ILE C 254 -47.50 33.62 14.39
N LEU C 255 -48.05 32.48 14.77
CA LEU C 255 -48.59 32.24 16.11
C LEU C 255 -47.92 32.98 17.27
N LYS C 256 -48.77 33.47 18.17
CA LYS C 256 -48.33 34.18 19.37
C LYS C 256 -48.57 33.23 20.54
N ASN C 257 -47.58 32.41 20.86
CA ASN C 257 -47.69 31.45 21.96
C ASN C 257 -48.30 32.11 23.19
N GLU C 258 -48.79 31.32 24.15
CA GLU C 258 -49.39 31.89 25.36
C GLU C 258 -48.66 33.18 25.71
N ASN C 259 -47.60 33.06 26.48
CA ASN C 259 -46.81 34.22 26.86
C ASN C 259 -46.93 35.27 25.75
N GLY C 260 -46.02 35.17 24.80
CA GLY C 260 -46.03 36.10 23.68
C GLY C 260 -45.07 35.67 22.58
N ALA C 261 -43.88 35.20 22.97
CA ALA C 261 -42.86 34.80 22.02
C ALA C 261 -43.43 34.05 20.82
N PRO C 262 -43.40 34.69 19.64
CA PRO C 262 -43.89 34.09 18.40
C PRO C 262 -43.25 32.73 18.14
N GLU C 263 -44.10 31.72 17.95
CA GLU C 263 -43.65 30.36 17.70
C GLU C 263 -42.96 30.23 16.34
N ASP C 264 -41.95 29.36 16.27
CA ASP C 264 -41.20 29.15 15.04
C ASP C 264 -41.89 28.17 14.10
N GLU C 265 -42.22 28.63 12.90
CA GLU C 265 -42.86 27.80 11.89
C GLU C 265 -42.04 27.80 10.61
N GLU C 266 -41.26 26.74 10.42
CA GLU C 266 -40.42 26.62 9.23
C GLU C 266 -41.20 27.01 7.98
N ASN C 267 -42.45 26.58 7.92
CA ASN C 267 -43.32 26.84 6.78
C ASN C 267 -43.57 28.33 6.53
N PHE C 268 -43.70 29.12 7.60
CA PHE C 268 -43.93 30.55 7.46
C PHE C 268 -42.63 31.25 7.10
N GLU C 269 -41.58 30.95 7.87
CA GLU C 269 -40.26 31.53 7.62
C GLU C 269 -39.96 31.32 6.14
N GLU C 270 -40.37 30.16 5.65
CA GLU C 270 -40.15 29.77 4.26
C GLU C 270 -40.99 30.60 3.29
N ALA C 271 -42.15 31.08 3.74
CA ALA C 271 -43.02 31.88 2.89
C ALA C 271 -42.43 33.28 2.73
N ILE C 272 -41.96 33.85 3.84
CA ILE C 272 -41.36 35.18 3.86
C ILE C 272 -40.18 35.28 2.90
N LYS C 273 -39.40 34.21 2.81
CA LYS C 273 -38.23 34.19 1.95
C LYS C 273 -38.56 34.11 0.46
N ASN C 274 -39.63 33.40 0.12
CA ASN C 274 -40.02 33.24 -1.29
C ASN C 274 -40.82 34.39 -1.89
N VAL C 275 -41.15 35.37 -1.06
CA VAL C 275 -41.92 36.52 -1.50
C VAL C 275 -41.31 37.26 -2.68
N ASN C 276 -40.06 37.66 -2.50
CA ASN C 276 -39.32 38.41 -3.51
C ASN C 276 -39.33 37.73 -4.88
N THR C 277 -39.35 36.41 -4.89
CA THR C 277 -39.31 35.67 -6.16
C THR C 277 -40.62 35.04 -6.61
N ALA C 278 -41.54 34.82 -5.69
CA ALA C 278 -42.82 34.17 -6.01
C ALA C 278 -43.85 35.00 -6.76
N LEU C 279 -44.03 36.25 -6.33
CA LEU C 279 -45.02 37.15 -6.89
C LEU C 279 -45.04 37.44 -8.40
N ASN C 280 -43.97 37.15 -9.11
CA ASN C 280 -43.98 37.38 -10.55
C ASN C 280 -43.08 36.39 -11.27
N THR C 281 -43.70 35.45 -11.99
CA THR C 281 -42.97 34.41 -12.70
C THR C 281 -43.54 34.12 -14.09
N THR C 282 -44.83 34.33 -14.25
CA THR C 282 -45.50 34.08 -15.53
C THR C 282 -45.27 35.22 -16.50
N GLN C 283 -44.53 34.94 -17.58
CA GLN C 283 -44.24 35.93 -18.60
C GLN C 283 -43.42 35.25 -19.68
N ILE C 284 -43.56 35.69 -20.92
CA ILE C 284 -42.82 35.09 -22.01
C ILE C 284 -41.42 35.64 -22.17
N PRO C 285 -40.40 34.86 -21.77
CA PRO C 285 -39.00 35.26 -21.86
C PRO C 285 -38.69 35.80 -23.26
N SER C 286 -37.79 36.77 -23.33
CA SER C 286 -37.41 37.41 -24.60
C SER C 286 -36.89 36.48 -25.70
N SER C 287 -36.13 35.46 -25.32
CA SER C 287 -35.59 34.50 -26.29
C SER C 287 -36.65 33.79 -27.12
N ILE C 288 -37.78 33.48 -26.48
CA ILE C 288 -38.91 32.82 -27.11
C ILE C 288 -39.53 33.79 -28.11
N GLU C 289 -39.65 35.04 -27.66
CA GLU C 289 -40.19 36.12 -28.48
C GLU C 289 -39.34 36.20 -29.74
N ASP C 290 -38.03 36.10 -29.56
CA ASP C 290 -37.10 36.15 -30.67
C ASP C 290 -37.44 35.06 -31.67
N ILE C 291 -37.78 33.88 -31.16
CA ILE C 291 -38.14 32.75 -32.01
C ILE C 291 -39.50 32.94 -32.68
N PHE C 292 -40.51 33.33 -31.90
CA PHE C 292 -41.84 33.56 -32.42
C PHE C 292 -41.82 34.53 -33.60
N ASN C 293 -40.93 35.51 -33.55
CA ASN C 293 -40.83 36.51 -34.61
C ASN C 293 -39.78 36.19 -35.65
N ASP C 294 -39.34 34.94 -35.68
CA ASP C 294 -38.33 34.54 -36.64
C ASP C 294 -38.91 34.13 -37.99
N ASP C 295 -38.21 34.51 -39.05
CA ASP C 295 -38.62 34.22 -40.42
C ASP C 295 -38.97 32.75 -40.65
N ARG C 296 -38.59 31.88 -39.71
CA ARG C 296 -38.88 30.45 -39.84
C ARG C 296 -40.08 30.00 -39.02
N CYS C 297 -40.55 30.87 -38.14
CA CYS C 297 -41.71 30.57 -37.31
C CYS C 297 -42.91 31.28 -37.92
N ILE C 298 -42.65 31.96 -39.04
CA ILE C 298 -43.65 32.70 -39.78
C ILE C 298 -43.92 32.02 -41.11
N ASN C 299 -42.94 32.07 -42.01
CA ASN C 299 -43.05 31.46 -43.33
C ASN C 299 -42.76 29.96 -43.30
N ILE C 300 -43.59 29.18 -42.61
CA ILE C 300 -43.38 27.74 -42.54
C ILE C 300 -43.77 27.12 -43.87
N THR C 301 -43.04 26.09 -44.29
CA THR C 301 -43.31 25.42 -45.57
C THR C 301 -43.41 23.91 -45.39
N LYS C 302 -43.37 23.18 -46.51
CA LYS C 302 -43.45 21.72 -46.51
C LYS C 302 -42.06 21.14 -46.34
N GLN C 303 -41.15 21.95 -45.78
CA GLN C 303 -39.78 21.53 -45.56
C GLN C 303 -39.26 22.14 -44.24
N THR C 304 -40.21 22.56 -43.41
CA THR C 304 -39.89 23.16 -42.11
C THR C 304 -39.71 22.10 -41.03
N PRO C 305 -38.58 22.14 -40.30
CA PRO C 305 -38.21 21.22 -39.23
C PRO C 305 -39.25 21.17 -38.11
N SER C 306 -39.29 20.04 -37.39
CA SER C 306 -40.26 19.86 -36.30
C SER C 306 -40.18 20.96 -35.23
N PHE C 307 -38.97 21.38 -34.88
CA PHE C 307 -38.78 22.43 -33.88
C PHE C 307 -39.62 23.66 -34.20
N TRP C 308 -39.45 24.18 -35.41
CA TRP C 308 -40.18 25.35 -35.86
C TRP C 308 -41.69 25.08 -35.89
N ILE C 309 -42.10 24.00 -36.56
CA ILE C 309 -43.51 23.66 -36.64
C ILE C 309 -44.06 23.46 -35.22
N LEU C 310 -43.16 23.31 -34.26
CA LEU C 310 -43.53 23.15 -32.87
C LEU C 310 -43.49 24.50 -32.20
N ALA C 311 -42.57 25.33 -32.70
CA ALA C 311 -42.40 26.68 -32.18
C ALA C 311 -43.69 27.44 -32.49
N ARG C 312 -44.12 27.38 -33.75
CA ARG C 312 -45.34 28.08 -34.15
C ARG C 312 -46.56 27.49 -33.45
N ALA C 313 -46.57 26.18 -33.26
CA ALA C 313 -47.67 25.50 -32.59
C ALA C 313 -47.81 26.00 -31.15
N LEU C 314 -46.78 26.68 -30.65
CA LEU C 314 -46.80 27.20 -29.29
C LEU C 314 -47.14 28.69 -29.34
N LYS C 315 -46.86 29.31 -30.48
CA LYS C 315 -47.15 30.71 -30.70
C LYS C 315 -48.66 30.82 -30.81
N GLU C 316 -49.21 30.07 -31.76
CA GLU C 316 -50.65 30.03 -32.01
C GLU C 316 -51.39 29.81 -30.70
N PHE C 317 -50.76 29.09 -29.78
CA PHE C 317 -51.36 28.77 -28.48
C PHE C 317 -51.43 29.89 -27.46
N VAL C 318 -50.36 30.67 -27.32
CA VAL C 318 -50.34 31.76 -26.36
C VAL C 318 -51.39 32.81 -26.68
N ALA C 319 -51.67 32.98 -27.98
CA ALA C 319 -52.65 33.95 -28.44
C ALA C 319 -54.08 33.51 -28.12
N LYS C 320 -54.36 32.22 -28.29
CA LYS C 320 -55.69 31.68 -28.06
C LYS C 320 -55.90 31.10 -26.66
N GLU C 321 -55.96 29.78 -26.55
CA GLU C 321 -56.19 29.13 -25.25
C GLU C 321 -55.09 29.44 -24.22
N GLY C 322 -54.22 30.39 -24.53
CA GLY C 322 -53.17 30.74 -23.59
C GLY C 322 -53.42 32.04 -22.86
N GLN C 323 -53.72 33.09 -23.63
CA GLN C 323 -53.97 34.41 -23.09
C GLN C 323 -52.67 35.10 -22.68
N GLY C 324 -51.74 35.19 -23.63
CA GLY C 324 -50.47 35.83 -23.37
C GLY C 324 -49.53 35.09 -22.41
N ASN C 325 -49.72 33.79 -22.28
CA ASN C 325 -48.87 33.01 -21.40
C ASN C 325 -48.62 31.62 -21.95
N LEU C 326 -47.46 31.06 -21.62
CA LEU C 326 -47.09 29.73 -22.07
C LEU C 326 -47.78 28.70 -21.18
N PRO C 327 -47.91 27.46 -21.65
CA PRO C 327 -48.55 26.37 -20.90
C PRO C 327 -47.90 26.19 -19.55
N VAL C 328 -48.70 26.06 -18.50
CA VAL C 328 -48.10 25.85 -17.19
C VAL C 328 -47.26 24.57 -17.25
N ARG C 329 -46.07 24.60 -16.67
CA ARG C 329 -45.18 23.43 -16.67
C ARG C 329 -45.86 22.26 -15.98
N GLY C 330 -46.20 22.44 -14.70
CA GLY C 330 -46.86 21.36 -13.98
C GLY C 330 -46.24 20.91 -12.67
N THR C 331 -45.10 21.47 -12.31
CA THR C 331 -44.45 21.07 -11.07
C THR C 331 -44.29 22.21 -10.08
N ILE C 332 -43.75 21.88 -8.91
CA ILE C 332 -43.48 22.85 -7.85
C ILE C 332 -42.31 22.33 -7.02
N PRO C 333 -41.73 23.17 -6.16
CA PRO C 333 -40.60 22.69 -5.35
C PRO C 333 -41.12 21.98 -4.11
N ASP C 334 -40.23 21.39 -3.33
CA ASP C 334 -40.63 20.72 -2.11
C ASP C 334 -40.78 21.83 -1.07
N MET C 335 -41.45 21.53 0.03
CA MET C 335 -41.65 22.53 1.06
C MET C 335 -42.28 21.95 2.32
N ILE C 336 -41.87 22.47 3.47
CA ILE C 336 -42.39 22.03 4.76
C ILE C 336 -43.91 22.07 4.68
N ALA C 337 -44.50 20.90 4.41
CA ALA C 337 -45.95 20.79 4.29
C ALA C 337 -46.44 19.45 4.83
N ASP C 338 -47.74 19.21 4.66
CA ASP C 338 -48.37 17.96 5.11
C ASP C 338 -48.39 16.98 3.93
N SER C 339 -48.36 15.69 4.24
CA SER C 339 -48.38 14.65 3.24
C SER C 339 -49.48 14.88 2.21
N GLY C 340 -50.72 14.88 2.68
CA GLY C 340 -51.85 15.08 1.78
C GLY C 340 -51.87 16.45 1.14
N LYS C 341 -51.73 17.48 1.97
CA LYS C 341 -51.74 18.86 1.49
C LYS C 341 -50.82 19.10 0.31
N TYR C 342 -49.52 18.83 0.51
CA TYR C 342 -48.54 19.00 -0.54
C TYR C 342 -48.98 18.30 -1.82
N ILE C 343 -49.42 17.05 -1.68
CA ILE C 343 -49.86 16.27 -2.83
C ILE C 343 -51.08 16.90 -3.50
N LYS C 344 -52.11 17.18 -2.71
CA LYS C 344 -53.31 17.80 -3.27
C LYS C 344 -52.87 19.01 -4.08
N LEU C 345 -52.12 19.89 -3.42
CA LEU C 345 -51.61 21.10 -4.06
C LEU C 345 -50.87 20.78 -5.35
N GLN C 346 -49.90 19.86 -5.24
CA GLN C 346 -49.09 19.43 -6.37
C GLN C 346 -49.90 18.87 -7.53
N ASN C 347 -50.92 18.09 -7.19
CA ASN C 347 -51.80 17.46 -8.18
C ASN C 347 -52.52 18.49 -9.05
N VAL C 348 -52.83 19.63 -8.45
CA VAL C 348 -53.52 20.70 -9.15
C VAL C 348 -52.82 21.13 -10.44
N TYR C 349 -51.58 21.60 -10.34
CA TYR C 349 -50.82 22.07 -11.52
C TYR C 349 -50.68 21.09 -12.69
N ARG C 350 -50.43 19.83 -12.37
CA ARG C 350 -50.24 18.81 -13.39
C ARG C 350 -51.40 18.76 -14.39
N GLU C 351 -52.60 18.61 -13.86
CA GLU C 351 -53.79 18.53 -14.68
C GLU C 351 -53.92 19.64 -15.71
N LYS C 352 -53.48 20.84 -15.37
CA LYS C 352 -53.58 21.93 -16.34
C LYS C 352 -52.45 21.85 -17.34
N ALA C 353 -51.27 21.47 -16.84
CA ALA C 353 -50.11 21.32 -17.71
C ALA C 353 -50.55 20.37 -18.81
N LYS C 354 -51.26 19.32 -18.39
CA LYS C 354 -51.77 18.31 -19.30
C LYS C 354 -52.86 18.96 -20.15
N LYS C 355 -53.83 19.55 -19.45
CA LYS C 355 -54.94 20.24 -20.10
C LYS C 355 -54.40 21.15 -21.20
N ASP C 356 -53.37 21.93 -20.87
CA ASP C 356 -52.74 22.83 -21.83
C ASP C 356 -51.88 22.06 -22.81
N ALA C 357 -51.18 21.04 -22.31
CA ALA C 357 -50.34 20.23 -23.17
C ALA C 357 -51.23 19.75 -24.30
N ALA C 358 -52.37 19.16 -23.92
CA ALA C 358 -53.34 18.65 -24.88
C ALA C 358 -53.73 19.78 -25.84
N ALA C 359 -54.06 20.93 -25.27
CA ALA C 359 -54.44 22.10 -26.03
C ALA C 359 -53.40 22.40 -27.11
N VAL C 360 -52.15 22.57 -26.68
CA VAL C 360 -51.06 22.86 -27.60
C VAL C 360 -51.05 21.84 -28.72
N GLY C 361 -51.08 20.57 -28.36
CA GLY C 361 -51.07 19.51 -29.34
C GLY C 361 -52.01 19.78 -30.50
N ASN C 362 -53.24 20.18 -30.17
CA ASN C 362 -54.25 20.46 -31.18
C ASN C 362 -53.71 21.29 -32.35
N HIS C 363 -53.06 22.41 -32.04
CA HIS C 363 -52.52 23.28 -33.08
C HIS C 363 -51.51 22.65 -34.04
N VAL C 364 -50.61 21.84 -33.51
CA VAL C 364 -49.62 21.18 -34.36
C VAL C 364 -50.36 20.42 -35.45
N ALA C 365 -51.38 19.67 -35.04
CA ALA C 365 -52.18 18.88 -35.98
C ALA C 365 -52.59 19.73 -37.16
N LYS C 366 -53.41 20.74 -36.91
CA LYS C 366 -53.89 21.64 -37.95
C LYS C 366 -52.70 22.28 -38.67
N LEU C 367 -51.81 22.88 -37.89
CA LEU C 367 -50.64 23.54 -38.44
C LEU C 367 -49.86 22.55 -39.31
N LEU C 368 -49.67 21.33 -38.80
CA LEU C 368 -48.94 20.31 -39.54
C LEU C 368 -49.79 19.78 -40.68
N GLN C 369 -51.09 20.05 -40.62
CA GLN C 369 -52.02 19.61 -41.66
C GLN C 369 -51.93 20.58 -42.83
N SER C 370 -51.83 21.87 -42.52
CA SER C 370 -51.72 22.89 -43.55
C SER C 370 -50.46 22.62 -44.37
N ILE C 371 -49.52 21.90 -43.77
CA ILE C 371 -48.27 21.53 -44.44
C ILE C 371 -48.46 20.09 -44.92
N GLY C 372 -49.32 19.37 -44.21
CA GLY C 372 -49.61 17.98 -44.54
C GLY C 372 -48.38 17.13 -44.76
N GLN C 373 -47.25 17.60 -44.22
CA GLN C 373 -45.99 16.89 -44.36
C GLN C 373 -46.08 15.48 -43.79
N ALA C 374 -47.18 15.19 -43.10
CA ALA C 374 -47.41 13.88 -42.50
C ALA C 374 -48.63 13.91 -41.58
N PRO C 375 -48.98 12.75 -40.99
CA PRO C 375 -50.13 12.65 -40.08
C PRO C 375 -49.76 12.86 -38.61
N GLU C 376 -48.53 12.50 -38.25
CA GLU C 376 -48.05 12.64 -36.88
C GLU C 376 -46.53 12.51 -36.80
N SER C 377 -45.83 13.52 -37.31
CA SER C 377 -44.37 13.52 -37.30
C SER C 377 -43.85 13.98 -35.95
N ILE C 378 -44.78 14.27 -35.04
CA ILE C 378 -44.45 14.71 -33.70
C ILE C 378 -45.06 13.75 -32.69
N SER C 379 -44.20 13.10 -31.90
CA SER C 379 -44.64 12.15 -30.90
C SER C 379 -45.47 12.83 -29.82
N GLU C 380 -46.27 12.03 -29.11
CA GLU C 380 -47.10 12.56 -28.04
C GLU C 380 -46.20 12.72 -26.82
N LYS C 381 -45.00 12.16 -26.92
CA LYS C 381 -44.04 12.23 -25.82
C LYS C 381 -43.15 13.45 -25.93
N GLU C 382 -42.51 13.62 -27.09
CA GLU C 382 -41.63 14.76 -27.27
C GLU C 382 -42.41 16.07 -27.18
N LEU C 383 -43.73 15.97 -27.13
CA LEU C 383 -44.58 17.16 -27.02
C LEU C 383 -44.82 17.43 -25.55
N LYS C 384 -44.90 16.37 -24.74
CA LYS C 384 -45.08 16.53 -23.31
C LYS C 384 -43.74 17.08 -22.82
N LEU C 385 -42.77 17.06 -23.74
CA LEU C 385 -41.42 17.52 -23.49
C LEU C 385 -41.32 19.00 -23.83
N LEU C 386 -42.03 19.42 -24.88
CA LEU C 386 -42.03 20.80 -25.32
C LEU C 386 -42.85 21.70 -24.40
N CYS C 387 -44.01 21.22 -23.97
CA CYS C 387 -44.86 22.02 -23.11
C CYS C 387 -44.27 22.12 -21.71
N SER C 388 -43.20 21.38 -21.46
CA SER C 388 -42.55 21.42 -20.15
C SER C 388 -41.28 22.26 -20.18
N ASN C 389 -40.82 22.58 -21.39
CA ASN C 389 -39.62 23.37 -21.58
C ASN C 389 -39.87 24.48 -22.59
N SER C 390 -41.14 24.93 -22.65
CA SER C 390 -41.55 25.98 -23.57
C SER C 390 -40.84 27.30 -23.27
N ALA C 391 -40.66 27.58 -21.98
CA ALA C 391 -40.00 28.81 -21.54
C ALA C 391 -38.49 28.60 -21.48
N PHE C 392 -38.01 27.55 -22.13
CA PHE C 392 -36.60 27.23 -22.09
C PHE C 392 -35.99 27.01 -23.48
N LEU C 393 -36.80 27.05 -24.52
CA LEU C 393 -36.26 26.82 -25.87
C LEU C 393 -35.11 27.77 -26.16
N ARG C 394 -34.26 27.40 -27.11
CA ARG C 394 -33.13 28.22 -27.48
C ARG C 394 -32.71 27.88 -28.89
N VAL C 395 -32.14 28.85 -29.59
CA VAL C 395 -31.67 28.65 -30.95
C VAL C 395 -30.29 29.28 -31.08
N VAL C 396 -29.38 28.54 -31.71
CA VAL C 396 -28.04 29.04 -31.88
C VAL C 396 -27.64 28.95 -33.33
N ARG C 397 -27.12 30.05 -33.86
CA ARG C 397 -26.68 30.09 -35.23
C ARG C 397 -25.26 30.62 -35.17
N CYS C 398 -24.36 29.99 -35.92
CA CYS C 398 -22.98 30.41 -35.92
C CYS C 398 -22.62 30.94 -37.28
N ARG C 399 -21.89 32.04 -37.32
CA ARG C 399 -21.49 32.59 -38.61
C ARG C 399 -20.64 31.50 -39.23
N SER C 400 -20.39 31.57 -40.53
CA SER C 400 -19.57 30.57 -41.17
C SER C 400 -18.14 30.96 -40.87
N LEU C 401 -17.20 30.10 -41.23
CA LEU C 401 -15.80 30.39 -40.99
C LEU C 401 -15.39 31.41 -42.06
N ALA C 402 -16.05 31.36 -43.22
CA ALA C 402 -15.78 32.30 -44.31
C ALA C 402 -16.14 33.70 -43.82
N GLU C 403 -17.32 33.82 -43.23
CA GLU C 403 -17.76 35.10 -42.70
C GLU C 403 -16.70 35.63 -41.73
N GLU C 404 -16.13 34.74 -40.93
CA GLU C 404 -15.11 35.15 -39.96
C GLU C 404 -13.81 35.64 -40.58
N TYR C 405 -13.43 35.05 -41.72
CA TYR C 405 -12.19 35.42 -42.39
C TYR C 405 -12.34 36.52 -43.44
N GLY C 406 -13.54 36.69 -43.98
CA GLY C 406 -13.79 37.71 -44.99
C GLY C 406 -13.39 39.12 -44.58
N LEU C 407 -12.71 39.85 -45.47
CA LEU C 407 -12.25 41.19 -45.17
C LEU C 407 -13.36 42.17 -44.80
N ASP C 408 -14.57 41.94 -45.31
CA ASP C 408 -15.68 42.83 -45.00
C ASP C 408 -16.74 42.14 -44.18
N THR C 409 -16.32 41.13 -43.42
CA THR C 409 -17.26 40.39 -42.58
C THR C 409 -16.72 40.16 -41.17
N ILE C 410 -15.39 40.17 -41.04
CA ILE C 410 -14.74 39.97 -39.74
C ILE C 410 -15.48 40.82 -38.72
N ASN C 411 -15.86 40.19 -37.61
CA ASN C 411 -16.59 40.88 -36.55
C ASN C 411 -15.66 41.83 -35.77
N LYS C 412 -15.18 42.87 -36.43
CA LYS C 412 -14.27 43.85 -35.83
C LYS C 412 -14.78 44.41 -34.51
N ASP C 413 -16.10 44.47 -34.37
CA ASP C 413 -16.71 45.00 -33.16
C ASP C 413 -16.18 44.23 -31.95
N GLU C 414 -16.56 42.97 -31.87
CA GLU C 414 -16.16 42.08 -30.80
C GLU C 414 -14.65 42.15 -30.55
N ILE C 415 -13.86 41.90 -31.58
CA ILE C 415 -12.42 41.93 -31.42
C ILE C 415 -11.89 43.22 -30.77
N ILE C 416 -12.33 44.37 -31.27
CA ILE C 416 -11.87 45.63 -30.72
C ILE C 416 -12.36 45.89 -29.28
N SER C 417 -13.63 45.66 -29.02
CA SER C 417 -14.16 45.86 -27.65
C SER C 417 -13.31 45.03 -26.70
N SER C 418 -13.28 43.72 -26.91
CA SER C 418 -12.51 42.82 -26.07
C SER C 418 -11.08 43.27 -25.82
N MET C 419 -10.49 43.96 -26.80
CA MET C 419 -9.11 44.40 -26.63
C MET C 419 -8.91 45.58 -25.68
N ASP C 420 -10.01 46.10 -25.13
CA ASP C 420 -9.88 47.21 -24.17
C ASP C 420 -8.95 46.74 -23.07
N ASN C 421 -8.80 45.42 -22.98
CA ASN C 421 -7.94 44.78 -22.01
C ASN C 421 -6.85 44.08 -22.80
N PRO C 422 -5.62 44.60 -22.74
CA PRO C 422 -4.47 44.03 -23.45
C PRO C 422 -4.19 42.57 -23.16
N ASP C 423 -4.73 42.07 -22.06
CA ASP C 423 -4.53 40.67 -21.71
C ASP C 423 -5.81 39.85 -21.86
N ASN C 424 -6.79 40.38 -22.58
CA ASN C 424 -8.02 39.63 -22.79
C ASN C 424 -7.74 38.43 -23.68
N GLU C 425 -8.42 37.31 -23.40
CA GLU C 425 -8.22 36.08 -24.17
C GLU C 425 -8.20 36.27 -25.68
N ILE C 426 -8.82 37.34 -26.15
CA ILE C 426 -8.88 37.64 -27.58
C ILE C 426 -7.49 37.86 -28.17
N VAL C 427 -6.55 38.28 -27.35
CA VAL C 427 -5.19 38.51 -27.82
C VAL C 427 -4.63 37.16 -28.34
N LEU C 428 -4.95 36.08 -27.63
CA LEU C 428 -4.48 34.74 -28.01
C LEU C 428 -4.97 34.34 -29.39
N TYR C 429 -6.18 34.75 -29.72
CA TYR C 429 -6.75 34.46 -31.04
C TYR C 429 -6.00 35.25 -32.12
N LEU C 430 -5.67 36.49 -31.83
CA LEU C 430 -4.96 37.30 -32.81
C LEU C 430 -3.66 36.59 -33.17
N MET C 431 -3.03 35.96 -32.18
CA MET C 431 -1.79 35.22 -32.42
C MET C 431 -2.05 33.95 -33.25
N LEU C 432 -3.07 33.17 -32.88
CA LEU C 432 -3.38 31.97 -33.65
C LEU C 432 -3.43 32.35 -35.12
N ARG C 433 -3.97 33.53 -35.39
CA ARG C 433 -4.07 34.03 -36.75
C ARG C 433 -2.68 34.37 -37.30
N ALA C 434 -1.89 35.08 -36.50
CA ALA C 434 -0.55 35.45 -36.92
C ALA C 434 0.33 34.20 -37.12
N VAL C 435 0.08 33.17 -36.32
CA VAL C 435 0.82 31.92 -36.41
C VAL C 435 0.41 31.13 -37.65
N ASP C 436 -0.85 31.25 -38.03
CA ASP C 436 -1.35 30.55 -39.22
C ASP C 436 -0.73 31.16 -40.47
N ARG C 437 -0.60 32.48 -40.48
CA ARG C 437 -0.01 33.18 -41.62
C ARG C 437 1.44 32.70 -41.74
N PHE C 438 2.16 32.79 -40.63
CA PHE C 438 3.56 32.36 -40.56
C PHE C 438 3.71 30.98 -41.19
N HIS C 439 2.68 30.15 -41.06
CA HIS C 439 2.68 28.79 -41.60
C HIS C 439 2.39 28.78 -43.10
N LYS C 440 1.48 29.65 -43.54
CA LYS C 440 1.13 29.72 -44.95
C LYS C 440 2.26 30.44 -45.68
N GLN C 441 3.33 30.69 -44.95
CA GLN C 441 4.49 31.37 -45.51
C GLN C 441 5.68 30.41 -45.59
N GLN C 442 6.03 29.80 -44.46
CA GLN C 442 7.15 28.86 -44.41
C GLN C 442 6.68 27.41 -44.32
N GLY C 443 5.38 27.20 -44.20
CA GLY C 443 4.87 25.84 -44.09
C GLY C 443 5.37 25.15 -42.83
N ARG C 444 5.48 25.92 -41.75
CA ARG C 444 5.95 25.43 -40.45
C ARG C 444 5.29 26.26 -39.35
N TYR C 445 5.98 26.42 -38.22
CA TYR C 445 5.45 27.22 -37.12
C TYR C 445 6.54 27.94 -36.35
N PRO C 446 6.17 29.05 -35.71
CA PRO C 446 7.09 29.88 -34.91
C PRO C 446 7.75 29.14 -33.74
N GLY C 447 8.99 28.72 -33.93
CA GLY C 447 9.71 28.04 -32.87
C GLY C 447 9.79 26.52 -32.96
N VAL C 448 9.04 25.92 -33.87
CA VAL C 448 9.06 24.46 -34.01
C VAL C 448 10.46 24.00 -34.39
N SER C 449 11.33 23.93 -33.39
CA SER C 449 12.73 23.53 -33.54
C SER C 449 13.48 24.05 -32.32
N ASN C 450 14.16 23.14 -31.62
CA ASN C 450 14.92 23.50 -30.43
C ASN C 450 15.61 24.86 -30.50
N TYR C 451 14.98 25.84 -29.89
CA TYR C 451 15.50 27.21 -29.82
C TYR C 451 15.88 27.86 -31.15
N GLN C 452 15.02 28.76 -31.61
CA GLN C 452 15.21 29.53 -32.84
C GLN C 452 14.46 30.84 -32.62
N VAL C 453 14.10 31.05 -31.37
CA VAL C 453 13.36 32.22 -30.91
C VAL C 453 13.91 33.55 -31.44
N GLU C 454 15.17 33.84 -31.11
CA GLU C 454 15.82 35.08 -31.52
C GLU C 454 15.66 35.46 -32.99
N GLU C 455 15.08 34.57 -33.80
CA GLU C 455 14.90 34.84 -35.21
C GLU C 455 13.45 34.94 -35.66
N ASP C 456 12.56 34.30 -34.91
CA ASP C 456 11.14 34.32 -35.24
C ASP C 456 10.36 35.41 -34.50
N ILE C 457 10.80 35.74 -33.30
CA ILE C 457 10.12 36.76 -32.51
C ILE C 457 9.91 38.03 -33.33
N GLY C 458 10.98 38.55 -33.91
CA GLY C 458 10.87 39.74 -34.71
C GLY C 458 10.15 39.47 -36.02
N LYS C 459 10.29 38.24 -36.53
CA LYS C 459 9.66 37.85 -37.77
C LYS C 459 8.14 37.71 -37.63
N LEU C 460 7.69 36.82 -36.75
CA LEU C 460 6.27 36.60 -36.52
C LEU C 460 5.55 37.93 -36.34
N LYS C 461 6.17 38.84 -35.60
CA LYS C 461 5.62 40.17 -35.35
C LYS C 461 5.16 40.82 -36.64
N SER C 462 6.01 40.74 -37.66
CA SER C 462 5.71 41.31 -38.96
C SER C 462 4.43 40.70 -39.50
N CYS C 463 4.18 39.44 -39.15
CA CYS C 463 2.97 38.78 -39.61
C CYS C 463 1.75 39.31 -38.86
N LEU C 464 1.91 39.53 -37.56
CA LEU C 464 0.82 40.06 -36.74
C LEU C 464 0.43 41.42 -37.30
N THR C 465 1.45 42.26 -37.54
CA THR C 465 1.27 43.60 -38.09
C THR C 465 0.59 43.51 -39.46
N GLY C 466 0.73 42.37 -40.12
CA GLY C 466 0.11 42.17 -41.43
C GLY C 466 -1.34 41.72 -41.30
N PHE C 467 -1.59 40.77 -40.39
CA PHE C 467 -2.95 40.28 -40.19
C PHE C 467 -3.84 41.42 -39.72
N LEU C 468 -3.32 42.22 -38.79
CA LEU C 468 -4.07 43.34 -38.25
C LEU C 468 -4.33 44.43 -39.31
N GLN C 469 -3.33 44.72 -40.13
CA GLN C 469 -3.49 45.74 -41.15
C GLN C 469 -4.42 45.30 -42.27
N GLU C 470 -4.45 44.01 -42.57
CA GLU C 470 -5.31 43.51 -43.63
C GLU C 470 -6.80 43.58 -43.31
N TYR C 471 -7.14 43.80 -42.05
CA TYR C 471 -8.55 43.85 -41.67
C TYR C 471 -9.05 45.16 -41.08
N GLY C 472 -8.12 46.05 -40.75
CA GLY C 472 -8.52 47.32 -40.18
C GLY C 472 -8.66 47.23 -38.67
N LEU C 473 -7.69 46.58 -38.04
CA LEU C 473 -7.67 46.43 -36.59
C LEU C 473 -6.61 47.36 -36.01
N SER C 474 -7.05 48.52 -35.55
CA SER C 474 -6.16 49.52 -34.98
C SER C 474 -5.72 49.07 -33.58
N VAL C 475 -5.74 47.77 -33.36
CA VAL C 475 -5.38 47.21 -32.06
C VAL C 475 -3.90 47.04 -31.84
N MET C 476 -3.50 47.12 -30.57
CA MET C 476 -2.10 46.98 -30.17
C MET C 476 -1.95 45.71 -29.32
N VAL C 477 -1.02 44.85 -29.71
CA VAL C 477 -0.76 43.60 -29.01
C VAL C 477 0.67 43.61 -28.47
N LYS C 478 0.82 43.50 -27.15
CA LYS C 478 2.15 43.50 -26.52
C LYS C 478 3.12 42.58 -27.23
N ASP C 479 4.38 42.99 -27.29
CA ASP C 479 5.41 42.18 -27.94
C ASP C 479 5.58 40.90 -27.12
N ASP C 480 5.25 40.98 -25.82
CA ASP C 480 5.35 39.84 -24.93
C ASP C 480 4.60 38.64 -25.51
N TYR C 481 3.37 38.88 -25.95
CA TYR C 481 2.54 37.83 -26.53
C TYR C 481 3.11 37.26 -27.82
N VAL C 482 4.04 37.99 -28.43
CA VAL C 482 4.65 37.55 -29.67
C VAL C 482 5.77 36.59 -29.33
N HIS C 483 6.64 37.05 -28.42
CA HIS C 483 7.76 36.25 -27.95
C HIS C 483 7.19 34.96 -27.37
N GLU C 484 6.24 35.12 -26.45
CA GLU C 484 5.57 34.01 -25.78
C GLU C 484 5.10 32.92 -26.74
N PHE C 485 4.67 33.31 -27.94
CA PHE C 485 4.20 32.32 -28.91
C PHE C 485 5.34 31.67 -29.68
N CYS C 486 6.53 32.23 -29.54
CA CYS C 486 7.69 31.64 -30.19
C CYS C 486 8.15 30.49 -29.29
N ARG C 487 7.79 30.60 -28.02
CA ARG C 487 8.12 29.56 -27.06
C ARG C 487 7.22 28.38 -27.39
N TYR C 488 5.91 28.64 -27.52
CA TYR C 488 4.99 27.57 -27.87
C TYR C 488 5.43 27.10 -29.25
N GLY C 489 6.36 26.15 -29.29
CA GLY C 489 6.83 25.66 -30.58
C GLY C 489 5.77 24.82 -31.26
N ALA C 490 4.52 25.26 -31.14
CA ALA C 490 3.38 24.54 -31.73
C ALA C 490 3.22 23.26 -30.94
N ALA C 491 3.69 23.30 -29.70
CA ALA C 491 3.62 22.16 -28.80
C ALA C 491 2.17 21.80 -28.50
N GLU C 492 1.94 20.52 -28.23
CA GLU C 492 0.60 20.04 -27.90
C GLU C 492 0.66 19.44 -26.50
N PRO C 493 0.94 20.26 -25.47
CA PRO C 493 1.01 19.74 -24.10
C PRO C 493 -0.21 18.87 -23.84
N HIS C 494 -0.05 17.82 -23.04
CA HIS C 494 -1.18 16.93 -22.78
C HIS C 494 -2.31 17.48 -21.91
N THR C 495 -1.98 18.22 -20.85
CA THR C 495 -3.05 18.75 -19.98
C THR C 495 -3.99 19.66 -20.76
N ILE C 496 -3.44 20.64 -21.47
CA ILE C 496 -4.26 21.52 -22.27
C ILE C 496 -5.11 20.66 -23.22
N ALA C 497 -4.46 19.78 -23.97
CA ALA C 497 -5.21 18.91 -24.87
C ALA C 497 -6.30 18.12 -24.17
N ALA C 498 -6.09 17.81 -22.89
CA ALA C 498 -7.04 17.03 -22.11
C ALA C 498 -8.20 17.92 -21.65
N PHE C 499 -7.89 19.14 -21.26
CA PHE C 499 -8.93 20.08 -20.85
C PHE C 499 -9.80 20.24 -22.09
N LEU C 500 -9.16 20.67 -23.17
CA LEU C 500 -9.83 20.90 -24.43
C LEU C 500 -10.67 19.69 -24.81
N GLY C 501 -10.17 18.50 -24.48
CA GLY C 501 -10.88 17.27 -24.78
C GLY C 501 -12.16 17.06 -23.98
N GLY C 502 -12.15 17.40 -22.70
CA GLY C 502 -13.36 17.22 -21.91
C GLY C 502 -14.46 18.19 -22.36
N ALA C 503 -14.08 19.45 -22.54
CA ALA C 503 -15.00 20.50 -22.96
C ALA C 503 -15.58 20.25 -24.35
N ALA C 504 -14.69 20.04 -25.32
CA ALA C 504 -15.12 19.78 -26.69
C ALA C 504 -16.06 18.60 -26.75
N ALA C 505 -15.71 17.53 -26.05
CA ALA C 505 -16.55 16.34 -26.04
C ALA C 505 -17.99 16.63 -25.59
N GLN C 506 -18.13 17.40 -24.53
CA GLN C 506 -19.48 17.70 -24.05
C GLN C 506 -20.28 18.51 -25.07
N GLU C 507 -19.61 19.40 -25.79
CA GLU C 507 -20.32 20.20 -26.81
C GLU C 507 -20.79 19.24 -27.90
N VAL C 508 -19.90 18.34 -28.33
CA VAL C 508 -20.27 17.37 -29.35
C VAL C 508 -21.46 16.54 -28.86
N ILE C 509 -21.49 16.24 -27.57
CA ILE C 509 -22.61 15.48 -27.02
C ILE C 509 -23.86 16.32 -27.05
N LYS C 510 -23.70 17.64 -26.86
CA LYS C 510 -24.84 18.57 -26.89
C LYS C 510 -25.51 18.58 -28.26
N ILE C 511 -24.68 18.62 -29.31
CA ILE C 511 -25.12 18.61 -30.69
C ILE C 511 -25.88 17.31 -31.00
N ILE C 512 -25.36 16.19 -30.51
CA ILE C 512 -25.94 14.86 -30.73
C ILE C 512 -27.30 14.67 -30.09
N THR C 513 -27.38 14.95 -28.80
CA THR C 513 -28.64 14.80 -28.06
C THR C 513 -29.52 16.00 -28.25
N LYS C 514 -28.91 17.11 -28.63
CA LYS C 514 -29.64 18.35 -28.83
C LYS C 514 -30.24 18.79 -27.50
N GLN C 515 -29.47 18.61 -26.44
CA GLN C 515 -29.87 19.00 -25.09
C GLN C 515 -28.80 19.93 -24.52
N PHE C 516 -29.22 20.84 -23.64
CA PHE C 516 -28.32 21.83 -23.07
C PHE C 516 -27.97 22.79 -24.23
N VAL C 517 -27.32 23.92 -23.93
CA VAL C 517 -26.99 24.87 -24.98
C VAL C 517 -25.52 24.89 -25.37
N ILE C 518 -25.24 24.74 -26.66
CA ILE C 518 -23.87 24.77 -27.11
C ILE C 518 -23.31 26.18 -27.04
N PHE C 519 -22.00 26.29 -26.89
CA PHE C 519 -21.39 27.61 -26.81
C PHE C 519 -21.50 28.23 -28.19
N ASN C 520 -22.03 29.44 -28.26
CA ASN C 520 -22.16 30.05 -29.58
C ASN C 520 -20.83 30.63 -30.02
N ASN C 521 -20.24 29.94 -31.01
CA ASN C 521 -18.98 30.36 -31.62
C ASN C 521 -17.77 30.06 -30.72
N THR C 522 -16.65 30.70 -31.00
CA THR C 522 -15.38 30.50 -30.32
C THR C 522 -15.18 30.51 -28.80
N TYR C 523 -14.42 29.51 -28.33
CA TYR C 523 -14.06 29.34 -26.91
C TYR C 523 -12.54 29.30 -26.83
N ILE C 524 -11.98 30.05 -25.89
CA ILE C 524 -10.55 30.08 -25.74
C ILE C 524 -10.12 29.95 -24.29
N TYR C 525 -9.18 29.04 -24.07
CA TYR C 525 -8.66 28.75 -22.74
C TYR C 525 -7.16 28.97 -22.70
N SER C 526 -6.74 29.73 -21.69
CA SER C 526 -5.33 29.98 -21.45
C SER C 526 -5.01 29.05 -20.27
N GLY C 527 -4.05 28.15 -20.45
CA GLY C 527 -3.70 27.28 -19.34
C GLY C 527 -2.79 28.07 -18.43
N MET C 528 -2.13 29.04 -19.05
CA MET C 528 -1.19 29.92 -18.39
C MET C 528 -1.77 30.57 -17.14
N SER C 529 -2.97 31.14 -17.27
CA SER C 529 -3.63 31.81 -16.15
C SER C 529 -4.94 31.14 -15.77
N GLN C 530 -5.26 30.05 -16.44
CA GLN C 530 -6.49 29.33 -16.19
C GLN C 530 -7.74 30.18 -16.37
N THR C 531 -7.82 30.90 -17.48
CA THR C 531 -9.00 31.71 -17.78
C THR C 531 -9.56 31.30 -19.14
N SER C 532 -10.82 31.61 -19.37
CA SER C 532 -11.43 31.27 -20.63
C SER C 532 -12.50 32.30 -20.98
N ALA C 533 -12.88 32.33 -22.25
CA ALA C 533 -13.89 33.28 -22.69
C ALA C 533 -14.51 32.78 -23.98
N THR C 534 -15.76 33.13 -24.20
CA THR C 534 -16.43 32.76 -25.42
C THR C 534 -16.43 34.00 -26.31
N PHE C 535 -16.55 33.82 -27.61
CA PHE C 535 -16.63 34.94 -28.50
C PHE C 535 -17.50 34.55 -29.65
N GLN C 536 -18.07 35.58 -30.25
CA GLN C 536 -18.88 35.38 -31.40
C GLN C 536 -18.11 36.13 -32.48
N LEU C 537 -17.23 35.41 -33.13
CA LEU C 537 -16.48 35.90 -34.25
C LEU C 537 -17.28 35.77 -35.53
N HIS D 21 7.02 20.13 -25.86
CA HIS D 21 5.85 19.90 -24.96
C HIS D 21 6.14 20.32 -23.54
N VAL D 22 7.34 20.01 -23.04
CA VAL D 22 7.73 20.37 -21.68
C VAL D 22 9.07 21.09 -21.68
N LYS D 23 9.95 20.74 -22.62
CA LYS D 23 11.27 21.36 -22.73
C LYS D 23 11.15 22.76 -23.30
N LYS D 24 9.95 23.33 -23.19
CA LYS D 24 9.67 24.66 -23.69
C LYS D 24 9.20 25.56 -22.56
N PHE D 25 8.60 24.96 -21.54
CA PHE D 25 8.07 25.70 -20.40
C PHE D 25 8.97 25.54 -19.18
N LEU D 26 10.24 25.22 -19.43
CA LEU D 26 11.23 25.04 -18.38
C LEU D 26 12.60 25.42 -18.92
N GLU D 27 12.97 24.82 -20.04
CA GLU D 27 14.26 25.08 -20.67
C GLU D 27 14.31 26.52 -21.16
N ARG D 28 13.13 27.14 -21.29
CA ARG D 28 13.03 28.52 -21.73
C ARG D 28 12.71 29.40 -20.53
N SER D 29 12.41 30.67 -20.78
CA SER D 29 12.07 31.62 -19.72
C SER D 29 11.74 32.99 -20.28
N GLY D 30 10.53 33.45 -20.02
CA GLY D 30 10.12 34.76 -20.49
C GLY D 30 9.16 35.40 -19.50
N PRO D 31 8.54 36.54 -19.87
CA PRO D 31 7.59 37.25 -19.00
C PRO D 31 6.46 36.34 -18.52
N PHE D 32 5.60 36.87 -17.66
CA PHE D 32 4.48 36.09 -17.13
C PHE D 32 5.03 34.98 -16.24
N THR D 33 6.34 35.04 -15.98
CA THR D 33 7.03 34.05 -15.16
C THR D 33 7.04 34.36 -13.67
N HIS D 34 7.61 33.46 -12.88
CA HIS D 34 7.68 33.60 -11.43
C HIS D 34 9.12 33.94 -11.01
N PRO D 35 9.27 34.80 -9.98
CA PRO D 35 10.58 35.23 -9.45
C PRO D 35 11.59 34.12 -9.16
N ASP D 36 11.09 32.89 -8.97
CA ASP D 36 11.95 31.76 -8.67
C ASP D 36 11.96 30.78 -9.83
N PHE D 37 11.75 31.28 -11.04
CA PHE D 37 11.72 30.44 -12.24
C PHE D 37 13.13 30.16 -12.75
N GLU D 38 13.35 28.97 -13.32
CA GLU D 38 14.67 28.65 -13.80
C GLU D 38 14.86 27.92 -15.11
N PRO D 39 15.35 28.64 -16.13
CA PRO D 39 15.57 27.89 -17.37
C PRO D 39 16.65 26.98 -16.83
N SER D 40 16.31 25.72 -16.63
CA SER D 40 17.26 24.79 -16.11
C SER D 40 16.81 23.40 -16.52
N THR D 41 17.64 22.76 -17.33
CA THR D 41 17.33 21.42 -17.79
C THR D 41 17.22 20.53 -16.55
N GLU D 42 17.58 21.09 -15.40
CA GLU D 42 17.53 20.38 -14.13
C GLU D 42 16.12 20.47 -13.54
N SER D 43 15.37 21.55 -13.84
CA SER D 43 14.01 21.67 -13.34
C SER D 43 13.28 20.45 -13.87
N LEU D 44 13.31 20.29 -15.20
CA LEU D 44 12.68 19.16 -15.84
C LEU D 44 13.15 17.87 -15.16
N GLN D 45 14.27 17.97 -14.46
CA GLN D 45 14.84 16.82 -13.76
C GLN D 45 14.35 16.69 -12.33
N PHE D 46 14.56 17.71 -11.49
CA PHE D 46 14.12 17.61 -10.11
C PHE D 46 12.58 17.64 -10.03
N LEU D 47 11.98 17.20 -11.13
CA LEU D 47 10.53 17.09 -11.26
C LEU D 47 10.35 15.59 -11.37
N LEU D 48 11.06 15.02 -12.34
CA LEU D 48 11.05 13.60 -12.64
C LEU D 48 11.31 12.73 -11.41
N ASP D 49 12.29 13.10 -10.61
CA ASP D 49 12.63 12.30 -9.44
C ASP D 49 12.62 13.05 -8.11
N THR D 50 12.53 14.37 -8.16
CA THR D 50 12.55 15.15 -6.93
C THR D 50 11.18 15.52 -6.39
N CYS D 51 10.13 15.35 -7.19
CA CYS D 51 8.81 15.72 -6.70
C CYS D 51 7.91 14.55 -6.38
N LYS D 52 7.52 14.46 -5.11
CA LYS D 52 6.64 13.39 -4.66
C LYS D 52 5.24 13.94 -4.52
N VAL D 53 4.35 13.38 -5.33
CA VAL D 53 2.97 13.80 -5.36
C VAL D 53 2.04 12.68 -4.93
N LEU D 54 1.16 12.99 -4.00
CA LEU D 54 0.19 12.02 -3.50
C LEU D 54 -1.17 12.37 -4.09
N VAL D 55 -1.83 11.38 -4.66
CA VAL D 55 -3.16 11.58 -5.25
C VAL D 55 -4.19 10.85 -4.41
N ILE D 56 -5.11 11.57 -3.80
CA ILE D 56 -6.13 10.93 -2.98
C ILE D 56 -7.37 10.63 -3.82
N GLY D 57 -7.69 9.35 -3.97
CA GLY D 57 -8.85 8.97 -4.77
C GLY D 57 -8.41 8.26 -6.05
N ALA D 58 -9.07 7.16 -6.38
CA ALA D 58 -8.74 6.43 -7.59
C ALA D 58 -9.99 6.18 -8.40
N GLY D 59 -11.01 6.99 -8.20
CA GLY D 59 -12.23 6.82 -8.95
C GLY D 59 -12.14 7.53 -10.30
N GLY D 60 -13.25 8.14 -10.72
CA GLY D 60 -13.28 8.85 -11.98
C GLY D 60 -12.27 9.96 -12.12
N LEU D 61 -12.29 10.91 -11.18
CA LEU D 61 -11.36 12.04 -11.20
C LEU D 61 -9.91 11.61 -10.91
N GLY D 62 -9.76 10.53 -10.15
CA GLY D 62 -8.44 10.03 -9.81
C GLY D 62 -7.67 9.50 -11.00
N CYS D 63 -8.29 8.63 -11.80
CA CYS D 63 -7.63 8.06 -12.97
C CYS D 63 -7.13 9.16 -13.90
N GLU D 64 -8.00 10.15 -14.12
CA GLU D 64 -7.73 11.27 -15.00
C GLU D 64 -6.54 12.09 -14.51
N LEU D 65 -6.44 12.29 -13.20
CA LEU D 65 -5.31 13.02 -12.64
C LEU D 65 -4.01 12.27 -12.87
N LEU D 66 -4.03 10.99 -12.51
CA LEU D 66 -2.85 10.15 -12.67
C LEU D 66 -2.35 10.20 -14.10
N LYS D 67 -3.24 9.96 -15.05
CA LYS D 67 -2.87 10.02 -16.45
C LYS D 67 -2.18 11.36 -16.69
N ASN D 68 -2.89 12.46 -16.39
CA ASN D 68 -2.33 13.77 -16.61
C ASN D 68 -0.96 14.01 -15.98
N LEU D 69 -0.75 13.57 -14.75
CA LEU D 69 0.56 13.77 -14.12
C LEU D 69 1.65 12.88 -14.74
N ALA D 70 1.28 11.67 -15.13
CA ALA D 70 2.26 10.76 -15.74
C ALA D 70 2.82 11.38 -17.00
N LEU D 71 1.94 11.80 -17.91
CA LEU D 71 2.36 12.40 -19.17
C LEU D 71 2.93 13.82 -19.00
N SER D 72 2.86 14.37 -17.78
CA SER D 72 3.40 15.70 -17.55
C SER D 72 4.84 15.58 -17.09
N GLY D 73 5.31 14.34 -16.97
CA GLY D 73 6.68 14.12 -16.56
C GLY D 73 6.89 13.63 -15.14
N PHE D 74 5.87 13.64 -14.30
CA PHE D 74 6.05 13.16 -12.93
C PHE D 74 6.24 11.67 -12.95
N ARG D 75 7.21 11.18 -12.17
CA ARG D 75 7.49 9.74 -12.11
C ARG D 75 7.11 9.13 -10.78
N GLN D 76 7.32 9.88 -9.70
CA GLN D 76 7.00 9.36 -8.38
C GLN D 76 5.66 9.84 -7.86
N ILE D 77 4.63 9.07 -8.20
CA ILE D 77 3.26 9.38 -7.80
C ILE D 77 2.64 8.22 -7.04
N HIS D 78 2.00 8.54 -5.91
CA HIS D 78 1.33 7.54 -5.10
C HIS D 78 -0.19 7.78 -5.15
N VAL D 79 -0.97 6.71 -5.03
CA VAL D 79 -2.42 6.80 -5.08
C VAL D 79 -3.03 6.09 -3.87
N ILE D 80 -4.01 6.71 -3.21
CA ILE D 80 -4.69 6.08 -2.10
C ILE D 80 -6.17 5.94 -2.42
N ASP D 81 -6.73 4.78 -2.15
CA ASP D 81 -8.15 4.54 -2.40
C ASP D 81 -8.52 3.22 -1.71
N MET D 82 -9.65 3.22 -1.01
CA MET D 82 -10.08 2.03 -0.30
C MET D 82 -11.11 1.21 -1.07
N ASP D 83 -11.54 1.69 -2.23
CA ASP D 83 -12.55 1.00 -3.00
C ASP D 83 -12.10 -0.09 -3.97
N THR D 84 -13.06 -0.92 -4.35
CA THR D 84 -12.84 -2.00 -5.29
C THR D 84 -13.54 -1.60 -6.58
N ILE D 85 -13.21 -2.23 -7.70
CA ILE D 85 -13.83 -1.85 -8.97
C ILE D 85 -15.25 -2.41 -9.15
N ASP D 86 -16.12 -1.56 -9.68
CA ASP D 86 -17.51 -1.90 -9.94
C ASP D 86 -17.94 -1.36 -11.31
N VAL D 87 -19.11 -1.81 -11.78
CA VAL D 87 -19.65 -1.41 -13.08
C VAL D 87 -19.98 0.07 -13.17
N SER D 88 -20.58 0.63 -12.11
CA SER D 88 -20.93 2.05 -12.09
C SER D 88 -19.70 2.96 -12.20
N ASN D 89 -18.53 2.34 -12.34
CA ASN D 89 -17.27 3.07 -12.46
C ASN D 89 -16.76 3.04 -13.90
N LEU D 90 -17.18 2.04 -14.66
CA LEU D 90 -16.76 1.86 -16.05
C LEU D 90 -17.24 2.92 -17.05
N ASN D 91 -18.14 3.80 -16.61
CA ASN D 91 -18.66 4.85 -17.50
C ASN D 91 -17.74 6.07 -17.54
N ARG D 92 -17.04 6.32 -16.44
CA ARG D 92 -16.14 7.47 -16.35
C ARG D 92 -14.66 7.11 -16.18
N GLN D 93 -14.38 6.04 -15.45
CA GLN D 93 -13.01 5.58 -15.22
C GLN D 93 -12.56 4.71 -16.40
N PHE D 94 -11.64 5.26 -17.19
CA PHE D 94 -11.11 4.62 -18.40
C PHE D 94 -9.94 3.66 -18.19
N LEU D 95 -9.52 3.47 -16.94
CA LEU D 95 -8.42 2.59 -16.63
C LEU D 95 -8.94 1.24 -16.14
N PHE D 96 -10.25 1.14 -15.95
CA PHE D 96 -10.87 -0.07 -15.45
C PHE D 96 -11.73 -0.80 -16.48
N ARG D 97 -11.42 -2.08 -16.69
CA ARG D 97 -12.14 -2.92 -17.64
C ARG D 97 -13.12 -3.81 -16.88
N PRO D 98 -13.83 -4.71 -17.59
CA PRO D 98 -14.79 -5.60 -16.94
C PRO D 98 -14.15 -6.68 -16.05
N LYS D 99 -13.00 -7.18 -16.47
CA LYS D 99 -12.29 -8.22 -15.73
C LYS D 99 -11.63 -7.71 -14.45
N ASP D 100 -11.33 -6.42 -14.41
CA ASP D 100 -10.69 -5.83 -13.24
C ASP D 100 -11.65 -5.77 -12.06
N ILE D 101 -12.95 -5.78 -12.34
CA ILE D 101 -13.98 -5.71 -11.31
C ILE D 101 -13.65 -6.57 -10.09
N GLY D 102 -13.87 -6.01 -8.91
CA GLY D 102 -13.58 -6.71 -7.66
C GLY D 102 -12.29 -6.22 -7.03
N ARG D 103 -11.23 -6.18 -7.83
CA ARG D 103 -9.90 -5.75 -7.39
C ARG D 103 -9.89 -4.29 -6.89
N PRO D 104 -8.81 -3.88 -6.21
CA PRO D 104 -8.65 -2.52 -5.67
C PRO D 104 -8.42 -1.51 -6.79
N LYS D 105 -9.09 -0.35 -6.71
CA LYS D 105 -8.95 0.68 -7.73
C LYS D 105 -7.54 1.19 -7.86
N ALA D 106 -6.89 1.44 -6.73
CA ALA D 106 -5.54 1.95 -6.75
C ALA D 106 -4.58 1.00 -7.48
N GLU D 107 -4.69 -0.29 -7.19
CA GLU D 107 -3.80 -1.27 -7.82
C GLU D 107 -3.95 -1.31 -9.33
N VAL D 108 -5.17 -1.54 -9.80
CA VAL D 108 -5.38 -1.59 -11.24
C VAL D 108 -4.88 -0.31 -11.89
N ALA D 109 -5.36 0.83 -11.38
CA ALA D 109 -4.96 2.12 -11.91
C ALA D 109 -3.45 2.20 -12.05
N ALA D 110 -2.73 1.84 -10.99
CA ALA D 110 -1.27 1.88 -11.01
C ALA D 110 -0.75 0.91 -12.06
N GLU D 111 -1.37 -0.26 -12.12
CA GLU D 111 -0.96 -1.31 -13.05
C GLU D 111 -1.11 -0.85 -14.50
N PHE D 112 -2.24 -0.24 -14.81
CA PHE D 112 -2.52 0.23 -16.15
C PHE D 112 -1.58 1.37 -16.57
N LEU D 113 -1.30 2.28 -15.64
CA LEU D 113 -0.43 3.41 -15.94
C LEU D 113 1.06 3.08 -16.08
N ASN D 114 1.61 2.32 -15.14
CA ASN D 114 3.02 1.97 -15.21
C ASN D 114 3.32 1.27 -16.53
N ASP D 115 2.30 0.62 -17.08
CA ASP D 115 2.43 -0.08 -18.35
C ASP D 115 2.40 0.90 -19.51
N ARG D 116 1.28 1.62 -19.62
CA ARG D 116 1.06 2.58 -20.68
C ARG D 116 2.12 3.66 -20.72
N VAL D 117 2.35 4.33 -19.60
CA VAL D 117 3.32 5.41 -19.57
C VAL D 117 4.73 4.98 -19.16
N PRO D 118 5.67 5.04 -20.12
CA PRO D 118 7.08 4.67 -19.94
C PRO D 118 7.69 5.07 -18.59
N ASN D 119 8.50 6.12 -18.60
CA ASN D 119 9.18 6.61 -17.40
C ASN D 119 8.25 7.08 -16.30
N CYS D 120 7.46 6.17 -15.76
CA CYS D 120 6.54 6.50 -14.69
C CYS D 120 6.52 5.36 -13.69
N ASN D 121 6.18 5.68 -12.46
CA ASN D 121 6.13 4.68 -11.41
C ASN D 121 5.08 5.04 -10.38
N VAL D 122 3.85 4.60 -10.59
CA VAL D 122 2.76 4.86 -9.65
C VAL D 122 2.75 3.81 -8.54
N VAL D 123 2.68 4.26 -7.29
CA VAL D 123 2.64 3.36 -6.13
C VAL D 123 1.25 3.34 -5.50
N PRO D 124 0.50 2.25 -5.70
CA PRO D 124 -0.85 2.15 -5.12
C PRO D 124 -0.82 1.96 -3.59
N HIS D 125 -1.93 2.26 -2.93
CA HIS D 125 -2.07 2.11 -1.49
C HIS D 125 -3.50 1.75 -1.15
N PHE D 126 -3.79 0.46 -1.00
CA PHE D 126 -5.13 0.01 -0.67
C PHE D 126 -5.40 0.32 0.82
N ASN D 127 -5.65 1.59 1.11
CA ASN D 127 -5.91 2.04 2.47
C ASN D 127 -6.89 3.20 2.44
N LYS D 128 -7.36 3.59 3.62
CA LYS D 128 -8.28 4.70 3.69
C LYS D 128 -7.43 5.87 4.17
N ILE D 129 -7.74 7.07 3.70
CA ILE D 129 -7.01 8.27 4.07
C ILE D 129 -6.64 8.38 5.57
N GLN D 130 -7.58 8.06 6.44
CA GLN D 130 -7.33 8.16 7.87
C GLN D 130 -6.44 7.05 8.47
N ASP D 131 -6.01 6.10 7.65
CA ASP D 131 -5.12 5.02 8.10
C ASP D 131 -3.69 5.52 8.33
N PHE D 132 -3.31 6.63 7.68
CA PHE D 132 -1.95 7.14 7.80
C PHE D 132 -1.80 8.29 8.76
N ASN D 133 -0.64 8.38 9.40
CA ASN D 133 -0.42 9.49 10.32
C ASN D 133 0.51 10.60 9.82
N ASP D 134 0.73 11.55 10.71
CA ASP D 134 1.57 12.72 10.50
C ASP D 134 2.93 12.40 9.88
N THR D 135 3.30 11.13 9.79
CA THR D 135 4.60 10.72 9.23
C THR D 135 4.60 10.37 7.75
N PHE D 136 3.50 9.81 7.28
CA PHE D 136 3.35 9.41 5.89
C PHE D 136 3.23 10.62 4.94
N TYR D 137 2.28 11.49 5.23
CA TYR D 137 2.03 12.67 4.41
C TYR D 137 3.21 13.64 4.28
N ARG D 138 4.04 13.71 5.31
CA ARG D 138 5.18 14.61 5.31
C ARG D 138 6.14 14.30 4.20
N GLN D 139 6.08 13.09 3.67
CA GLN D 139 6.99 12.71 2.60
C GLN D 139 6.66 13.30 1.23
N PHE D 140 5.50 13.91 1.10
CA PHE D 140 5.12 14.45 -0.19
C PHE D 140 5.32 15.96 -0.33
N HIS D 141 5.47 16.41 -1.57
CA HIS D 141 5.65 17.83 -1.90
C HIS D 141 4.31 18.44 -2.27
N ILE D 142 3.43 17.62 -2.81
CA ILE D 142 2.11 18.06 -3.21
C ILE D 142 1.08 16.97 -3.00
N ILE D 143 -0.11 17.35 -2.57
CA ILE D 143 -1.19 16.41 -2.37
C ILE D 143 -2.37 16.88 -3.21
N VAL D 144 -3.01 15.95 -3.93
CA VAL D 144 -4.15 16.28 -4.76
C VAL D 144 -5.33 15.41 -4.36
N CYS D 145 -6.41 16.02 -3.88
CA CYS D 145 -7.57 15.25 -3.50
C CYS D 145 -8.62 15.30 -4.60
N GLY D 146 -9.00 14.13 -5.11
CA GLY D 146 -10.00 14.10 -6.17
C GLY D 146 -11.11 13.11 -5.83
N LEU D 147 -11.31 12.87 -4.55
CA LEU D 147 -12.33 11.94 -4.07
C LEU D 147 -13.61 12.71 -3.71
N ASP D 148 -14.76 12.12 -4.02
CA ASP D 148 -16.06 12.75 -3.75
C ASP D 148 -16.60 12.53 -2.34
N SER D 149 -16.11 13.29 -1.38
CA SER D 149 -16.58 13.18 0.00
C SER D 149 -16.09 14.34 0.84
N ILE D 150 -17.03 15.08 1.43
CA ILE D 150 -16.67 16.21 2.25
C ILE D 150 -15.82 15.74 3.41
N ILE D 151 -16.13 14.57 3.94
CA ILE D 151 -15.38 14.02 5.06
C ILE D 151 -13.89 13.89 4.70
N ALA D 152 -13.62 13.34 3.54
CA ALA D 152 -12.25 13.17 3.06
C ALA D 152 -11.54 14.50 2.86
N ARG D 153 -12.17 15.42 2.15
CA ARG D 153 -11.57 16.74 1.90
C ARG D 153 -11.30 17.47 3.22
N ARG D 154 -12.24 17.37 4.16
CA ARG D 154 -12.06 18.03 5.44
C ARG D 154 -11.02 17.32 6.30
N TRP D 155 -10.91 16.01 6.15
CA TRP D 155 -9.93 15.27 6.94
C TRP D 155 -8.53 15.63 6.45
N ILE D 156 -8.30 15.50 5.14
CA ILE D 156 -6.98 15.81 4.59
C ILE D 156 -6.60 17.24 4.91
N ASN D 157 -7.57 18.14 4.78
CA ASN D 157 -7.35 19.56 5.06
C ASN D 157 -6.72 19.72 6.43
N GLY D 158 -7.31 19.05 7.43
CA GLY D 158 -6.82 19.11 8.79
C GLY D 158 -5.42 18.55 8.94
N MET D 159 -5.19 17.38 8.36
CA MET D 159 -3.88 16.75 8.42
C MET D 159 -2.79 17.70 7.96
N LEU D 160 -3.02 18.37 6.84
CA LEU D 160 -2.02 19.29 6.31
C LEU D 160 -1.83 20.55 7.14
N ILE D 161 -2.86 20.95 7.88
CA ILE D 161 -2.72 22.12 8.73
C ILE D 161 -1.85 21.61 9.88
N SER D 162 -2.15 20.39 10.31
CA SER D 162 -1.42 19.72 11.37
C SER D 162 0.09 19.70 11.10
N LEU D 163 0.48 19.61 9.84
CA LEU D 163 1.90 19.58 9.49
C LEU D 163 2.54 20.95 9.58
N LEU D 164 1.71 22.00 9.64
CA LEU D 164 2.21 23.36 9.72
C LEU D 164 3.14 23.54 10.92
N ASN D 165 4.18 24.34 10.74
CA ASN D 165 5.14 24.57 11.79
C ASN D 165 5.40 26.06 12.01
N TYR D 166 4.74 26.64 13.01
CA TYR D 166 4.93 28.06 13.32
C TYR D 166 6.09 28.24 14.29
N GLU D 167 6.83 29.33 14.13
CA GLU D 167 7.97 29.63 15.00
C GLU D 167 7.77 30.97 15.68
N ASP D 168 6.82 31.01 16.61
CA ASP D 168 6.51 32.22 17.36
C ASP D 168 5.94 33.28 16.40
N GLY D 169 4.84 32.94 15.74
CA GLY D 169 4.22 33.87 14.81
C GLY D 169 4.71 33.75 13.39
N VAL D 170 5.91 33.22 13.22
CA VAL D 170 6.48 33.06 11.90
C VAL D 170 6.26 31.65 11.36
N LEU D 171 5.36 31.52 10.39
CA LEU D 171 5.06 30.22 9.80
C LEU D 171 6.22 29.80 8.91
N ASP D 172 6.82 28.66 9.21
CA ASP D 172 7.93 28.16 8.41
C ASP D 172 7.39 27.80 7.04
N PRO D 173 7.89 28.46 5.99
CA PRO D 173 7.43 28.18 4.63
C PRO D 173 7.63 26.72 4.21
N SER D 174 8.78 26.14 4.54
CA SER D 174 9.05 24.75 4.17
C SER D 174 8.08 23.79 4.84
N SER D 175 7.28 24.31 5.77
CA SER D 175 6.30 23.51 6.49
C SER D 175 5.04 23.30 5.66
N ILE D 176 4.80 24.21 4.72
CA ILE D 176 3.62 24.20 3.86
C ILE D 176 3.57 23.13 2.77
N VAL D 177 2.56 22.26 2.82
CA VAL D 177 2.39 21.23 1.79
C VAL D 177 1.14 21.58 0.99
N PRO D 178 1.32 22.07 -0.24
CA PRO D 178 0.20 22.46 -1.11
C PRO D 178 -0.89 21.39 -1.30
N LEU D 179 -2.14 21.80 -1.13
CA LEU D 179 -3.28 20.91 -1.30
C LEU D 179 -4.14 21.35 -2.49
N ILE D 180 -4.29 20.47 -3.48
CA ILE D 180 -5.12 20.78 -4.63
C ILE D 180 -6.33 19.88 -4.59
N ASP D 181 -7.51 20.47 -4.66
CA ASP D 181 -8.75 19.69 -4.61
C ASP D 181 -9.66 19.98 -5.78
N GLY D 182 -10.20 18.93 -6.38
CA GLY D 182 -11.08 19.09 -7.51
C GLY D 182 -12.35 18.34 -7.25
N GLY D 183 -13.46 18.85 -7.76
CA GLY D 183 -14.75 18.20 -7.56
C GLY D 183 -15.58 18.23 -8.82
N THR D 184 -16.56 17.34 -8.89
CA THR D 184 -17.43 17.26 -10.04
C THR D 184 -18.83 16.85 -9.64
N GLU D 185 -19.80 17.53 -10.22
CA GLU D 185 -21.22 17.25 -9.97
C GLU D 185 -21.93 17.55 -11.27
N GLY D 186 -22.30 16.49 -12.00
CA GLY D 186 -22.98 16.69 -13.26
C GLY D 186 -22.05 17.43 -14.18
N PHE D 187 -22.51 18.50 -14.81
CA PHE D 187 -21.64 19.24 -15.72
C PHE D 187 -20.93 20.42 -15.09
N LYS D 188 -20.88 20.45 -13.76
CA LYS D 188 -20.22 21.52 -13.06
C LYS D 188 -19.01 20.93 -12.34
N GLY D 189 -18.00 21.76 -12.11
CA GLY D 189 -16.83 21.29 -11.42
C GLY D 189 -16.07 22.43 -10.76
N ASN D 190 -15.27 22.10 -9.78
CA ASN D 190 -14.48 23.12 -9.11
C ASN D 190 -13.09 22.55 -8.93
N ALA D 191 -12.13 23.43 -8.72
CA ALA D 191 -10.74 23.07 -8.54
C ALA D 191 -10.14 24.21 -7.74
N ARG D 192 -9.31 23.91 -6.77
CA ARG D 192 -8.74 24.98 -5.99
C ARG D 192 -7.39 24.64 -5.44
N VAL D 193 -6.59 25.68 -5.22
CA VAL D 193 -5.26 25.50 -4.66
C VAL D 193 -5.39 25.98 -3.21
N ILE D 194 -4.88 25.17 -2.29
CA ILE D 194 -4.93 25.52 -0.88
C ILE D 194 -3.52 25.49 -0.33
N LEU D 195 -3.08 26.61 0.21
CA LEU D 195 -1.75 26.68 0.80
C LEU D 195 -2.03 26.84 2.27
N PRO D 196 -2.03 25.73 3.02
CA PRO D 196 -2.29 25.68 4.46
C PRO D 196 -1.64 26.81 5.26
N GLY D 197 -2.44 27.46 6.10
CA GLY D 197 -1.96 28.55 6.93
C GLY D 197 -1.33 29.69 6.16
N MET D 198 -1.99 30.08 5.08
CA MET D 198 -1.51 31.15 4.23
C MET D 198 -2.66 31.51 3.31
N THR D 199 -3.38 30.47 2.89
CA THR D 199 -4.52 30.60 2.02
C THR D 199 -5.73 30.12 2.80
N ALA D 200 -6.92 30.34 2.26
CA ALA D 200 -8.12 29.86 2.93
C ALA D 200 -8.11 28.32 2.82
N CYS D 201 -8.33 27.65 3.94
CA CYS D 201 -8.35 26.20 3.94
C CYS D 201 -9.74 25.77 3.58
N ILE D 202 -9.98 24.46 3.62
CA ILE D 202 -11.29 23.92 3.27
C ILE D 202 -12.34 24.19 4.34
N GLU D 203 -11.90 24.28 5.59
CA GLU D 203 -12.81 24.53 6.69
C GLU D 203 -13.34 25.96 6.68
N CYS D 204 -12.45 26.93 6.48
CA CYS D 204 -12.87 28.33 6.47
C CYS D 204 -13.54 28.76 5.17
N THR D 205 -14.31 27.84 4.60
CA THR D 205 -15.05 28.05 3.36
C THR D 205 -16.13 26.98 3.32
N LEU D 206 -16.43 26.43 4.49
CA LEU D 206 -17.42 25.36 4.63
C LEU D 206 -18.77 25.70 3.99
N GLU D 207 -19.00 26.99 3.74
CA GLU D 207 -20.26 27.45 3.14
C GLU D 207 -20.39 27.02 1.67
N LEU D 208 -19.82 25.87 1.34
CA LEU D 208 -19.86 25.35 -0.02
C LEU D 208 -19.95 23.83 -0.09
N TYR D 209 -19.25 23.14 0.81
CA TYR D 209 -19.24 21.68 0.81
C TYR D 209 -20.36 21.00 1.61
N PRO D 210 -20.35 21.15 2.95
CA PRO D 210 -21.39 20.54 3.80
C PRO D 210 -22.82 20.57 3.29
N PRO D 211 -23.25 21.68 2.66
CA PRO D 211 -24.62 21.74 2.15
C PRO D 211 -25.01 20.43 1.45
N GLN D 212 -25.69 19.56 2.21
CA GLN D 212 -26.11 18.27 1.69
C GLN D 212 -27.62 18.10 1.86
N VAL D 213 -28.18 17.10 1.17
CA VAL D 213 -29.61 16.84 1.24
C VAL D 213 -29.94 16.07 2.52
N ASN D 214 -30.06 16.80 3.63
CA ASN D 214 -30.39 16.19 4.92
C ASN D 214 -31.88 15.88 4.92
N PHE D 215 -32.34 15.12 5.90
CA PHE D 215 -33.75 14.77 5.99
C PHE D 215 -34.29 14.79 7.41
N PRO D 216 -35.25 15.69 7.69
CA PRO D 216 -35.86 15.80 9.03
C PRO D 216 -36.40 14.47 9.51
N MET D 217 -36.56 14.33 10.82
CA MET D 217 -37.07 13.09 11.40
C MET D 217 -38.56 12.90 11.14
N CYS D 218 -39.29 14.01 11.04
CA CYS D 218 -40.73 13.97 10.81
C CYS D 218 -41.14 13.87 9.34
N THR D 219 -40.31 14.39 8.44
CA THR D 219 -40.61 14.34 7.01
C THR D 219 -40.59 12.90 6.51
N ILE D 220 -39.72 12.10 7.10
CA ILE D 220 -39.56 10.70 6.74
C ILE D 220 -40.45 9.82 7.61
N ALA D 221 -40.70 10.26 8.83
CA ALA D 221 -41.52 9.50 9.77
C ALA D 221 -43.02 9.52 9.48
N SER D 222 -43.56 10.68 9.09
CA SER D 222 -44.99 10.78 8.83
C SER D 222 -45.43 11.91 7.89
N MET D 223 -44.50 12.55 7.20
CA MET D 223 -44.86 13.64 6.30
C MET D 223 -44.24 13.54 4.90
N PRO D 224 -44.26 12.35 4.30
CA PRO D 224 -43.68 12.20 2.96
C PRO D 224 -44.43 12.98 1.88
N ARG D 225 -43.69 13.69 1.04
CA ARG D 225 -44.27 14.47 -0.06
C ARG D 225 -43.49 14.05 -1.30
N LEU D 226 -42.20 13.78 -1.07
CA LEU D 226 -41.26 13.38 -2.11
C LEU D 226 -40.96 11.89 -1.94
N PRO D 227 -40.88 11.15 -3.06
CA PRO D 227 -40.61 9.71 -3.02
C PRO D 227 -39.40 9.37 -2.14
N GLU D 228 -38.36 10.19 -2.21
CA GLU D 228 -37.14 9.98 -1.44
C GLU D 228 -37.37 9.96 0.08
N HIS D 229 -38.49 10.55 0.52
CA HIS D 229 -38.80 10.58 1.94
C HIS D 229 -39.20 9.18 2.40
N CYS D 230 -39.79 8.42 1.48
CA CYS D 230 -40.21 7.07 1.76
C CYS D 230 -39.00 6.16 1.82
N ILE D 231 -38.18 6.21 0.77
CA ILE D 231 -36.97 5.42 0.68
C ILE D 231 -36.09 5.64 1.91
N GLU D 232 -36.28 6.78 2.56
CA GLU D 232 -35.49 7.11 3.74
C GLU D 232 -36.09 6.58 5.05
N TYR D 233 -37.37 6.22 5.04
CA TYR D 233 -38.02 5.66 6.22
C TYR D 233 -37.67 4.18 6.26
N VAL D 234 -37.52 3.60 5.07
CA VAL D 234 -37.17 2.20 4.93
C VAL D 234 -35.69 2.02 5.24
N ARG D 235 -34.87 2.80 4.54
CA ARG D 235 -33.41 2.75 4.68
C ARG D 235 -32.89 3.13 6.06
N MET D 236 -33.73 3.68 6.92
CA MET D 236 -33.26 4.08 8.24
C MET D 236 -34.08 3.54 9.40
N LEU D 237 -35.33 3.99 9.48
CA LEU D 237 -36.23 3.60 10.56
C LEU D 237 -36.81 2.20 10.45
N GLN D 238 -36.97 1.69 9.23
CA GLN D 238 -37.56 0.36 9.05
C GLN D 238 -36.57 -0.80 9.09
N TRP D 239 -35.82 -0.98 8.01
CA TRP D 239 -34.85 -2.07 7.92
C TRP D 239 -34.25 -2.50 9.25
N PRO D 240 -33.67 -1.55 10.01
CA PRO D 240 -33.06 -1.91 11.30
C PRO D 240 -34.04 -2.64 12.24
N LYS D 241 -35.31 -2.25 12.18
CA LYS D 241 -36.36 -2.85 13.01
C LYS D 241 -36.92 -4.14 12.40
N GLU D 242 -36.56 -4.40 11.15
CA GLU D 242 -37.01 -5.61 10.44
C GLU D 242 -35.88 -6.64 10.39
N GLN D 243 -34.76 -6.23 9.80
CA GLN D 243 -33.58 -7.08 9.67
C GLN D 243 -33.83 -8.27 8.74
N PRO D 244 -34.57 -8.06 7.63
CA PRO D 244 -34.86 -9.15 6.70
C PRO D 244 -33.61 -9.71 6.02
N PHE D 245 -33.79 -10.84 5.34
CA PHE D 245 -32.72 -11.50 4.61
C PHE D 245 -31.36 -11.37 5.31
N GLY D 246 -31.34 -11.59 6.62
CA GLY D 246 -30.11 -11.50 7.37
C GLY D 246 -30.23 -10.74 8.68
N GLU D 247 -30.47 -11.46 9.76
CA GLU D 247 -30.60 -10.85 11.09
C GLU D 247 -29.27 -10.18 11.45
N GLY D 248 -29.34 -8.94 11.91
CA GLY D 248 -28.14 -8.23 12.28
C GLY D 248 -27.25 -8.00 11.06
N VAL D 249 -27.83 -8.16 9.88
CA VAL D 249 -27.11 -7.98 8.63
C VAL D 249 -27.60 -6.74 7.88
N PRO D 250 -27.17 -5.53 8.30
CA PRO D 250 -27.59 -4.30 7.64
C PRO D 250 -27.17 -4.25 6.17
N LEU D 251 -28.09 -4.61 5.29
CA LEU D 251 -27.86 -4.64 3.85
C LEU D 251 -26.99 -3.50 3.33
N ASP D 252 -26.22 -3.79 2.28
CA ASP D 252 -25.34 -2.80 1.68
C ASP D 252 -25.92 -2.40 0.32
N GLY D 253 -26.02 -1.09 0.09
CA GLY D 253 -26.58 -0.58 -1.15
C GLY D 253 -26.05 -1.20 -2.43
N ASP D 254 -24.82 -1.70 -2.39
CA ASP D 254 -24.22 -2.32 -3.57
C ASP D 254 -24.69 -3.75 -3.79
N ASP D 255 -25.63 -4.20 -2.96
CA ASP D 255 -26.16 -5.55 -3.08
C ASP D 255 -27.49 -5.46 -3.85
N PRO D 256 -27.44 -5.60 -5.18
CA PRO D 256 -28.59 -5.53 -6.08
C PRO D 256 -29.72 -6.52 -5.85
N GLU D 257 -29.49 -7.54 -5.01
CA GLU D 257 -30.54 -8.52 -4.77
C GLU D 257 -31.54 -8.04 -3.71
N HIS D 258 -31.03 -7.65 -2.55
CA HIS D 258 -31.88 -7.20 -1.45
C HIS D 258 -32.26 -5.73 -1.51
N ILE D 259 -31.78 -5.02 -2.54
CA ILE D 259 -32.07 -3.61 -2.68
C ILE D 259 -33.43 -3.40 -3.37
N GLN D 260 -33.78 -4.32 -4.25
CA GLN D 260 -35.06 -4.23 -4.97
C GLN D 260 -36.19 -4.34 -3.96
N TRP D 261 -35.86 -4.79 -2.75
CA TRP D 261 -36.87 -4.93 -1.70
C TRP D 261 -37.34 -3.55 -1.29
N ILE D 262 -36.41 -2.73 -0.82
CA ILE D 262 -36.73 -1.37 -0.40
C ILE D 262 -37.58 -0.71 -1.46
N PHE D 263 -37.27 -1.01 -2.71
CA PHE D 263 -38.02 -0.45 -3.83
C PHE D 263 -39.49 -0.83 -3.72
N GLN D 264 -39.75 -2.14 -3.73
CA GLN D 264 -41.11 -2.66 -3.62
C GLN D 264 -41.71 -2.34 -2.25
N LYS D 265 -40.84 -2.08 -1.27
CA LYS D 265 -41.27 -1.76 0.09
C LYS D 265 -41.51 -0.26 0.22
N SER D 266 -41.04 0.49 -0.77
CA SER D 266 -41.20 1.93 -0.80
C SER D 266 -42.18 2.32 -1.90
N LEU D 267 -42.36 1.41 -2.86
CA LEU D 267 -43.26 1.63 -3.97
C LEU D 267 -44.70 1.40 -3.54
N GLU D 268 -44.87 0.70 -2.43
CA GLU D 268 -46.19 0.41 -1.89
C GLU D 268 -46.65 1.56 -0.99
N ARG D 269 -45.72 2.07 -0.19
CA ARG D 269 -46.03 3.18 0.72
C ARG D 269 -46.37 4.43 -0.08
N ALA D 270 -45.72 4.59 -1.23
CA ALA D 270 -45.97 5.73 -2.09
C ALA D 270 -47.39 5.57 -2.65
N SER D 271 -47.87 4.33 -2.63
CA SER D 271 -49.22 4.03 -3.11
C SER D 271 -50.18 4.43 -1.99
N GLN D 272 -49.65 4.44 -0.77
CA GLN D 272 -50.42 4.82 0.42
C GLN D 272 -50.60 6.33 0.47
N TYR D 273 -49.58 7.06 0.05
CA TYR D 273 -49.61 8.52 0.07
C TYR D 273 -49.79 9.16 -1.31
N ASN D 274 -50.06 8.35 -2.33
CA ASN D 274 -50.24 8.84 -3.70
C ASN D 274 -49.01 9.57 -4.24
N ILE D 275 -47.88 9.38 -3.58
CA ILE D 275 -46.62 10.01 -3.99
C ILE D 275 -46.13 9.41 -5.31
N ARG D 276 -46.61 9.99 -6.41
CA ARG D 276 -46.24 9.53 -7.76
C ARG D 276 -44.75 9.29 -7.96
N GLY D 277 -44.43 8.69 -9.11
CA GLY D 277 -43.05 8.40 -9.47
C GLY D 277 -42.07 7.91 -8.41
N VAL D 278 -41.75 6.63 -8.47
CA VAL D 278 -40.81 5.99 -7.55
C VAL D 278 -40.26 4.78 -8.29
N THR D 279 -39.06 4.90 -8.85
CA THR D 279 -38.47 3.81 -9.61
C THR D 279 -37.27 3.16 -8.94
N TYR D 280 -36.71 2.16 -9.62
CA TYR D 280 -35.54 1.45 -9.14
C TYR D 280 -34.35 2.39 -9.16
N ARG D 281 -34.17 3.06 -10.29
CA ARG D 281 -33.07 4.00 -10.48
C ARG D 281 -32.98 4.96 -9.29
N LEU D 282 -34.13 5.37 -8.78
CA LEU D 282 -34.18 6.30 -7.65
C LEU D 282 -33.84 5.64 -6.32
N THR D 283 -34.17 4.36 -6.19
CA THR D 283 -33.90 3.62 -4.96
C THR D 283 -32.42 3.63 -4.56
N GLN D 284 -31.57 3.10 -5.44
CA GLN D 284 -30.13 3.04 -5.20
C GLN D 284 -29.48 4.42 -5.15
N GLY D 285 -30.15 5.42 -5.70
CA GLY D 285 -29.63 6.77 -5.71
C GLY D 285 -29.68 7.39 -4.32
N VAL D 286 -30.79 7.15 -3.62
CA VAL D 286 -30.95 7.69 -2.27
C VAL D 286 -30.22 6.83 -1.24
N VAL D 287 -30.10 5.54 -1.52
CA VAL D 287 -29.43 4.63 -0.61
C VAL D 287 -27.91 4.79 -0.73
N LYS D 288 -27.41 4.72 -1.97
CA LYS D 288 -25.98 4.88 -2.23
C LYS D 288 -25.59 6.35 -2.24
N ARG D 289 -26.59 7.23 -2.23
CA ARG D 289 -26.33 8.67 -2.27
C ARG D 289 -25.58 8.98 -3.55
N ILE D 290 -25.92 8.24 -4.61
CA ILE D 290 -25.30 8.40 -5.91
C ILE D 290 -25.29 9.87 -6.34
N ILE D 291 -24.31 10.20 -7.17
CA ILE D 291 -24.17 11.56 -7.69
C ILE D 291 -23.81 11.46 -9.17
N PRO D 292 -24.61 12.10 -10.04
CA PRO D 292 -24.40 12.09 -11.49
C PRO D 292 -22.97 12.46 -11.84
N ALA D 293 -22.42 11.85 -12.88
CA ALA D 293 -21.05 12.14 -13.27
C ALA D 293 -20.66 11.57 -14.63
N VAL D 294 -19.92 12.36 -15.39
CA VAL D 294 -19.46 11.95 -16.70
C VAL D 294 -17.96 12.16 -16.84
N ALA D 295 -17.39 11.57 -17.88
CA ALA D 295 -15.97 11.66 -18.13
C ALA D 295 -15.50 13.08 -18.39
N SER D 296 -16.14 13.74 -19.36
CA SER D 296 -15.83 15.11 -19.77
C SER D 296 -15.58 16.08 -18.61
N THR D 297 -16.53 16.21 -17.70
CA THR D 297 -16.33 17.13 -16.59
C THR D 297 -15.08 16.70 -15.81
N ASN D 298 -15.01 15.43 -15.45
CA ASN D 298 -13.85 14.95 -14.73
C ASN D 298 -12.59 15.24 -15.53
N ALA D 299 -12.65 15.07 -16.84
CA ALA D 299 -11.48 15.35 -17.66
C ALA D 299 -11.07 16.83 -17.54
N VAL D 300 -12.06 17.71 -17.62
CA VAL D 300 -11.78 19.14 -17.52
C VAL D 300 -11.13 19.48 -16.18
N ILE D 301 -11.70 19.00 -15.07
CA ILE D 301 -11.12 19.30 -13.75
C ILE D 301 -9.78 18.62 -13.42
N ALA D 302 -9.53 17.40 -13.93
CA ALA D 302 -8.24 16.77 -13.66
C ALA D 302 -7.17 17.56 -14.40
N ALA D 303 -7.57 18.15 -15.53
CA ALA D 303 -6.62 18.93 -16.31
C ALA D 303 -6.28 20.22 -15.58
N VAL D 304 -7.30 20.91 -15.06
CA VAL D 304 -7.02 22.15 -14.34
C VAL D 304 -6.12 21.84 -13.16
N CYS D 305 -6.48 20.81 -12.38
CA CYS D 305 -5.72 20.39 -11.22
C CYS D 305 -4.28 19.99 -11.57
N ALA D 306 -4.11 19.19 -12.64
CA ALA D 306 -2.79 18.76 -13.05
C ALA D 306 -1.89 19.91 -13.42
N THR D 307 -2.44 20.86 -14.19
CA THR D 307 -1.70 22.04 -14.61
C THR D 307 -1.22 22.78 -13.37
N GLU D 308 -2.07 22.86 -12.35
CA GLU D 308 -1.71 23.55 -11.12
C GLU D 308 -0.62 22.80 -10.35
N VAL D 309 -0.70 21.47 -10.36
CA VAL D 309 0.32 20.69 -9.68
C VAL D 309 1.67 21.02 -10.35
N PHE D 310 1.66 21.02 -11.67
CA PHE D 310 2.86 21.32 -12.44
C PHE D 310 3.42 22.70 -12.16
N LYS D 311 2.55 23.71 -12.21
CA LYS D 311 3.01 25.07 -11.96
C LYS D 311 3.66 25.19 -10.58
N ILE D 312 3.17 24.42 -9.62
CA ILE D 312 3.70 24.45 -8.27
C ILE D 312 5.02 23.66 -8.11
N ALA D 313 5.21 22.63 -8.92
CA ALA D 313 6.44 21.84 -8.83
C ALA D 313 7.60 22.54 -9.52
N THR D 314 7.34 23.01 -10.74
CA THR D 314 8.37 23.69 -11.51
C THR D 314 8.51 25.14 -11.08
N SER D 315 7.55 25.60 -10.30
CA SER D 315 7.56 26.98 -9.85
C SER D 315 7.68 27.81 -11.11
N ALA D 316 6.93 27.40 -12.13
CA ALA D 316 6.91 28.04 -13.42
C ALA D 316 6.06 29.30 -13.42
N TYR D 317 4.77 29.13 -13.70
CA TYR D 317 3.85 30.24 -13.71
C TYR D 317 3.32 30.47 -12.31
N ILE D 318 2.37 31.39 -12.18
CA ILE D 318 1.79 31.70 -10.88
C ILE D 318 0.54 30.85 -10.63
N PRO D 319 0.46 30.23 -9.44
CA PRO D 319 -0.64 29.37 -9.00
C PRO D 319 -2.01 30.00 -9.08
N LEU D 320 -2.99 29.22 -9.50
CA LEU D 320 -4.38 29.67 -9.61
C LEU D 320 -4.69 30.36 -8.30
N ASN D 321 -5.51 31.41 -8.32
CA ASN D 321 -5.79 32.09 -7.06
C ASN D 321 -6.83 31.37 -6.24
N ASN D 322 -6.44 30.15 -5.88
CA ASN D 322 -7.16 29.21 -5.06
C ASN D 322 -8.58 28.76 -5.36
N TYR D 323 -9.21 29.23 -6.43
CA TYR D 323 -10.55 28.70 -6.68
C TYR D 323 -11.16 28.90 -8.06
N LEU D 324 -11.32 27.81 -8.79
CA LEU D 324 -11.89 27.87 -10.12
C LEU D 324 -13.18 27.09 -10.22
N VAL D 325 -14.14 27.65 -10.94
CA VAL D 325 -15.45 27.05 -11.13
C VAL D 325 -15.62 26.79 -12.61
N PHE D 326 -16.14 25.61 -12.96
CA PHE D 326 -16.34 25.26 -14.36
C PHE D 326 -17.79 24.88 -14.53
N ASN D 327 -18.41 25.37 -15.60
CA ASN D 327 -19.81 25.08 -15.84
C ASN D 327 -20.02 24.85 -17.31
N ASP D 328 -20.56 23.68 -17.64
CA ASP D 328 -20.78 23.25 -19.01
C ASP D 328 -22.23 23.22 -19.44
N VAL D 329 -23.14 23.48 -18.51
CA VAL D 329 -24.56 23.43 -18.79
C VAL D 329 -25.12 24.34 -19.89
N ASP D 330 -24.97 25.65 -19.75
CA ASP D 330 -25.48 26.61 -20.73
C ASP D 330 -24.28 27.29 -21.35
N GLY D 331 -23.81 26.79 -22.49
CA GLY D 331 -22.64 27.36 -23.13
C GLY D 331 -21.44 26.78 -22.40
N LEU D 332 -20.36 27.55 -22.32
CA LEU D 332 -19.17 27.06 -21.64
C LEU D 332 -18.40 28.16 -20.95
N TYR D 333 -18.08 27.96 -19.68
CA TYR D 333 -17.30 28.96 -18.98
C TYR D 333 -16.60 28.49 -17.72
N THR D 334 -15.60 29.27 -17.32
CA THR D 334 -14.84 29.02 -16.10
C THR D 334 -14.62 30.42 -15.54
N TYR D 335 -14.56 30.53 -14.22
CA TYR D 335 -14.29 31.81 -13.58
C TYR D 335 -13.56 31.53 -12.29
N THR D 336 -12.67 32.44 -11.92
CA THR D 336 -11.87 32.29 -10.72
C THR D 336 -12.12 33.38 -9.69
N PHE D 337 -11.92 33.03 -8.43
CA PHE D 337 -12.10 33.97 -7.35
C PHE D 337 -11.16 33.58 -6.20
N GLU D 338 -10.80 34.54 -5.37
CA GLU D 338 -9.91 34.28 -4.25
C GLU D 338 -10.69 34.06 -2.96
N ALA D 339 -10.76 32.82 -2.51
CA ALA D 339 -11.48 32.53 -1.27
C ALA D 339 -10.78 33.30 -0.17
N GLU D 340 -11.56 33.97 0.68
CA GLU D 340 -11.00 34.75 1.76
C GLU D 340 -10.67 33.85 2.94
N ARG D 341 -9.45 33.97 3.45
CA ARG D 341 -9.02 33.15 4.58
C ARG D 341 -9.79 33.53 5.83
N LYS D 342 -11.09 33.26 5.79
CA LYS D 342 -12.02 33.52 6.88
C LYS D 342 -11.38 33.30 8.25
N GLU D 343 -10.81 34.36 8.81
CA GLU D 343 -10.16 34.30 10.12
C GLU D 343 -11.10 33.69 11.15
N ASN D 344 -10.52 33.23 12.25
CA ASN D 344 -11.30 32.62 13.32
C ASN D 344 -11.81 31.27 12.84
N CYS D 345 -11.08 30.68 11.90
CA CYS D 345 -11.44 29.39 11.33
C CYS D 345 -11.18 28.27 12.35
N PRO D 346 -12.17 27.39 12.55
CA PRO D 346 -12.03 26.28 13.50
C PRO D 346 -11.04 25.25 12.98
N ALA D 347 -9.94 25.72 12.39
CA ALA D 347 -8.94 24.83 11.84
C ALA D 347 -7.59 25.49 11.55
N CYS D 348 -7.53 26.30 10.50
CA CYS D 348 -6.26 26.94 10.13
C CYS D 348 -5.85 28.16 10.93
N SER D 349 -6.57 28.45 12.02
CA SER D 349 -6.22 29.60 12.86
C SER D 349 -5.49 29.11 14.11
N GLN D 350 -4.22 29.47 14.24
CA GLN D 350 -3.44 29.03 15.39
C GLN D 350 -3.76 29.80 16.65
N LEU D 351 -5.02 30.24 16.76
CA LEU D 351 -5.49 30.98 17.93
C LEU D 351 -6.83 30.41 18.40
N PRO D 352 -6.81 29.66 19.52
CA PRO D 352 -8.01 29.03 20.09
C PRO D 352 -9.26 29.90 19.98
N GLN D 353 -10.42 29.24 19.88
CA GLN D 353 -11.67 29.95 19.77
C GLN D 353 -12.34 30.15 21.13
N ASN D 354 -13.12 31.21 21.24
CA ASN D 354 -13.84 31.53 22.46
C ASN D 354 -15.33 31.39 22.19
N ILE D 355 -15.95 30.35 22.73
CA ILE D 355 -17.38 30.16 22.50
C ILE D 355 -18.16 29.97 23.79
N GLN D 356 -19.40 30.46 23.77
CA GLN D 356 -20.30 30.38 24.92
C GLN D 356 -19.89 31.36 26.02
N LEU D 363 -23.65 20.55 28.74
CA LEU D 363 -22.84 19.90 27.71
C LEU D 363 -23.70 19.36 26.58
N GLN D 364 -24.88 18.83 26.93
CA GLN D 364 -25.78 18.28 25.92
C GLN D 364 -26.22 19.38 24.97
N GLU D 365 -25.98 20.62 25.36
CA GLU D 365 -26.33 21.77 24.53
C GLU D 365 -25.09 22.26 23.80
N VAL D 366 -23.93 21.93 24.34
CA VAL D 366 -22.66 22.32 23.74
C VAL D 366 -22.38 21.42 22.53
N LEU D 367 -22.56 20.11 22.70
CA LEU D 367 -22.36 19.16 21.62
C LEU D 367 -23.43 19.44 20.58
N ASP D 368 -24.55 19.99 21.04
CA ASP D 368 -25.67 20.35 20.18
C ASP D 368 -25.20 21.46 19.24
N TYR D 369 -24.28 22.28 19.74
CA TYR D 369 -23.73 23.40 18.99
C TYR D 369 -22.75 22.93 17.91
N LEU D 370 -21.71 22.24 18.35
CA LEU D 370 -20.67 21.73 17.46
C LEU D 370 -21.22 20.75 16.42
N THR D 371 -22.47 20.34 16.59
CA THR D 371 -23.10 19.38 15.67
C THR D 371 -24.09 20.03 14.72
N ASN D 372 -24.54 21.23 15.04
CA ASN D 372 -25.52 21.92 14.20
C ASN D 372 -25.14 23.34 13.80
N SER D 373 -23.90 23.72 14.05
CA SER D 373 -23.45 25.06 13.69
C SER D 373 -23.37 25.17 12.17
N ALA D 374 -22.51 26.04 11.68
CA ALA D 374 -22.33 26.23 10.23
C ALA D 374 -20.90 26.62 9.93
N SER D 375 -20.07 26.67 10.96
CA SER D 375 -18.66 27.00 10.81
C SER D 375 -17.80 25.86 11.31
N LEU D 376 -18.45 24.86 11.89
CA LEU D 376 -17.79 23.66 12.41
C LEU D 376 -18.45 22.40 11.85
N GLN D 377 -19.78 22.36 11.94
CA GLN D 377 -20.58 21.26 11.43
C GLN D 377 -20.01 19.87 11.66
N MET D 378 -19.45 19.66 12.85
CA MET D 378 -18.86 18.39 13.23
C MET D 378 -19.90 17.25 13.24
N LYS D 379 -19.51 16.10 13.80
CA LYS D 379 -20.37 14.93 13.93
C LYS D 379 -20.35 14.42 15.36
N SER D 380 -19.56 13.37 15.61
CA SER D 380 -19.46 12.81 16.96
C SER D 380 -18.22 13.36 17.68
N PRO D 381 -18.40 14.40 18.51
CA PRO D 381 -17.33 15.05 19.28
C PRO D 381 -16.47 14.13 20.14
N ALA D 382 -15.45 14.73 20.76
CA ALA D 382 -14.53 14.02 21.64
C ALA D 382 -14.04 15.01 22.69
N ILE D 383 -15.01 15.64 23.35
CA ILE D 383 -14.75 16.64 24.38
C ILE D 383 -13.99 16.08 25.58
N THR D 384 -13.01 16.86 26.06
CA THR D 384 -12.20 16.44 27.21
C THR D 384 -11.75 17.64 28.03
N ASN D 391 -7.15 14.66 30.62
CA ASN D 391 -7.47 13.25 30.80
C ASN D 391 -8.97 13.10 31.10
N ARG D 392 -9.72 14.14 30.75
CA ARG D 392 -11.15 14.17 30.97
C ARG D 392 -11.91 13.34 29.93
N THR D 393 -13.16 13.76 29.69
CA THR D 393 -14.00 13.09 28.68
C THR D 393 -15.48 13.28 29.05
N LEU D 394 -15.88 14.53 29.29
CA LEU D 394 -17.25 14.82 29.69
C LEU D 394 -18.35 14.35 28.74
N TYR D 395 -18.01 14.12 27.47
CA TYR D 395 -19.02 13.66 26.52
C TYR D 395 -18.45 12.86 25.34
N LEU D 396 -17.75 11.76 25.65
CA LEU D 396 -17.13 10.95 24.61
C LEU D 396 -18.06 9.90 24.01
N GLN D 397 -17.78 9.56 22.75
CA GLN D 397 -18.56 8.62 21.99
C GLN D 397 -17.74 8.33 20.73
N SER D 398 -17.75 7.10 20.28
CA SER D 398 -17.05 6.68 19.07
C SER D 398 -18.09 6.41 17.97
N THR D 400 -19.38 3.75 23.16
CA THR D 400 -20.61 3.18 23.69
C THR D 400 -20.55 3.20 25.19
N SER D 401 -19.47 2.65 25.73
CA SER D 401 -19.28 2.61 27.18
C SER D 401 -19.42 4.00 27.80
N ILE D 402 -18.63 4.94 27.28
CA ILE D 402 -18.60 6.32 27.78
C ILE D 402 -19.95 7.03 27.87
N GLU D 403 -20.72 7.06 26.79
CA GLU D 403 -22.02 7.73 26.77
C GLU D 403 -22.90 7.32 27.94
N VAL D 427 -11.61 19.80 21.43
CA VAL D 427 -12.58 18.94 20.73
C VAL D 427 -11.88 18.00 19.74
N ALA D 428 -12.63 17.03 19.23
CA ALA D 428 -12.12 16.07 18.27
C ALA D 428 -13.30 15.43 17.54
N ASP D 429 -13.26 15.44 16.21
CA ASP D 429 -14.34 14.86 15.43
C ASP D 429 -13.76 13.96 14.33
N VAL D 430 -14.65 13.27 13.63
CA VAL D 430 -14.30 12.35 12.56
C VAL D 430 -13.85 13.13 11.33
N THR D 431 -14.03 14.45 11.38
CA THR D 431 -13.68 15.32 10.26
C THR D 431 -12.25 15.88 10.35
N THR D 432 -11.48 15.46 11.35
CA THR D 432 -10.14 16.01 11.45
C THR D 432 -9.14 15.25 12.29
N PRO D 433 -7.93 15.05 11.76
CA PRO D 433 -6.88 14.35 12.46
C PRO D 433 -6.43 15.16 13.67
N GLN D 434 -6.41 16.49 13.51
CA GLN D 434 -5.96 17.37 14.58
C GLN D 434 -6.93 17.48 15.74
N THR D 435 -6.45 18.14 16.79
CA THR D 435 -7.28 18.33 17.96
C THR D 435 -7.67 19.81 18.01
N VAL D 436 -8.96 20.08 17.91
CA VAL D 436 -9.41 21.46 17.96
C VAL D 436 -9.18 21.87 19.42
N LEU D 437 -9.73 23.01 19.81
CA LEU D 437 -9.61 23.49 21.18
C LEU D 437 -10.45 24.75 21.36
N PHE D 438 -11.56 24.62 22.08
CA PHE D 438 -12.41 25.77 22.34
C PHE D 438 -12.18 26.27 23.77
ZN ZN E . 6.71 -4.00 29.41
ZN ZN F . -9.27 27.93 7.46
#